data_5ECF
#
_entry.id   5ECF
#
_cell.length_a   65.675
_cell.length_b   104.274
_cell.length_c   108.103
_cell.angle_alpha   90.000
_cell.angle_beta   97.440
_cell.angle_gamma   90.000
#
_symmetry.space_group_name_H-M   'P 1 21 1'
#
loop_
_entity.id
_entity.type
_entity.pdbx_description
1 polymer 'Cell wall antigen'
2 non-polymer 'ARACHIDONIC ACID'
3 water water
#
_entity_poly.entity_id   1
_entity_poly.type   'polypeptide(L)'
_entity_poly.pdbx_seq_one_letter_code
;RDVNVFKKVLENIGNAVTQFNNDILAYTGGDANHLIHDGDAIIKATENGLQELGPQPPLSLTEALALVGPVQGVNKLIMK
TVDHLIEKKGPLVGGGYGPQVKASLQKQAHAAVTLSELVSSKVPSPLAPISKQLSDQVAQALQKGIEAFSI
;
_entity_poly.pdbx_strand_id   A,B,C,D,E,F,G,H,I,J
#
# COMPACT_ATOMS: atom_id res chain seq x y z
N ARG A 1 -5.61 -34.85 15.01
CA ARG A 1 -6.00 -35.20 13.62
C ARG A 1 -4.91 -34.65 12.60
N ASP A 2 -5.26 -34.63 11.31
CA ASP A 2 -4.47 -34.00 10.30
C ASP A 2 -4.56 -32.54 10.50
N VAL A 3 -5.78 -32.10 10.65
CA VAL A 3 -6.04 -30.73 10.71
C VAL A 3 -5.15 -30.02 11.71
N ASN A 4 -4.41 -30.77 12.56
CA ASN A 4 -3.72 -30.13 13.65
C ASN A 4 -2.57 -29.28 13.22
N VAL A 5 -1.88 -29.68 12.16
CA VAL A 5 -0.78 -28.87 11.59
C VAL A 5 -1.33 -27.54 11.10
N PHE A 6 -2.51 -27.60 10.52
CA PHE A 6 -3.17 -26.42 10.01
C PHE A 6 -3.61 -25.49 11.13
N LYS A 7 -4.11 -26.09 12.20
CA LYS A 7 -4.50 -25.33 13.41
C LYS A 7 -3.32 -24.55 13.99
N LYS A 8 -2.15 -25.15 13.97
CA LYS A 8 -1.01 -24.61 14.68
C LYS A 8 -0.42 -23.49 13.93
N VAL A 9 -0.34 -23.65 12.62
CA VAL A 9 0.14 -22.58 11.75
C VAL A 9 -0.76 -21.36 11.92
N LEU A 10 -2.04 -21.60 11.96
CA LEU A 10 -3.02 -20.54 12.16
C LEU A 10 -2.88 -19.82 13.53
N GLU A 11 -2.73 -20.61 14.58
CA GLU A 11 -2.42 -20.08 15.91
C GLU A 11 -1.13 -19.26 15.91
N ASN A 12 -0.09 -19.83 15.32
CA ASN A 12 1.20 -19.13 15.24
C ASN A 12 1.03 -17.77 14.64
N ILE A 13 0.35 -17.73 13.52
CA ILE A 13 0.20 -16.50 12.76
C ILE A 13 -0.69 -15.53 13.53
N GLY A 14 -1.76 -16.06 14.12
CA GLY A 14 -2.64 -15.27 14.96
C GLY A 14 -1.92 -14.60 16.13
N ASN A 15 -1.08 -15.36 16.80
CA ASN A 15 -0.32 -14.85 17.95
C ASN A 15 0.58 -13.72 17.57
N ALA A 16 1.29 -13.89 16.46
CA ALA A 16 2.16 -12.84 15.93
C ALA A 16 1.37 -11.57 15.58
N VAL A 17 0.20 -11.75 14.97
CA VAL A 17 -0.65 -10.61 14.61
C VAL A 17 -1.20 -9.92 15.87
N THR A 18 -1.60 -10.72 16.86
CA THR A 18 -2.10 -10.19 18.13
C THR A 18 -1.05 -9.33 18.79
N GLN A 19 0.17 -9.81 18.77
CA GLN A 19 1.31 -9.08 19.38
C GLN A 19 1.46 -7.74 18.73
N PHE A 20 1.39 -7.75 17.41
CA PHE A 20 1.55 -6.53 16.61
C PHE A 20 0.42 -5.54 16.89
N ASN A 21 -0.78 -6.04 16.96
CA ASN A 21 -1.95 -5.25 17.28
C ASN A 21 -1.85 -4.56 18.66
N ASN A 22 -1.46 -5.33 19.66
CA ASN A 22 -1.29 -4.80 21.01
C ASN A 22 -0.28 -3.67 21.05
N ASP A 23 0.82 -3.83 20.32
CA ASP A 23 1.87 -2.80 20.25
C ASP A 23 1.44 -1.57 19.47
N ILE A 24 0.71 -1.78 18.39
CA ILE A 24 0.18 -0.63 17.61
C ILE A 24 -0.83 0.18 18.43
N LEU A 25 -1.63 -0.50 19.20
CA LEU A 25 -2.63 0.16 20.03
C LEU A 25 -1.95 0.97 21.12
N ALA A 26 -0.85 0.45 21.64
CA ALA A 26 -0.10 1.10 22.74
C ALA A 26 0.72 2.28 22.22
N TYR A 27 1.02 2.26 20.92
CA TYR A 27 1.96 3.20 20.30
C TYR A 27 1.32 4.56 20.11
N THR A 28 2.05 5.60 20.49
CA THR A 28 1.54 6.98 20.39
C THR A 28 2.53 7.92 19.70
N GLY A 29 3.65 7.36 19.27
CA GLY A 29 4.73 8.15 18.72
C GLY A 29 6.06 7.70 19.26
N GLY A 30 7.13 8.15 18.63
CA GLY A 30 8.48 7.76 19.03
C GLY A 30 8.99 6.52 18.35
N ASP A 31 9.88 5.81 19.02
CA ASP A 31 10.59 4.69 18.44
C ASP A 31 9.61 3.53 18.08
N ALA A 32 9.66 3.10 16.82
CA ALA A 32 8.72 2.09 16.29
C ALA A 32 9.44 0.83 15.80
N ASN A 33 10.72 0.73 16.12
CA ASN A 33 11.49 -0.42 15.69
C ASN A 33 10.93 -1.78 16.18
N HIS A 34 10.28 -1.78 17.34
CA HIS A 34 9.60 -2.98 17.86
C HIS A 34 8.37 -3.38 17.04
N LEU A 35 7.77 -2.41 16.38
CA LEU A 35 6.67 -2.66 15.44
C LEU A 35 7.14 -3.27 14.15
N ILE A 36 8.29 -2.81 13.65
CA ILE A 36 8.90 -3.43 12.45
C ILE A 36 9.33 -4.84 12.77
N HIS A 37 9.81 -5.05 13.99
CA HIS A 37 10.19 -6.42 14.44
C HIS A 37 8.97 -7.33 14.63
N ASP A 38 7.88 -6.73 15.11
CA ASP A 38 6.59 -7.40 15.14
C ASP A 38 6.14 -7.83 13.74
N GLY A 39 6.26 -6.93 12.78
CA GLY A 39 5.96 -7.24 11.39
C GLY A 39 6.78 -8.40 10.87
N ASP A 40 8.06 -8.41 11.22
CA ASP A 40 8.95 -9.48 10.77
C ASP A 40 8.55 -10.81 11.36
N ALA A 41 8.09 -10.79 12.60
CA ALA A 41 7.64 -12.02 13.28
C ALA A 41 6.41 -12.61 12.58
N ILE A 42 5.56 -11.74 12.06
CA ILE A 42 4.40 -12.17 11.29
C ILE A 42 4.83 -12.81 9.96
N ILE A 43 5.72 -12.14 9.24
CA ILE A 43 6.26 -12.64 7.98
C ILE A 43 6.95 -14.00 8.17
N LYS A 44 7.69 -14.11 9.24
CA LYS A 44 8.36 -15.35 9.57
C LYS A 44 7.38 -16.48 9.85
N ALA A 45 6.32 -16.17 10.60
CA ALA A 45 5.28 -17.15 10.90
C ALA A 45 4.54 -17.59 9.63
N THR A 46 4.37 -16.65 8.72
CA THR A 46 3.71 -16.92 7.44
C THR A 46 4.58 -17.84 6.54
N GLU A 47 5.88 -17.56 6.53
CA GLU A 47 6.84 -18.36 5.75
C GLU A 47 7.01 -19.73 6.33
N ASN A 48 7.08 -19.82 7.65
CA ASN A 48 7.08 -21.11 8.33
C ASN A 48 5.83 -21.94 7.97
N GLY A 49 4.70 -21.27 7.84
CA GLY A 49 3.47 -21.94 7.48
C GLY A 49 3.55 -22.55 6.12
N LEU A 50 4.18 -21.84 5.19
CA LEU A 50 4.41 -22.34 3.83
C LEU A 50 5.15 -23.65 3.82
N GLN A 51 6.15 -23.74 4.66
CA GLN A 51 7.00 -24.94 4.72
C GLN A 51 6.27 -26.11 5.39
N GLU A 52 5.49 -25.83 6.43
CA GLU A 52 4.83 -26.88 7.22
C GLU A 52 3.62 -27.43 6.52
N LEU A 53 2.97 -26.61 5.74
CA LEU A 53 1.72 -27.00 5.07
C LEU A 53 1.97 -27.51 3.66
N GLY A 54 3.05 -27.06 3.06
CA GLY A 54 3.44 -27.49 1.70
C GLY A 54 3.25 -28.98 1.42
N PRO A 55 3.94 -29.85 2.17
CA PRO A 55 3.86 -31.27 1.92
C PRO A 55 2.57 -31.96 2.41
N GLN A 56 1.65 -31.20 2.98
CA GLN A 56 0.48 -31.77 3.63
C GLN A 56 -0.52 -32.27 2.58
N PRO A 57 -1.19 -33.39 2.86
CA PRO A 57 -2.26 -33.86 2.00
C PRO A 57 -3.51 -32.97 2.12
N PRO A 58 -4.29 -32.88 1.03
CA PRO A 58 -5.46 -32.02 1.09
C PRO A 58 -6.40 -32.45 2.17
N LEU A 59 -7.18 -31.49 2.68
CA LEU A 59 -8.13 -31.75 3.75
C LEU A 59 -9.39 -32.39 3.20
N SER A 60 -10.05 -33.14 4.03
CA SER A 60 -11.39 -33.56 3.77
C SER A 60 -12.32 -32.35 3.93
N LEU A 61 -13.46 -32.42 3.28
CA LEU A 61 -14.54 -31.49 3.51
C LEU A 61 -14.79 -31.15 5.01
N THR A 62 -14.98 -32.17 5.84
CA THR A 62 -15.36 -31.94 7.24
C THR A 62 -14.16 -31.42 8.08
N GLU A 63 -12.96 -31.76 7.64
CA GLU A 63 -11.72 -31.21 8.24
C GLU A 63 -11.57 -29.71 7.98
N ALA A 64 -11.75 -29.32 6.73
CA ALA A 64 -11.64 -27.93 6.34
C ALA A 64 -12.74 -27.08 6.99
N LEU A 65 -13.94 -27.62 7.05
CA LEU A 65 -15.07 -26.89 7.65
C LEU A 65 -14.76 -26.53 9.07
N ALA A 66 -14.05 -27.42 9.74
CA ALA A 66 -13.73 -27.23 11.17
C ALA A 66 -12.73 -26.09 11.38
N LEU A 67 -12.11 -25.67 10.28
CA LEU A 67 -11.13 -24.58 10.31
C LEU A 67 -11.66 -23.23 9.80
N VAL A 68 -12.83 -23.25 9.19
CA VAL A 68 -13.44 -22.03 8.65
C VAL A 68 -13.61 -20.95 9.75
N GLY A 69 -14.25 -21.33 10.86
CA GLY A 69 -14.46 -20.42 11.96
C GLY A 69 -13.18 -19.81 12.45
N PRO A 70 -12.19 -20.64 12.77
CA PRO A 70 -10.92 -20.11 13.25
C PRO A 70 -10.22 -19.17 12.30
N VAL A 71 -10.28 -19.49 11.01
CA VAL A 71 -9.66 -18.62 10.00
C VAL A 71 -10.36 -17.29 9.92
N GLN A 72 -11.68 -17.32 9.92
CA GLN A 72 -12.46 -16.10 9.96
C GLN A 72 -12.10 -15.22 11.16
N GLY A 73 -11.83 -15.85 12.30
CA GLY A 73 -11.46 -15.13 13.49
C GLY A 73 -10.15 -14.38 13.33
N VAL A 74 -9.17 -15.05 12.76
CA VAL A 74 -7.86 -14.44 12.52
C VAL A 74 -7.98 -13.34 11.43
N ASN A 75 -8.88 -13.56 10.48
CA ASN A 75 -9.13 -12.62 9.40
C ASN A 75 -9.79 -11.36 9.84
N LYS A 76 -10.57 -11.46 10.89
CA LYS A 76 -11.14 -10.30 11.57
C LYS A 76 -10.10 -9.54 12.34
N LEU A 77 -9.20 -10.29 12.97
CA LEU A 77 -8.09 -9.72 13.70
C LEU A 77 -7.12 -8.94 12.76
N ILE A 78 -6.71 -9.58 11.67
CA ILE A 78 -5.87 -8.94 10.63
C ILE A 78 -6.49 -7.63 10.13
N MET A 79 -7.77 -7.65 9.85
CA MET A 79 -8.47 -6.45 9.38
C MET A 79 -8.42 -5.36 10.41
N LYS A 80 -8.68 -5.70 11.66
CA LYS A 80 -8.70 -4.70 12.72
C LYS A 80 -7.30 -4.16 12.94
N THR A 81 -6.31 -5.04 12.85
CA THR A 81 -4.93 -4.66 13.09
C THR A 81 -4.43 -3.66 12.05
N VAL A 82 -4.81 -3.87 10.81
CA VAL A 82 -4.41 -2.99 9.73
C VAL A 82 -5.06 -1.63 9.92
N ASP A 83 -6.34 -1.63 10.23
CA ASP A 83 -7.06 -0.40 10.56
C ASP A 83 -6.37 0.39 11.68
N HIS A 84 -5.99 -0.30 12.75
CA HIS A 84 -5.28 0.34 13.85
C HIS A 84 -3.98 0.97 13.38
N LEU A 85 -3.27 0.25 12.52
CA LEU A 85 -2.00 0.72 11.96
C LEU A 85 -2.22 1.99 11.14
N ILE A 86 -3.24 1.97 10.29
CA ILE A 86 -3.62 3.14 9.49
C ILE A 86 -3.99 4.33 10.39
N GLU A 87 -4.60 4.04 11.54
CA GLU A 87 -4.96 5.07 12.50
C GLU A 87 -3.73 5.70 13.17
N LYS A 88 -2.60 5.01 13.13
CA LYS A 88 -1.38 5.55 13.68
C LYS A 88 -0.44 6.08 12.61
N LYS A 89 -0.99 6.38 11.45
CA LYS A 89 -0.20 6.87 10.34
C LYS A 89 0.60 8.14 10.72
N GLY A 90 -0.11 9.13 11.29
CA GLY A 90 0.50 10.39 11.66
C GLY A 90 1.81 10.25 12.41
N PRO A 91 1.75 9.64 13.61
CA PRO A 91 2.95 9.43 14.42
C PRO A 91 4.04 8.69 13.68
N LEU A 92 3.64 7.68 12.90
CA LEU A 92 4.61 6.79 12.27
C LEU A 92 5.34 7.52 11.17
N VAL A 93 4.62 8.29 10.39
CA VAL A 93 5.22 9.06 9.30
C VAL A 93 6.02 10.21 9.87
N GLY A 94 5.46 10.85 10.89
CA GLY A 94 6.20 11.83 11.70
C GLY A 94 7.54 11.34 12.24
N GLY A 95 7.61 10.07 12.65
CA GLY A 95 8.87 9.47 13.13
C GLY A 95 9.78 9.00 12.01
N GLY A 96 9.31 9.17 10.77
CA GLY A 96 10.08 8.75 9.58
C GLY A 96 9.98 7.25 9.26
N TYR A 97 8.92 6.60 9.72
CA TYR A 97 8.77 5.16 9.58
C TYR A 97 7.88 4.77 8.39
N GLY A 98 7.28 5.77 7.76
CA GLY A 98 6.40 5.55 6.60
C GLY A 98 6.94 4.52 5.61
N PRO A 99 8.12 4.81 5.03
CA PRO A 99 8.69 3.91 4.02
C PRO A 99 8.90 2.46 4.51
N GLN A 100 9.34 2.30 5.75
CA GLN A 100 9.54 0.94 6.33
C GLN A 100 8.23 0.19 6.52
N VAL A 101 7.20 0.90 6.94
CA VAL A 101 5.89 0.28 7.13
C VAL A 101 5.34 -0.15 5.78
N LYS A 102 5.37 0.76 4.82
CA LYS A 102 4.98 0.42 3.46
C LYS A 102 5.66 -0.84 2.98
N ALA A 103 6.97 -0.94 3.21
CA ALA A 103 7.74 -2.05 2.68
C ALA A 103 7.36 -3.31 3.40
N SER A 104 7.16 -3.21 4.70
CA SER A 104 6.86 -4.39 5.52
C SER A 104 5.49 -4.96 5.14
N LEU A 105 4.57 -4.06 4.84
CA LEU A 105 3.25 -4.44 4.38
C LEU A 105 3.35 -5.12 3.02
N GLN A 106 4.16 -4.55 2.14
CA GLN A 106 4.32 -5.11 0.79
C GLN A 106 4.87 -6.50 0.86
N LYS A 107 5.78 -6.71 1.79
CA LYS A 107 6.36 -8.00 1.97
C LYS A 107 5.35 -8.97 2.55
N GLN A 108 4.55 -8.47 3.49
CA GLN A 108 3.49 -9.23 4.11
C GLN A 108 2.43 -9.64 3.10
N ALA A 109 2.10 -8.74 2.19
CA ALA A 109 1.06 -9.01 1.20
C ALA A 109 1.49 -10.16 0.32
N HIS A 110 2.78 -10.19 -0.01
CA HIS A 110 3.32 -11.20 -0.91
C HIS A 110 3.34 -12.53 -0.24
N ALA A 111 3.81 -12.56 0.99
CA ALA A 111 3.81 -13.81 1.77
C ALA A 111 2.36 -14.34 1.97
N ALA A 112 1.44 -13.44 2.26
CA ALA A 112 0.05 -13.81 2.54
C ALA A 112 -0.61 -14.39 1.30
N VAL A 113 -0.39 -13.75 0.17
CA VAL A 113 -1.03 -14.20 -1.05
C VAL A 113 -0.53 -15.61 -1.37
N THR A 114 0.78 -15.84 -1.19
CA THR A 114 1.37 -17.12 -1.54
C THR A 114 0.88 -18.19 -0.55
N LEU A 115 0.69 -17.82 0.72
CA LEU A 115 0.24 -18.78 1.71
C LEU A 115 -1.22 -19.14 1.51
N SER A 116 -2.01 -18.18 1.10
CA SER A 116 -3.43 -18.43 0.90
C SER A 116 -3.67 -19.28 -0.36
N GLU A 117 -2.77 -19.16 -1.32
CA GLU A 117 -2.85 -19.94 -2.53
C GLU A 117 -2.52 -21.38 -2.26
N LEU A 118 -1.46 -21.60 -1.49
CA LEU A 118 -1.11 -22.94 -1.06
C LEU A 118 -2.23 -23.57 -0.25
N VAL A 119 -2.76 -22.82 0.69
CA VAL A 119 -3.86 -23.30 1.52
C VAL A 119 -5.11 -23.65 0.68
N SER A 120 -5.45 -22.81 -0.29
CA SER A 120 -6.64 -23.06 -1.13
C SER A 120 -6.49 -24.36 -1.89
N SER A 121 -5.25 -24.71 -2.21
CA SER A 121 -4.95 -25.95 -2.92
C SER A 121 -5.19 -27.17 -2.05
N LYS A 122 -5.40 -26.96 -0.76
CA LYS A 122 -5.53 -28.05 0.17
C LYS A 122 -6.97 -28.23 0.60
N VAL A 123 -7.86 -27.33 0.18
CA VAL A 123 -9.27 -27.41 0.56
C VAL A 123 -10.11 -27.91 -0.61
N PRO A 124 -11.11 -28.74 -0.31
CA PRO A 124 -11.94 -29.30 -1.36
C PRO A 124 -12.69 -28.24 -2.14
N SER A 125 -12.95 -28.53 -3.41
CA SER A 125 -13.47 -27.54 -4.36
C SER A 125 -14.84 -26.92 -3.98
N PRO A 126 -15.71 -27.69 -3.27
CA PRO A 126 -16.99 -27.08 -2.86
C PRO A 126 -16.80 -25.86 -1.95
N LEU A 127 -15.65 -25.79 -1.28
CA LEU A 127 -15.34 -24.68 -0.42
C LEU A 127 -14.58 -23.53 -1.11
N ALA A 128 -14.22 -23.75 -2.37
CA ALA A 128 -13.37 -22.83 -3.09
C ALA A 128 -13.85 -21.37 -2.98
N PRO A 129 -15.18 -21.17 -3.02
CA PRO A 129 -15.65 -19.75 -2.96
C PRO A 129 -15.44 -19.14 -1.58
N ILE A 130 -15.44 -19.97 -0.56
CA ILE A 130 -15.20 -19.51 0.79
C ILE A 130 -13.71 -19.20 1.06
N SER A 131 -12.82 -20.05 0.56
CA SER A 131 -11.41 -19.73 0.56
C SER A 131 -11.11 -18.43 -0.14
N LYS A 132 -11.78 -18.21 -1.24
CA LYS A 132 -11.56 -17.04 -2.03
C LYS A 132 -11.99 -15.79 -1.30
N GLN A 133 -13.15 -15.84 -0.69
CA GLN A 133 -13.64 -14.75 0.11
C GLN A 133 -12.71 -14.44 1.27
N LEU A 134 -12.25 -15.48 1.93
CA LEU A 134 -11.36 -15.31 3.09
C LEU A 134 -10.04 -14.68 2.68
N SER A 135 -9.48 -15.20 1.60
CA SER A 135 -8.23 -14.76 1.09
C SER A 135 -8.30 -13.29 0.58
N ASP A 136 -9.44 -12.91 0.02
CA ASP A 136 -9.61 -11.55 -0.48
C ASP A 136 -9.64 -10.56 0.66
N GLN A 137 -10.22 -10.97 1.77
CA GLN A 137 -10.35 -10.14 2.95
C GLN A 137 -8.96 -9.65 3.38
N VAL A 138 -8.01 -10.58 3.44
CA VAL A 138 -6.67 -10.27 3.87
C VAL A 138 -5.95 -9.43 2.85
N ALA A 139 -6.06 -9.85 1.60
CA ALA A 139 -5.46 -9.13 0.49
C ALA A 139 -5.92 -7.71 0.43
N GLN A 140 -7.21 -7.49 0.60
CA GLN A 140 -7.76 -6.13 0.50
C GLN A 140 -7.30 -5.24 1.62
N ALA A 141 -7.19 -5.80 2.81
CA ALA A 141 -6.85 -5.05 4.00
C ALA A 141 -5.42 -4.58 3.93
N LEU A 142 -4.53 -5.48 3.56
CA LEU A 142 -3.12 -5.12 3.36
C LEU A 142 -2.93 -4.06 2.27
N GLN A 143 -3.58 -4.26 1.14
CA GLN A 143 -3.55 -3.29 0.07
C GLN A 143 -4.00 -1.93 0.59
N LYS A 144 -5.03 -1.93 1.40
CA LYS A 144 -5.56 -0.71 1.94
C LYS A 144 -4.47 -0.02 2.79
N GLY A 145 -3.68 -0.84 3.48
CA GLY A 145 -2.61 -0.35 4.34
C GLY A 145 -1.47 0.21 3.53
N ILE A 146 -1.21 -0.44 2.41
CA ILE A 146 -0.13 -0.04 1.51
C ILE A 146 -0.45 1.30 0.87
N GLU A 147 -1.69 1.48 0.44
CA GLU A 147 -2.11 2.76 -0.16
C GLU A 147 -2.04 3.88 0.85
N ALA A 148 -2.34 3.56 2.10
CA ALA A 148 -2.36 4.57 3.16
C ALA A 148 -0.97 5.05 3.53
N PHE A 149 0.03 4.18 3.35
CA PHE A 149 1.42 4.53 3.67
C PHE A 149 2.24 4.83 2.45
N SER A 150 1.57 5.36 1.43
CA SER A 150 2.18 5.60 0.20
C SER A 150 2.42 7.08 0.10
N ILE A 151 3.16 7.48 -0.95
CA ILE A 151 3.89 8.74 -1.01
C ILE A 151 4.51 9.16 0.33
N ASP B 2 -30.12 3.23 -27.69
CA ASP B 2 -29.64 3.63 -29.08
C ASP B 2 -28.16 3.26 -29.29
N VAL B 3 -27.89 2.11 -29.92
CA VAL B 3 -26.48 1.65 -29.99
C VAL B 3 -25.50 2.74 -30.49
N ASN B 4 -26.04 3.74 -31.18
CA ASN B 4 -25.20 4.70 -31.85
C ASN B 4 -24.57 5.71 -30.93
N VAL B 5 -25.30 6.10 -29.90
CA VAL B 5 -24.73 6.89 -28.83
C VAL B 5 -23.56 6.16 -28.17
N PHE B 6 -23.68 4.84 -28.05
CA PHE B 6 -22.60 4.04 -27.41
C PHE B 6 -21.39 4.00 -28.31
N LYS B 7 -21.65 3.89 -29.61
CA LYS B 7 -20.58 3.83 -30.62
C LYS B 7 -19.77 5.14 -30.65
N LYS B 8 -20.44 6.23 -30.40
CA LYS B 8 -19.85 7.56 -30.55
C LYS B 8 -19.02 7.94 -29.31
N VAL B 9 -19.51 7.55 -28.14
CA VAL B 9 -18.74 7.68 -26.91
C VAL B 9 -17.43 6.85 -27.00
N LEU B 10 -17.56 5.65 -27.51
CA LEU B 10 -16.40 4.77 -27.69
C LEU B 10 -15.36 5.31 -28.69
N GLU B 11 -15.85 5.84 -29.80
CA GLU B 11 -15.00 6.55 -30.76
C GLU B 11 -14.31 7.81 -30.17
N ASN B 12 -15.10 8.63 -29.50
CA ASN B 12 -14.57 9.75 -28.78
C ASN B 12 -13.43 9.40 -27.87
N ILE B 13 -13.64 8.40 -27.04
CA ILE B 13 -12.65 8.01 -26.08
C ILE B 13 -11.44 7.43 -26.79
N GLY B 14 -11.69 6.60 -27.81
CA GLY B 14 -10.62 5.99 -28.60
C GLY B 14 -9.73 7.01 -29.27
N ASN B 15 -10.35 8.05 -29.82
CA ASN B 15 -9.62 9.15 -30.48
C ASN B 15 -8.70 9.86 -29.52
N ALA B 16 -9.21 10.15 -28.34
CA ALA B 16 -8.44 10.82 -27.31
C ALA B 16 -7.23 9.98 -26.88
N VAL B 17 -7.46 8.68 -26.76
CA VAL B 17 -6.40 7.76 -26.33
C VAL B 17 -5.36 7.60 -27.44
N THR B 18 -5.83 7.54 -28.68
CA THR B 18 -4.95 7.49 -29.83
C THR B 18 -4.04 8.71 -29.88
N GLN B 19 -4.62 9.87 -29.68
CA GLN B 19 -3.86 11.13 -29.67
C GLN B 19 -2.76 11.10 -28.62
N PHE B 20 -3.10 10.63 -27.44
CA PHE B 20 -2.16 10.50 -26.36
C PHE B 20 -1.04 9.54 -26.70
N ASN B 21 -1.40 8.41 -27.26
CA ASN B 21 -0.44 7.39 -27.66
C ASN B 21 0.56 7.88 -28.69
N ASN B 22 0.06 8.60 -29.68
CA ASN B 22 0.92 9.19 -30.72
C ASN B 22 1.92 10.17 -30.12
N ASP B 23 1.47 10.98 -29.19
CA ASP B 23 2.35 11.96 -28.51
C ASP B 23 3.37 11.30 -27.57
N ILE B 24 2.95 10.27 -26.83
CA ILE B 24 3.87 9.52 -25.97
C ILE B 24 4.97 8.84 -26.79
N LEU B 25 4.59 8.28 -27.93
CA LEU B 25 5.55 7.62 -28.80
C LEU B 25 6.56 8.62 -29.40
N ALA B 26 6.09 9.82 -29.70
CA ALA B 26 6.93 10.91 -30.25
C ALA B 26 7.82 11.57 -29.20
N TYR B 27 7.39 11.48 -27.94
CA TYR B 27 8.09 12.12 -26.82
C TYR B 27 9.43 11.43 -26.47
N THR B 28 10.46 12.25 -26.29
CA THR B 28 11.81 11.75 -25.98
C THR B 28 12.44 12.47 -24.78
N GLY B 29 11.70 13.36 -24.17
CA GLY B 29 12.20 14.22 -23.12
C GLY B 29 11.77 15.66 -23.33
N GLY B 30 11.96 16.48 -22.30
CA GLY B 30 11.60 17.88 -22.34
C GLY B 30 10.18 18.14 -21.91
N ASP B 31 9.58 19.15 -22.50
CA ASP B 31 8.29 19.59 -22.07
C ASP B 31 7.24 18.54 -22.37
N ALA B 32 6.40 18.27 -21.37
CA ALA B 32 5.37 17.20 -21.45
C ALA B 32 3.96 17.75 -21.18
N ASN B 33 3.82 19.05 -21.16
CA ASN B 33 2.51 19.63 -20.89
C ASN B 33 1.45 19.06 -21.80
N HIS B 34 1.80 18.97 -23.05
CA HIS B 34 0.85 18.55 -24.07
C HIS B 34 0.37 17.14 -23.78
N LEU B 35 1.18 16.36 -23.07
CA LEU B 35 0.78 15.03 -22.64
C LEU B 35 -0.21 15.11 -21.53
N ILE B 36 -0.01 16.07 -20.64
CA ILE B 36 -0.93 16.24 -19.55
C ILE B 36 -2.27 16.71 -20.09
N HIS B 37 -2.22 17.52 -21.13
CA HIS B 37 -3.42 18.01 -21.81
C HIS B 37 -4.10 16.87 -22.47
N ASP B 38 -3.31 15.98 -23.05
CA ASP B 38 -3.85 14.78 -23.72
C ASP B 38 -4.57 13.94 -22.73
N GLY B 39 -3.97 13.75 -21.55
CA GLY B 39 -4.63 13.05 -20.48
C GLY B 39 -5.97 13.67 -20.12
N ASP B 40 -6.00 15.00 -20.05
CA ASP B 40 -7.21 15.72 -19.65
C ASP B 40 -8.30 15.54 -20.69
N ALA B 41 -7.91 15.52 -21.95
CA ALA B 41 -8.85 15.26 -23.05
C ALA B 41 -9.49 13.88 -22.94
N ILE B 42 -8.72 12.90 -22.46
CA ILE B 42 -9.25 11.55 -22.23
C ILE B 42 -10.25 11.53 -21.08
N ILE B 43 -9.85 12.10 -19.96
CA ILE B 43 -10.74 12.23 -18.81
C ILE B 43 -12.06 12.95 -19.21
N LYS B 44 -11.93 13.99 -20.01
CA LYS B 44 -13.08 14.77 -20.43
C LYS B 44 -14.02 13.91 -21.29
N ALA B 45 -13.43 13.14 -22.19
CA ALA B 45 -14.20 12.25 -23.07
C ALA B 45 -14.89 11.14 -22.27
N THR B 46 -14.22 10.71 -21.22
CA THR B 46 -14.78 9.69 -20.30
C THR B 46 -15.96 10.27 -19.50
N GLU B 47 -15.80 11.52 -19.04
CA GLU B 47 -16.86 12.18 -18.26
C GLU B 47 -18.05 12.53 -19.14
N ASN B 48 -17.78 12.97 -20.36
CA ASN B 48 -18.84 13.19 -21.35
C ASN B 48 -19.63 11.94 -21.62
N GLY B 49 -18.92 10.82 -21.65
CA GLY B 49 -19.55 9.53 -21.85
C GLY B 49 -20.51 9.19 -20.76
N LEU B 50 -20.14 9.51 -19.53
CA LEU B 50 -21.03 9.32 -18.36
C LEU B 50 -22.35 10.05 -18.53
N GLN B 51 -22.28 11.27 -19.05
CA GLN B 51 -23.48 12.12 -19.19
C GLN B 51 -24.34 11.64 -20.33
N GLU B 52 -23.72 11.25 -21.44
CA GLU B 52 -24.47 10.83 -22.64
C GLU B 52 -25.12 9.48 -22.49
N LEU B 53 -24.45 8.58 -21.77
CA LEU B 53 -24.92 7.21 -21.63
C LEU B 53 -25.82 7.03 -20.42
N GLY B 54 -25.65 7.89 -19.43
CA GLY B 54 -26.47 7.84 -18.21
C GLY B 54 -27.95 7.56 -18.46
N PRO B 55 -28.62 8.43 -19.25
CA PRO B 55 -30.06 8.33 -19.42
C PRO B 55 -30.48 7.28 -20.47
N GLN B 56 -29.52 6.58 -21.06
CA GLN B 56 -29.79 5.65 -22.15
C GLN B 56 -30.46 4.38 -21.63
N PRO B 57 -31.38 3.80 -22.41
CA PRO B 57 -32.00 2.54 -22.05
C PRO B 57 -31.04 1.38 -22.26
N PRO B 58 -31.21 0.30 -21.46
CA PRO B 58 -30.26 -0.79 -21.59
C PRO B 58 -30.29 -1.36 -22.97
N LEU B 59 -29.16 -1.91 -23.38
CA LEU B 59 -29.01 -2.51 -24.70
C LEU B 59 -29.67 -3.87 -24.76
N SER B 60 -30.05 -4.27 -25.95
CA SER B 60 -30.43 -5.63 -26.22
C SER B 60 -29.18 -6.51 -26.27
N LEU B 61 -29.36 -7.78 -25.97
CA LEU B 61 -28.31 -8.77 -26.11
C LEU B 61 -27.51 -8.63 -27.41
N THR B 62 -28.20 -8.55 -28.55
CA THR B 62 -27.52 -8.54 -29.83
C THR B 62 -26.88 -7.16 -30.12
N GLU B 63 -27.46 -6.11 -29.54
CA GLU B 63 -26.86 -4.76 -29.59
C GLU B 63 -25.52 -4.72 -28.88
N ALA B 64 -25.51 -5.22 -27.65
CA ALA B 64 -24.31 -5.21 -26.81
C ALA B 64 -23.22 -6.08 -27.41
N LEU B 65 -23.60 -7.24 -27.95
CA LEU B 65 -22.63 -8.16 -28.62
C LEU B 65 -21.93 -7.47 -29.76
N ALA B 66 -22.66 -6.65 -30.49
CA ALA B 66 -22.09 -5.94 -31.64
C ALA B 66 -21.01 -4.93 -31.23
N LEU B 67 -20.99 -4.58 -29.94
CA LEU B 67 -20.04 -3.58 -29.42
C LEU B 67 -18.83 -4.23 -28.74
N VAL B 68 -18.93 -5.52 -28.45
CA VAL B 68 -17.86 -6.24 -27.76
C VAL B 68 -16.52 -6.10 -28.52
N GLY B 69 -16.54 -6.38 -29.81
CA GLY B 69 -15.34 -6.27 -30.64
C GLY B 69 -14.71 -4.89 -30.56
N PRO B 70 -15.51 -3.85 -30.85
CA PRO B 70 -14.98 -2.48 -30.79
C PRO B 70 -14.40 -2.12 -29.43
N VAL B 71 -15.04 -2.55 -28.36
CA VAL B 71 -14.55 -2.24 -27.02
C VAL B 71 -13.22 -2.93 -26.76
N GLN B 72 -13.13 -4.19 -27.15
CA GLN B 72 -11.88 -4.93 -27.08
C GLN B 72 -10.78 -4.23 -27.84
N GLY B 73 -11.12 -3.62 -28.97
CA GLY B 73 -10.14 -2.90 -29.75
C GLY B 73 -9.58 -1.68 -29.02
N VAL B 74 -10.45 -0.93 -28.38
CA VAL B 74 -10.02 0.25 -27.61
C VAL B 74 -9.27 -0.16 -26.32
N ASN B 75 -9.67 -1.27 -25.75
CA ASN B 75 -8.99 -1.83 -24.63
C ASN B 75 -7.53 -2.19 -24.97
N LYS B 76 -7.33 -2.76 -26.15
CA LYS B 76 -6.01 -3.14 -26.58
C LYS B 76 -5.19 -1.90 -26.75
N LEU B 77 -5.84 -0.86 -27.21
CA LEU B 77 -5.16 0.42 -27.44
C LEU B 77 -4.76 1.06 -26.11
N ILE B 78 -5.70 1.10 -25.18
CA ILE B 78 -5.42 1.56 -23.80
C ILE B 78 -4.23 0.84 -23.17
N MET B 79 -4.22 -0.49 -23.28
CA MET B 79 -3.14 -1.31 -22.73
C MET B 79 -1.80 -0.97 -23.33
N LYS B 80 -1.78 -0.80 -24.63
CA LYS B 80 -0.53 -0.45 -25.33
C LYS B 80 -0.06 0.94 -24.96
N THR B 81 -1.01 1.85 -24.82
CA THR B 81 -0.72 3.25 -24.52
C THR B 81 -0.11 3.40 -23.15
N VAL B 82 -0.64 2.68 -22.18
CA VAL B 82 -0.06 2.70 -20.83
C VAL B 82 1.35 2.12 -20.84
N ASP B 83 1.53 1.00 -21.52
CA ASP B 83 2.87 0.42 -21.69
C ASP B 83 3.88 1.44 -22.26
N HIS B 84 3.46 2.16 -23.30
CA HIS B 84 4.30 3.18 -23.93
C HIS B 84 4.65 4.28 -22.97
N LEU B 85 3.67 4.69 -22.16
CA LEU B 85 3.88 5.68 -21.10
C LEU B 85 4.91 5.21 -20.07
N ILE B 86 4.75 3.97 -19.61
CA ILE B 86 5.70 3.36 -18.67
C ILE B 86 7.10 3.31 -19.27
N GLU B 87 7.19 3.11 -20.57
CA GLU B 87 8.49 3.07 -21.26
C GLU B 87 9.16 4.44 -21.26
N LYS B 88 8.39 5.49 -21.10
CA LYS B 88 8.94 6.85 -21.12
C LYS B 88 9.09 7.39 -19.71
N LYS B 89 9.11 6.51 -18.74
CA LYS B 89 9.22 6.89 -17.35
C LYS B 89 10.47 7.74 -17.11
N GLY B 90 11.63 7.25 -17.55
CA GLY B 90 12.90 7.95 -17.37
C GLY B 90 12.86 9.44 -17.72
N PRO B 91 12.61 9.78 -19.00
CA PRO B 91 12.48 11.17 -19.44
C PRO B 91 11.46 11.96 -18.64
N LEU B 92 10.32 11.36 -18.36
CA LEU B 92 9.23 12.05 -17.70
C LEU B 92 9.60 12.42 -16.27
N VAL B 93 10.18 11.47 -15.56
CA VAL B 93 10.57 11.69 -14.17
C VAL B 93 11.75 12.67 -14.15
N GLY B 94 12.66 12.49 -15.09
CA GLY B 94 13.77 13.42 -15.31
C GLY B 94 13.35 14.86 -15.57
N GLY B 95 12.22 15.04 -16.24
CA GLY B 95 11.63 16.38 -16.44
C GLY B 95 10.77 16.87 -15.29
N GLY B 96 10.65 16.04 -14.27
CA GLY B 96 9.88 16.40 -13.05
C GLY B 96 8.38 16.21 -13.21
N TYR B 97 7.98 15.33 -14.12
CA TYR B 97 6.56 15.10 -14.42
C TYR B 97 5.97 13.87 -13.70
N GLY B 98 6.83 13.08 -13.07
CA GLY B 98 6.40 11.91 -12.32
C GLY B 98 5.10 12.12 -11.54
N PRO B 99 5.12 13.06 -10.59
CA PRO B 99 3.96 13.26 -9.73
C PRO B 99 2.69 13.63 -10.46
N GLN B 100 2.81 14.40 -11.52
CA GLN B 100 1.64 14.78 -12.35
C GLN B 100 1.09 13.58 -13.12
N VAL B 101 1.96 12.77 -13.66
CA VAL B 101 1.53 11.59 -14.40
C VAL B 101 0.81 10.63 -13.48
N LYS B 102 1.42 10.36 -12.33
CA LYS B 102 0.75 9.56 -11.31
C LYS B 102 -0.66 10.06 -11.06
N ALA B 103 -0.81 11.36 -10.88
CA ALA B 103 -2.09 11.95 -10.46
C ALA B 103 -3.08 11.87 -11.58
N SER B 104 -2.60 12.07 -12.80
CA SER B 104 -3.48 12.03 -13.98
C SER B 104 -3.99 10.61 -14.22
N LEU B 105 -3.15 9.63 -13.93
CA LEU B 105 -3.53 8.22 -14.02
C LEU B 105 -4.52 7.83 -12.94
N GLN B 106 -4.31 8.33 -11.74
CA GLN B 106 -5.26 8.10 -10.66
C GLN B 106 -6.63 8.64 -10.99
N LYS B 107 -6.65 9.82 -11.59
CA LYS B 107 -7.92 10.46 -11.94
C LYS B 107 -8.60 9.70 -13.06
N GLN B 108 -7.79 9.21 -13.99
CA GLN B 108 -8.27 8.40 -15.12
C GLN B 108 -8.82 7.07 -14.65
N ALA B 109 -8.17 6.46 -13.66
CA ALA B 109 -8.63 5.18 -13.13
C ALA B 109 -9.99 5.34 -12.51
N HIS B 110 -10.21 6.46 -11.81
CA HIS B 110 -11.49 6.73 -11.14
C HIS B 110 -12.62 6.99 -12.13
N ALA B 111 -12.36 7.79 -13.12
CA ALA B 111 -13.33 8.02 -14.20
C ALA B 111 -13.66 6.72 -14.94
N ALA B 112 -12.64 5.90 -15.20
CA ALA B 112 -12.80 4.67 -15.97
C ALA B 112 -13.63 3.69 -15.23
N VAL B 113 -13.39 3.60 -13.92
CA VAL B 113 -14.12 2.67 -13.06
C VAL B 113 -15.60 3.02 -12.99
N THR B 114 -15.87 4.32 -12.86
CA THR B 114 -17.23 4.80 -12.81
C THR B 114 -17.95 4.63 -14.18
N LEU B 115 -17.24 4.85 -15.29
CA LEU B 115 -17.86 4.71 -16.61
C LEU B 115 -18.18 3.23 -16.91
N SER B 116 -17.29 2.34 -16.53
CA SER B 116 -17.49 0.92 -16.80
C SER B 116 -18.62 0.33 -15.94
N GLU B 117 -18.83 0.92 -14.77
CA GLU B 117 -19.92 0.52 -13.91
C GLU B 117 -21.25 0.94 -14.48
N LEU B 118 -21.31 2.17 -14.99
CA LEU B 118 -22.52 2.63 -15.67
C LEU B 118 -22.80 1.79 -16.89
N VAL B 119 -21.78 1.58 -17.70
CA VAL B 119 -21.92 0.79 -18.93
C VAL B 119 -22.37 -0.65 -18.63
N SER B 120 -21.82 -1.25 -17.59
CA SER B 120 -22.25 -2.61 -17.19
C SER B 120 -23.72 -2.67 -16.85
N SER B 121 -24.24 -1.58 -16.31
CA SER B 121 -25.68 -1.49 -15.94
C SER B 121 -26.56 -1.38 -17.15
N LYS B 122 -25.97 -1.23 -18.32
CA LYS B 122 -26.74 -1.10 -19.56
C LYS B 122 -26.63 -2.36 -20.44
N VAL B 123 -25.81 -3.33 -20.04
CA VAL B 123 -25.68 -4.56 -20.78
C VAL B 123 -26.45 -5.68 -20.08
N PRO B 124 -27.14 -6.54 -20.85
CA PRO B 124 -27.89 -7.63 -20.27
C PRO B 124 -27.00 -8.57 -19.41
N SER B 125 -27.60 -9.15 -18.40
CA SER B 125 -26.88 -9.90 -17.37
C SER B 125 -26.12 -11.16 -17.88
N PRO B 126 -26.58 -11.78 -18.97
CA PRO B 126 -25.79 -12.89 -19.51
C PRO B 126 -24.38 -12.47 -19.93
N LEU B 127 -24.21 -11.19 -20.28
CA LEU B 127 -22.92 -10.69 -20.71
C LEU B 127 -22.06 -10.16 -19.56
N ALA B 128 -22.62 -10.13 -18.37
CA ALA B 128 -21.95 -9.54 -17.22
C ALA B 128 -20.48 -10.00 -17.07
N PRO B 129 -20.21 -11.29 -17.31
CA PRO B 129 -18.82 -11.75 -17.11
C PRO B 129 -17.85 -11.20 -18.15
N ILE B 130 -18.37 -10.90 -19.33
CA ILE B 130 -17.57 -10.26 -20.36
C ILE B 130 -17.29 -8.78 -20.06
N SER B 131 -18.29 -8.07 -19.56
CA SER B 131 -18.08 -6.68 -19.11
C SER B 131 -17.06 -6.58 -18.04
N LYS B 132 -17.11 -7.54 -17.13
CA LYS B 132 -16.17 -7.59 -16.03
C LYS B 132 -14.74 -7.78 -16.51
N GLN B 133 -14.57 -8.72 -17.43
CA GLN B 133 -13.26 -9.02 -17.98
C GLN B 133 -12.69 -7.83 -18.75
N LEU B 134 -13.54 -7.18 -19.53
CA LEU B 134 -13.15 -5.97 -20.24
C LEU B 134 -12.73 -4.86 -19.28
N SER B 135 -13.53 -4.63 -18.25
CA SER B 135 -13.25 -3.56 -17.28
C SER B 135 -11.98 -3.80 -16.55
N ASP B 136 -11.72 -5.06 -16.22
CA ASP B 136 -10.55 -5.40 -15.41
C ASP B 136 -9.31 -5.12 -16.18
N GLN B 137 -9.40 -5.28 -17.50
CA GLN B 137 -8.28 -5.03 -18.39
C GLN B 137 -7.79 -3.59 -18.26
N VAL B 138 -8.74 -2.68 -18.33
CA VAL B 138 -8.43 -1.26 -18.24
C VAL B 138 -7.96 -0.87 -16.84
N ALA B 139 -8.66 -1.36 -15.84
CA ALA B 139 -8.30 -1.13 -14.43
C ALA B 139 -6.89 -1.59 -14.15
N GLN B 140 -6.53 -2.79 -14.64
CA GLN B 140 -5.24 -3.38 -14.34
C GLN B 140 -4.13 -2.65 -14.99
N ALA B 141 -4.38 -2.17 -16.19
CA ALA B 141 -3.38 -1.45 -16.96
C ALA B 141 -3.06 -0.12 -16.31
N LEU B 142 -4.09 0.61 -15.94
CA LEU B 142 -3.92 1.89 -15.25
C LEU B 142 -3.20 1.72 -13.90
N GLN B 143 -3.61 0.72 -13.14
CA GLN B 143 -2.95 0.40 -11.88
C GLN B 143 -1.48 0.10 -12.07
N LYS B 144 -1.19 -0.62 -13.14
CA LYS B 144 0.18 -0.93 -13.52
C LYS B 144 0.99 0.35 -13.80
N GLY B 145 0.32 1.33 -14.41
CA GLY B 145 0.92 2.63 -14.67
C GLY B 145 1.15 3.45 -13.40
N ILE B 146 0.19 3.36 -12.49
CA ILE B 146 0.24 4.10 -11.23
C ILE B 146 1.37 3.60 -10.37
N GLU B 147 1.52 2.30 -10.29
CA GLU B 147 2.64 1.70 -9.54
C GLU B 147 3.99 2.10 -10.13
N ALA B 148 4.05 2.20 -11.44
CA ALA B 148 5.31 2.49 -12.12
C ALA B 148 5.76 3.93 -11.88
N PHE B 149 4.80 4.81 -11.61
CA PHE B 149 5.11 6.24 -11.41
C PHE B 149 5.04 6.64 -9.96
N SER B 150 5.37 5.71 -9.08
CA SER B 150 5.39 5.98 -7.65
C SER B 150 6.65 5.41 -7.03
N ILE B 151 7.43 6.27 -6.36
CA ILE B 151 8.63 5.83 -5.63
C ILE B 151 8.37 5.98 -4.16
N ASP C 2 4.35 -35.54 2.84
CA ASP C 2 4.24 -35.24 4.32
C ASP C 2 5.58 -35.41 5.04
N VAL C 3 6.30 -36.46 4.66
CA VAL C 3 7.69 -36.64 5.01
C VAL C 3 8.61 -35.53 4.44
N ASN C 4 8.10 -34.74 3.53
CA ASN C 4 8.89 -33.61 3.01
C ASN C 4 9.35 -32.48 4.02
N VAL C 5 8.53 -32.15 5.01
CA VAL C 5 8.95 -31.15 6.08
C VAL C 5 10.18 -31.69 6.83
N PHE C 6 10.15 -32.98 7.11
CA PHE C 6 11.24 -33.63 7.80
C PHE C 6 12.50 -33.60 6.94
N LYS C 7 12.33 -33.79 5.65
CA LYS C 7 13.47 -33.79 4.73
C LYS C 7 14.12 -32.40 4.64
N LYS C 8 13.32 -31.36 4.85
CA LYS C 8 13.79 -29.96 4.65
C LYS C 8 14.51 -29.47 5.86
N VAL C 9 13.99 -29.84 7.01
CA VAL C 9 14.69 -29.60 8.28
C VAL C 9 16.04 -30.29 8.27
N LEU C 10 16.04 -31.55 7.81
CA LEU C 10 17.26 -32.31 7.59
C LEU C 10 18.28 -31.57 6.66
N GLU C 11 17.81 -31.15 5.51
CA GLU C 11 18.66 -30.38 4.58
C GLU C 11 19.18 -29.10 5.22
N ASN C 12 18.29 -28.38 5.88
CA ASN C 12 18.71 -27.14 6.61
C ASN C 12 19.85 -27.40 7.58
N ILE C 13 19.69 -28.43 8.37
CA ILE C 13 20.68 -28.78 9.37
C ILE C 13 21.95 -29.28 8.70
N GLY C 14 21.78 -30.10 7.66
CA GLY C 14 22.89 -30.61 6.90
C GLY C 14 23.72 -29.49 6.29
N ASN C 15 23.04 -28.48 5.73
CA ASN C 15 23.71 -27.33 5.10
C ASN C 15 24.56 -26.57 6.10
N ALA C 16 24.00 -26.36 7.27
CA ALA C 16 24.72 -25.67 8.34
C ALA C 16 25.97 -26.47 8.79
N VAL C 17 25.81 -27.78 8.89
CA VAL C 17 26.91 -28.63 9.30
C VAL C 17 27.98 -28.66 8.20
N THR C 18 27.53 -28.79 6.95
CA THR C 18 28.44 -28.75 5.81
C THR C 18 29.24 -27.46 5.84
N GLN C 19 28.59 -26.35 6.12
CA GLN C 19 29.26 -25.05 6.16
C GLN C 19 30.36 -25.05 7.20
N PHE C 20 30.02 -25.61 8.36
CA PHE C 20 30.95 -25.69 9.49
C PHE C 20 32.12 -26.60 9.16
N ASN C 21 31.82 -27.73 8.55
CA ASN C 21 32.85 -28.66 8.10
C ASN C 21 33.84 -28.04 7.08
N ASN C 22 33.32 -27.35 6.08
CA ASN C 22 34.16 -26.67 5.11
C ASN C 22 35.12 -25.67 5.77
N ASP C 23 34.62 -24.94 6.74
CA ASP C 23 35.43 -23.91 7.46
C ASP C 23 36.47 -24.53 8.38
N ILE C 24 36.11 -25.60 9.05
CA ILE C 24 37.06 -26.36 9.87
C ILE C 24 38.18 -26.92 9.02
N LEU C 25 37.83 -27.43 7.86
CA LEU C 25 38.81 -28.02 6.97
C LEU C 25 39.75 -26.95 6.44
N ALA C 26 39.20 -25.76 6.19
CA ALA C 26 39.99 -24.62 5.68
C ALA C 26 40.85 -23.97 6.75
N TYR C 27 40.45 -24.17 8.01
CA TYR C 27 41.10 -23.54 9.16
C TYR C 27 42.48 -24.15 9.48
N THR C 28 43.47 -23.29 9.67
CA THR C 28 44.84 -23.74 9.99
C THR C 28 45.41 -23.03 11.20
N GLY C 29 44.61 -22.17 11.82
CA GLY C 29 45.06 -21.34 12.94
C GLY C 29 44.54 -19.93 12.80
N GLY C 30 44.68 -19.14 13.86
CA GLY C 30 44.26 -17.77 13.86
C GLY C 30 42.83 -17.61 14.29
N ASP C 31 42.19 -16.55 13.80
CA ASP C 31 40.87 -16.22 14.26
C ASP C 31 39.86 -17.34 13.91
N ALA C 32 39.04 -17.70 14.89
CA ALA C 32 38.07 -18.80 14.75
C ALA C 32 36.65 -18.36 15.07
N ASN C 33 36.43 -17.06 15.16
CA ASN C 33 35.10 -16.55 15.49
C ASN C 33 34.02 -16.96 14.50
N HIS C 34 34.39 -17.11 13.24
CA HIS C 34 33.46 -17.58 12.21
C HIS C 34 33.04 -19.04 12.43
N LEU C 35 33.93 -19.83 13.04
CA LEU C 35 33.60 -21.20 13.43
C LEU C 35 32.60 -21.26 14.55
N ILE C 36 32.76 -20.39 15.54
CA ILE C 36 31.81 -20.33 16.66
C ILE C 36 30.48 -19.82 16.13
N HIS C 37 30.53 -18.96 15.13
CA HIS C 37 29.35 -18.49 14.46
C HIS C 37 28.69 -19.62 13.68
N ASP C 38 29.52 -20.40 13.02
CA ASP C 38 29.04 -21.56 12.31
C ASP C 38 28.28 -22.47 13.26
N GLY C 39 28.88 -22.72 14.41
CA GLY C 39 28.24 -23.54 15.45
C GLY C 39 26.85 -22.98 15.82
N ASP C 40 26.76 -21.69 15.98
CA ASP C 40 25.52 -21.04 16.31
C ASP C 40 24.48 -21.22 15.22
N ALA C 41 24.93 -21.20 13.98
CA ALA C 41 24.00 -21.42 12.83
C ALA C 41 23.41 -22.82 12.88
N ILE C 42 24.21 -23.77 13.36
CA ILE C 42 23.76 -25.15 13.45
C ILE C 42 22.72 -25.24 14.53
N ILE C 43 23.03 -24.62 15.67
CA ILE C 43 22.10 -24.63 16.83
C ILE C 43 20.77 -23.97 16.46
N LYS C 44 20.86 -22.92 15.71
CA LYS C 44 19.68 -22.22 15.23
C LYS C 44 18.82 -23.11 14.30
N ALA C 45 19.48 -23.80 13.38
CA ALA C 45 18.77 -24.70 12.44
C ALA C 45 18.12 -25.85 13.18
N THR C 46 18.80 -26.31 14.23
CA THR C 46 18.29 -27.39 15.07
C THR C 46 17.03 -26.91 15.81
N GLU C 47 17.08 -25.69 16.32
CA GLU C 47 15.97 -25.15 17.11
C GLU C 47 14.81 -24.87 16.22
N ASN C 48 15.10 -24.36 15.04
CA ASN C 48 14.06 -24.15 14.01
C ASN C 48 13.37 -25.46 13.64
N GLY C 49 14.15 -26.52 13.62
CA GLY C 49 13.61 -27.85 13.33
C GLY C 49 12.64 -28.30 14.40
N LEU C 50 12.97 -27.99 15.64
CA LEU C 50 12.08 -28.27 16.77
C LEU C 50 10.72 -27.63 16.58
N GLN C 51 10.72 -26.40 16.10
CA GLN C 51 9.48 -25.64 15.94
C GLN C 51 8.67 -26.17 14.77
N GLU C 52 9.35 -26.48 13.66
CA GLU C 52 8.64 -26.91 12.42
C GLU C 52 8.10 -28.29 12.52
N LEU C 53 8.80 -29.15 13.23
CA LEU C 53 8.41 -30.55 13.34
C LEU C 53 7.47 -30.80 14.49
N GLY C 54 7.54 -29.94 15.50
CA GLY C 54 6.73 -30.08 16.70
C GLY C 54 5.27 -30.45 16.40
N PRO C 55 4.56 -29.62 15.59
CA PRO C 55 3.14 -29.83 15.34
C PRO C 55 2.83 -30.86 14.25
N GLN C 56 3.87 -31.45 13.68
CA GLN C 56 3.71 -32.43 12.62
C GLN C 56 3.08 -33.75 13.13
N PRO C 57 2.22 -34.35 12.30
CA PRO C 57 1.66 -35.65 12.65
C PRO C 57 2.69 -36.75 12.52
N PRO C 58 2.58 -37.81 13.37
CA PRO C 58 3.53 -38.88 13.26
C PRO C 58 3.58 -39.46 11.88
N LEU C 59 4.74 -39.97 11.52
CA LEU C 59 4.96 -40.54 10.21
C LEU C 59 4.39 -41.94 10.10
N SER C 60 4.10 -42.33 8.87
CA SER C 60 3.76 -43.69 8.55
C SER C 60 5.04 -44.50 8.50
N LEU C 61 4.90 -45.80 8.73
CA LEU C 61 6.01 -46.76 8.60
C LEU C 61 6.86 -46.52 7.34
N THR C 62 6.21 -46.40 6.22
CA THR C 62 6.92 -46.21 4.96
C THR C 62 7.57 -44.85 4.85
N GLU C 63 6.87 -43.85 5.38
CA GLU C 63 7.36 -42.48 5.36
C GLU C 63 8.66 -42.35 6.14
N ALA C 64 8.67 -42.94 7.34
CA ALA C 64 9.84 -42.91 8.21
C ALA C 64 11.03 -43.69 7.62
N LEU C 65 10.72 -44.83 7.01
CA LEU C 65 11.76 -45.65 6.35
C LEU C 65 12.44 -44.86 5.28
N ALA C 66 11.68 -44.04 4.57
CA ALA C 66 12.24 -43.27 3.45
C ALA C 66 13.24 -42.20 3.93
N LEU C 67 13.22 -41.92 5.20
CA LEU C 67 14.10 -40.88 5.76
C LEU C 67 15.38 -41.47 6.34
N VAL C 68 15.33 -42.76 6.61
CA VAL C 68 16.40 -43.42 7.35
C VAL C 68 17.70 -43.15 6.65
N GLY C 69 17.69 -43.32 5.34
CA GLY C 69 18.86 -43.07 4.54
C GLY C 69 19.36 -41.64 4.74
N PRO C 70 18.49 -40.65 4.53
CA PRO C 70 18.93 -39.27 4.58
C PRO C 70 19.46 -38.87 5.94
N VAL C 71 18.85 -39.37 6.99
CA VAL C 71 19.37 -39.15 8.34
C VAL C 71 20.78 -39.73 8.49
N GLN C 72 20.93 -40.98 8.08
CA GLN C 72 22.24 -41.65 8.14
C GLN C 72 23.26 -40.83 7.43
N GLY C 73 22.88 -40.23 6.33
CA GLY C 73 23.80 -39.42 5.54
C GLY C 73 24.31 -38.24 6.37
N VAL C 74 23.39 -37.59 7.07
CA VAL C 74 23.70 -36.37 7.81
C VAL C 74 24.44 -36.73 9.12
N ASN C 75 24.10 -37.90 9.67
CA ASN C 75 24.87 -38.48 10.73
C ASN C 75 26.33 -38.74 10.34
N LYS C 76 26.56 -39.33 9.17
CA LYS C 76 27.89 -39.57 8.68
C LYS C 76 28.65 -38.23 8.58
N LEU C 77 27.94 -37.21 8.18
CA LEU C 77 28.54 -35.90 7.97
C LEU C 77 28.92 -35.31 9.34
N ILE C 78 27.98 -35.34 10.26
CA ILE C 78 28.23 -34.89 11.63
C ILE C 78 29.45 -35.59 12.21
N MET C 79 29.50 -36.91 12.09
CA MET C 79 30.64 -37.68 12.61
C MET C 79 31.92 -37.17 12.04
N LYS C 80 31.93 -36.91 10.74
CA LYS C 80 33.15 -36.53 10.07
C LYS C 80 33.56 -35.14 10.50
N THR C 81 32.57 -34.30 10.70
CA THR C 81 32.78 -32.91 11.01
C THR C 81 33.36 -32.76 12.39
N VAL C 82 32.90 -33.58 13.30
CA VAL C 82 33.48 -33.59 14.63
C VAL C 82 34.95 -34.04 14.58
N ASP C 83 35.18 -35.18 13.94
CA ASP C 83 36.55 -35.66 13.77
C ASP C 83 37.46 -34.56 13.27
N HIS C 84 37.00 -33.81 12.27
CA HIS C 84 37.80 -32.75 11.68
C HIS C 84 38.09 -31.70 12.67
N LEU C 85 37.10 -31.40 13.50
CA LEU C 85 37.25 -30.42 14.55
C LEU C 85 38.31 -30.88 15.53
N ILE C 86 38.19 -32.13 15.97
CA ILE C 86 39.16 -32.71 16.92
C ILE C 86 40.58 -32.69 16.35
N GLU C 87 40.67 -32.82 15.03
CA GLU C 87 41.97 -32.75 14.35
C GLU C 87 42.58 -31.36 14.39
N LYS C 88 41.74 -30.35 14.59
CA LYS C 88 42.22 -28.97 14.62
C LYS C 88 42.35 -28.47 16.05
N LYS C 89 42.38 -29.40 17.00
CA LYS C 89 42.46 -29.06 18.41
C LYS C 89 43.67 -28.13 18.72
N GLY C 90 44.85 -28.56 18.28
CA GLY C 90 46.08 -27.79 18.48
C GLY C 90 45.95 -26.29 18.20
N PRO C 91 45.68 -25.94 16.93
CA PRO C 91 45.50 -24.53 16.54
C PRO C 91 44.43 -23.82 17.34
N LEU C 92 43.33 -24.52 17.59
CA LEU C 92 42.20 -23.91 18.28
C LEU C 92 42.52 -23.60 19.73
N VAL C 93 43.12 -24.55 20.42
CA VAL C 93 43.50 -24.35 21.79
C VAL C 93 44.62 -23.31 21.87
N GLY C 94 45.56 -23.41 20.94
CA GLY C 94 46.62 -22.42 20.79
C GLY C 94 46.12 -21.00 20.64
N GLY C 95 44.98 -20.84 19.96
CA GLY C 95 44.36 -19.53 19.76
C GLY C 95 43.48 -19.12 20.92
N GLY C 96 43.35 -20.01 21.90
CA GLY C 96 42.58 -19.73 23.12
C GLY C 96 41.09 -20.00 22.97
N TYR C 97 40.74 -20.84 21.98
CA TYR C 97 39.34 -21.09 21.64
C TYR C 97 38.78 -22.36 22.29
N GLY C 98 39.68 -23.14 22.90
CA GLY C 98 39.28 -24.39 23.58
C GLY C 98 37.97 -24.27 24.35
N PRO C 99 37.92 -23.38 25.33
CA PRO C 99 36.69 -23.26 26.15
C PRO C 99 35.41 -22.95 25.34
N GLN C 100 35.52 -22.06 24.35
CA GLN C 100 34.33 -21.66 23.54
C GLN C 100 33.92 -22.66 22.51
N VAL C 101 34.83 -23.58 22.16
CA VAL C 101 34.45 -24.78 21.38
C VAL C 101 33.74 -25.78 22.28
N LYS C 102 34.36 -26.08 23.42
CA LYS C 102 33.73 -26.98 24.38
C LYS C 102 32.30 -26.58 24.63
N ALA C 103 32.07 -25.28 24.79
CA ALA C 103 30.75 -24.79 25.18
C ALA C 103 29.77 -24.90 24.03
N SER C 104 30.24 -24.57 22.84
CA SER C 104 29.41 -24.65 21.64
C SER C 104 28.99 -26.09 21.36
N LEU C 105 29.88 -27.01 21.63
CA LEU C 105 29.56 -28.43 21.49
C LEU C 105 28.53 -28.83 22.49
N GLN C 106 28.68 -28.35 23.72
CA GLN C 106 27.76 -28.72 24.81
C GLN C 106 26.38 -28.24 24.53
N LYS C 107 26.29 -27.06 23.93
CA LYS C 107 25.02 -26.47 23.53
C LYS C 107 24.39 -27.21 22.34
N GLN C 108 25.24 -27.66 21.43
CA GLN C 108 24.84 -28.50 20.29
C GLN C 108 24.38 -29.89 20.66
N ALA C 109 25.06 -30.52 21.62
CA ALA C 109 24.65 -31.83 22.11
C ALA C 109 23.24 -31.80 22.70
N HIS C 110 22.94 -30.72 23.41
CA HIS C 110 21.67 -30.61 24.08
C HIS C 110 20.55 -30.43 23.08
N ALA C 111 20.78 -29.54 22.13
CA ALA C 111 19.77 -29.27 21.10
C ALA C 111 19.52 -30.54 20.26
N ALA C 112 20.62 -31.22 19.91
CA ALA C 112 20.57 -32.42 19.10
C ALA C 112 19.80 -33.52 19.82
N VAL C 113 20.08 -33.69 21.11
CA VAL C 113 19.42 -34.67 21.87
C VAL C 113 17.93 -34.40 21.86
N THR C 114 17.57 -33.12 22.05
CA THR C 114 16.17 -32.71 22.14
C THR C 114 15.47 -32.93 20.81
N LEU C 115 16.14 -32.63 19.74
CA LEU C 115 15.54 -32.74 18.43
C LEU C 115 15.34 -34.21 18.04
N SER C 116 16.26 -35.06 18.44
CA SER C 116 16.15 -36.49 18.15
C SER C 116 15.07 -37.16 18.99
N GLU C 117 14.82 -36.62 20.17
CA GLU C 117 13.73 -37.10 20.99
C GLU C 117 12.37 -36.75 20.42
N LEU C 118 12.24 -35.52 19.93
CA LEU C 118 11.00 -35.10 19.27
C LEU C 118 10.75 -35.93 18.04
N VAL C 119 11.79 -36.06 17.22
CA VAL C 119 11.73 -36.85 16.01
C VAL C 119 11.35 -38.33 16.30
N SER C 120 11.94 -38.93 17.33
CA SER C 120 11.59 -40.33 17.73
C SER C 120 10.11 -40.44 18.06
N SER C 121 9.55 -39.39 18.64
CA SER C 121 8.13 -39.37 19.01
C SER C 121 7.23 -39.36 17.78
N LYS C 122 7.83 -39.18 16.62
CA LYS C 122 7.06 -39.06 15.38
C LYS C 122 7.23 -40.31 14.52
N VAL C 123 8.11 -41.21 14.92
CA VAL C 123 8.31 -42.45 14.18
C VAL C 123 7.59 -43.61 14.85
N PRO C 124 6.95 -44.47 14.04
CA PRO C 124 6.28 -45.61 14.60
C PRO C 124 7.21 -46.47 15.50
N SER C 125 6.63 -47.07 16.51
CA SER C 125 7.38 -47.80 17.55
C SER C 125 8.23 -49.00 17.06
N PRO C 126 7.76 -49.74 16.03
CA PRO C 126 8.65 -50.75 15.49
C PRO C 126 10.05 -50.23 15.11
N LEU C 127 10.15 -48.94 14.78
CA LEU C 127 11.43 -48.37 14.32
C LEU C 127 12.23 -47.79 15.47
N ALA C 128 11.66 -47.85 16.66
CA ALA C 128 12.25 -47.18 17.82
C ALA C 128 13.73 -47.55 18.00
N PRO C 129 14.09 -48.83 17.74
CA PRO C 129 15.50 -49.21 17.95
C PRO C 129 16.45 -48.57 16.93
N ILE C 130 15.93 -48.28 15.75
CA ILE C 130 16.74 -47.62 14.73
C ILE C 130 16.93 -46.14 15.05
N SER C 131 15.86 -45.49 15.51
CA SER C 131 15.96 -44.10 15.94
C SER C 131 16.93 -43.93 17.05
N LYS C 132 16.94 -44.91 17.94
CA LYS C 132 17.84 -44.91 19.08
C LYS C 132 19.30 -45.02 18.64
N GLN C 133 19.57 -45.95 17.74
CA GLN C 133 20.94 -46.16 17.23
C GLN C 133 21.42 -44.90 16.51
N LEU C 134 20.56 -44.33 15.67
CA LEU C 134 20.89 -43.10 14.95
C LEU C 134 21.19 -41.97 15.90
N SER C 135 20.35 -41.83 16.94
CA SER C 135 20.50 -40.75 17.91
C SER C 135 21.75 -40.88 18.72
N ASP C 136 22.12 -42.13 19.02
CA ASP C 136 23.29 -42.39 19.82
C ASP C 136 24.53 -42.07 19.05
N GLN C 137 24.48 -42.29 17.75
CA GLN C 137 25.59 -41.94 16.86
C GLN C 137 25.99 -40.47 16.96
N VAL C 138 24.99 -39.60 16.91
CA VAL C 138 25.25 -38.14 17.01
C VAL C 138 25.71 -37.76 18.40
N ALA C 139 25.00 -38.28 19.40
CA ALA C 139 25.33 -38.03 20.81
C ALA C 139 26.74 -38.44 21.13
N GLN C 140 27.14 -39.62 20.65
CA GLN C 140 28.46 -40.18 20.98
C GLN C 140 29.58 -39.46 20.25
N ALA C 141 29.28 -38.88 19.09
CA ALA C 141 30.29 -38.08 18.35
C ALA C 141 30.52 -36.73 19.01
N LEU C 142 29.44 -36.06 19.38
CA LEU C 142 29.54 -34.78 20.10
C LEU C 142 30.22 -34.91 21.46
N GLN C 143 29.84 -35.93 22.20
CA GLN C 143 30.52 -36.25 23.46
C GLN C 143 32.02 -36.43 23.26
N LYS C 144 32.38 -37.14 22.21
CA LYS C 144 33.77 -37.41 21.88
C LYS C 144 34.51 -36.08 21.64
N GLY C 145 33.82 -35.15 21.00
CA GLY C 145 34.34 -33.80 20.80
C GLY C 145 34.50 -33.03 22.09
N ILE C 146 33.52 -33.18 22.97
CA ILE C 146 33.49 -32.47 24.24
C ILE C 146 34.64 -32.94 25.10
N GLU C 147 34.87 -34.26 25.12
CA GLU C 147 35.95 -34.84 25.92
C GLU C 147 37.31 -34.41 25.37
N ALA C 148 37.39 -34.24 24.08
CA ALA C 148 38.66 -33.84 23.44
C ALA C 148 39.03 -32.40 23.79
N PHE C 149 38.02 -31.56 24.04
CA PHE C 149 38.26 -30.15 24.28
C PHE C 149 38.16 -29.81 25.73
N SER C 150 38.36 -30.82 26.59
CA SER C 150 38.48 -30.58 28.04
C SER C 150 39.95 -30.52 28.39
N ASP D 2 1.75 1.98 35.95
CA ASP D 2 0.65 2.39 36.93
C ASP D 2 -0.71 1.63 36.63
N VAL D 3 -1.05 0.69 37.52
CA VAL D 3 -2.29 -0.12 37.44
C VAL D 3 -3.48 0.61 38.05
N ASN D 4 -3.20 1.75 38.65
CA ASN D 4 -4.22 2.62 39.28
C ASN D 4 -4.92 3.44 38.24
N VAL D 5 -4.23 3.65 37.14
CA VAL D 5 -4.78 4.35 35.99
C VAL D 5 -6.01 3.60 35.46
N PHE D 6 -5.94 2.27 35.42
CA PHE D 6 -7.05 1.44 34.95
C PHE D 6 -8.23 1.55 35.89
N LYS D 7 -7.94 1.53 37.18
CA LYS D 7 -8.98 1.64 38.20
C LYS D 7 -9.69 3.02 38.18
N LYS D 8 -8.98 4.05 37.78
CA LYS D 8 -9.55 5.40 37.74
C LYS D 8 -10.45 5.59 36.52
N VAL D 9 -9.97 5.15 35.37
CA VAL D 9 -10.75 5.23 34.14
C VAL D 9 -12.08 4.52 34.36
N LEU D 10 -12.01 3.39 35.02
CA LEU D 10 -13.17 2.60 35.31
C LEU D 10 -14.14 3.35 36.23
N GLU D 11 -13.60 3.98 37.27
CA GLU D 11 -14.42 4.81 38.18
C GLU D 11 -15.05 6.02 37.45
N ASN D 12 -14.25 6.68 36.64
CA ASN D 12 -14.74 7.79 35.80
C ASN D 12 -15.92 7.40 34.94
N ILE D 13 -15.78 6.28 34.25
CA ILE D 13 -16.83 5.80 33.38
C ILE D 13 -18.03 5.36 34.21
N GLY D 14 -17.77 4.66 35.32
CA GLY D 14 -18.84 4.22 36.23
C GLY D 14 -19.67 5.36 36.81
N ASN D 15 -18.99 6.43 37.20
CA ASN D 15 -19.66 7.66 37.68
C ASN D 15 -20.59 8.27 36.65
N ALA D 16 -20.11 8.34 35.43
CA ALA D 16 -20.90 8.92 34.33
C ALA D 16 -22.12 8.08 34.03
N VAL D 17 -21.92 6.78 34.03
CA VAL D 17 -23.05 5.85 33.83
C VAL D 17 -24.05 5.91 34.99
N THR D 18 -23.53 6.02 36.22
CA THR D 18 -24.39 6.15 37.41
C THR D 18 -25.25 7.42 37.32
N GLN D 19 -24.65 8.51 36.88
CA GLN D 19 -25.34 9.76 36.71
C GLN D 19 -26.49 9.60 35.72
N PHE D 20 -26.20 8.96 34.62
CA PHE D 20 -27.19 8.71 33.58
C PHE D 20 -28.32 7.84 34.08
N ASN D 21 -27.97 6.81 34.80
CA ASN D 21 -28.94 5.91 35.41
C ASN D 21 -29.91 6.63 36.36
N ASN D 22 -29.35 7.46 37.22
CA ASN D 22 -30.15 8.23 38.20
C ASN D 22 -31.15 9.12 37.49
N ASP D 23 -30.72 9.69 36.38
CA ASP D 23 -31.58 10.62 35.62
C ASP D 23 -32.66 9.88 34.85
N ILE D 24 -32.30 8.73 34.30
CA ILE D 24 -33.29 7.89 33.59
C ILE D 24 -34.36 7.38 34.54
N LEU D 25 -33.95 7.04 35.73
CA LEU D 25 -34.88 6.53 36.75
C LEU D 25 -35.84 7.64 37.19
N ALA D 26 -35.33 8.86 37.26
CA ALA D 26 -36.12 10.04 37.71
C ALA D 26 -37.05 10.53 36.59
N TYR D 27 -36.70 10.21 35.36
CA TYR D 27 -37.39 10.70 34.17
C TYR D 27 -38.76 10.04 33.99
N THR D 28 -39.78 10.84 33.73
CA THR D 28 -41.14 10.34 33.56
C THR D 28 -41.80 10.88 32.30
N GLY D 29 -41.05 11.66 31.54
CA GLY D 29 -41.59 12.36 30.39
C GLY D 29 -41.08 13.78 30.31
N GLY D 30 -41.28 14.41 29.16
CA GLY D 30 -40.90 15.80 28.97
C GLY D 30 -39.48 15.96 28.43
N ASP D 31 -38.86 17.08 28.77
CA ASP D 31 -37.54 17.41 28.23
C ASP D 31 -36.53 16.37 28.65
N ALA D 32 -35.78 15.86 27.68
CA ALA D 32 -34.77 14.81 27.91
C ALA D 32 -33.36 15.28 27.53
N ASN D 33 -33.22 16.56 27.24
CA ASN D 33 -31.92 17.08 26.80
C ASN D 33 -30.79 16.81 27.82
N HIS D 34 -31.13 16.77 29.09
CA HIS D 34 -30.15 16.44 30.14
C HIS D 34 -29.70 14.95 30.08
N LEU D 35 -30.56 14.08 29.58
CA LEU D 35 -30.19 12.70 29.34
C LEU D 35 -29.21 12.58 28.19
N ILE D 36 -29.41 13.40 27.17
CA ILE D 36 -28.53 13.39 26.01
C ILE D 36 -27.16 13.92 26.43
N HIS D 37 -27.18 14.90 27.30
CA HIS D 37 -25.97 15.45 27.88
C HIS D 37 -25.28 14.41 28.74
N ASP D 38 -26.08 13.66 29.49
CA ASP D 38 -25.55 12.55 30.29
C ASP D 38 -24.83 11.53 29.40
N GLY D 39 -25.46 11.19 28.29
CA GLY D 39 -24.86 10.32 27.31
C GLY D 39 -23.52 10.85 26.80
N ASP D 40 -23.47 12.14 26.51
CA ASP D 40 -22.24 12.76 26.06
C ASP D 40 -21.14 12.67 27.11
N ALA D 41 -21.49 12.85 28.36
CA ALA D 41 -20.53 12.75 29.48
C ALA D 41 -19.91 11.34 29.53
N ILE D 42 -20.72 10.33 29.20
CA ILE D 42 -20.24 8.96 29.19
C ILE D 42 -19.26 8.79 28.04
N ILE D 43 -19.63 9.32 26.87
CA ILE D 43 -18.78 9.22 25.66
C ILE D 43 -17.45 9.94 25.88
N LYS D 44 -17.51 11.06 26.54
CA LYS D 44 -16.32 11.80 26.91
C LYS D 44 -15.39 11.02 27.86
N ALA D 45 -15.99 10.37 28.84
CA ALA D 45 -15.21 9.56 29.82
C ALA D 45 -14.58 8.36 29.14
N THR D 46 -15.30 7.82 28.16
CA THR D 46 -14.83 6.67 27.40
C THR D 46 -13.67 7.09 26.54
N GLU D 47 -13.76 8.28 25.95
CA GLU D 47 -12.71 8.81 25.06
C GLU D 47 -11.51 9.19 25.85
N ASN D 48 -11.73 9.78 27.01
CA ASN D 48 -10.63 10.07 27.97
C ASN D 48 -9.89 8.81 28.38
N GLY D 49 -10.64 7.73 28.51
CA GLY D 49 -10.06 6.43 28.87
C GLY D 49 -9.14 5.89 27.80
N LEU D 50 -9.56 6.07 26.55
CA LEU D 50 -8.72 5.72 25.41
C LEU D 50 -7.36 6.41 25.45
N GLN D 51 -7.36 7.67 25.85
CA GLN D 51 -6.17 8.49 25.90
C GLN D 51 -5.24 8.06 27.02
N GLU D 52 -5.81 7.84 28.18
CA GLU D 52 -5.04 7.56 29.39
C GLU D 52 -4.47 6.17 29.37
N LEU D 53 -5.20 5.23 28.79
CA LEU D 53 -4.81 3.82 28.79
C LEU D 53 -3.96 3.45 27.58
N GLY D 54 -4.14 4.19 26.49
CA GLY D 54 -3.36 3.98 25.26
C GLY D 54 -1.88 3.66 25.49
N PRO D 55 -1.15 4.57 26.16
CA PRO D 55 0.29 4.39 26.29
C PRO D 55 0.70 3.43 27.39
N GLN D 56 -0.27 2.86 28.07
CA GLN D 56 0.00 2.05 29.26
C GLN D 56 0.61 0.71 28.88
N PRO D 57 1.56 0.20 29.69
CA PRO D 57 2.07 -1.13 29.48
C PRO D 57 1.06 -2.21 29.85
N PRO D 58 1.14 -3.39 29.21
CA PRO D 58 0.15 -4.41 29.51
C PRO D 58 0.22 -4.82 30.95
N LEU D 59 -0.91 -5.27 31.47
CA LEU D 59 -1.01 -5.67 32.86
C LEU D 59 -0.41 -7.02 33.08
N SER D 60 0.02 -7.27 34.30
CA SER D 60 0.36 -8.60 34.74
C SER D 60 -0.90 -9.41 34.97
N LEU D 61 -0.76 -10.72 34.86
CA LEU D 61 -1.85 -11.64 35.14
C LEU D 61 -2.60 -11.31 36.44
N THR D 62 -1.87 -11.10 37.51
CA THR D 62 -2.50 -10.89 38.82
C THR D 62 -3.06 -9.47 38.93
N GLU D 63 -2.49 -8.53 38.19
CA GLU D 63 -3.02 -7.17 38.11
C GLU D 63 -4.39 -7.17 37.44
N ALA D 64 -4.47 -7.85 36.29
CA ALA D 64 -5.71 -7.88 35.50
C ALA D 64 -6.81 -8.62 36.25
N LEU D 65 -6.44 -9.70 36.91
CA LEU D 65 -7.40 -10.48 37.69
C LEU D 65 -8.04 -9.63 38.75
N ALA D 66 -7.25 -8.74 39.32
CA ALA D 66 -7.75 -7.89 40.42
C ALA D 66 -8.79 -6.88 39.92
N LEU D 67 -8.86 -6.69 38.61
CA LEU D 67 -9.76 -5.73 38.00
C LEU D 67 -11.03 -6.39 37.46
N VAL D 68 -11.02 -7.71 37.36
CA VAL D 68 -12.13 -8.45 36.78
C VAL D 68 -13.45 -8.16 37.53
N GLY D 69 -13.41 -8.32 38.83
CA GLY D 69 -14.54 -8.00 39.68
C GLY D 69 -15.08 -6.59 39.44
N PRO D 70 -14.24 -5.59 39.59
CA PRO D 70 -14.71 -4.20 39.38
C PRO D 70 -15.32 -3.95 38.00
N VAL D 71 -14.75 -4.56 36.98
CA VAL D 71 -15.27 -4.39 35.62
C VAL D 71 -16.62 -5.02 35.50
N GLN D 72 -16.76 -6.20 36.06
CA GLN D 72 -18.05 -6.86 36.11
C GLN D 72 -19.09 -6.01 36.79
N GLY D 73 -18.69 -5.31 37.84
CA GLY D 73 -19.60 -4.43 38.59
C GLY D 73 -20.15 -3.28 37.73
N VAL D 74 -19.27 -2.67 36.94
CA VAL D 74 -19.65 -1.59 36.04
C VAL D 74 -20.44 -2.12 34.84
N ASN D 75 -20.12 -3.34 34.44
CA ASN D 75 -20.85 -4.00 33.41
C ASN D 75 -22.30 -4.26 33.86
N LYS D 76 -22.47 -4.65 35.11
CA LYS D 76 -23.79 -4.88 35.66
C LYS D 76 -24.56 -3.60 35.65
N LEU D 77 -23.87 -2.52 35.97
CA LEU D 77 -24.48 -1.21 36.02
C LEU D 77 -24.95 -0.78 34.62
N ILE D 78 -24.04 -0.89 33.66
CA ILE D 78 -24.35 -0.61 32.27
C ILE D 78 -25.59 -1.37 31.81
N MET D 79 -25.62 -2.66 32.14
CA MET D 79 -26.76 -3.52 31.75
C MET D 79 -28.05 -3.02 32.34
N LYS D 80 -28.01 -2.68 33.61
CA LYS D 80 -29.17 -2.19 34.32
C LYS D 80 -29.63 -0.85 33.80
N THR D 81 -28.66 -0.03 33.43
CA THR D 81 -28.93 1.32 32.94
C THR D 81 -29.61 1.30 31.58
N VAL D 82 -29.15 0.41 30.71
CA VAL D 82 -29.79 0.24 29.42
C VAL D 82 -31.19 -0.28 29.56
N ASP D 83 -31.36 -1.28 30.41
CA ASP D 83 -32.71 -1.78 30.74
C ASP D 83 -33.64 -0.64 31.20
N HIS D 84 -33.14 0.23 32.07
CA HIS D 84 -33.93 1.34 32.60
C HIS D 84 -34.31 2.30 31.50
N LEU D 85 -33.38 2.53 30.60
CA LEU D 85 -33.64 3.34 29.41
C LEU D 85 -34.75 2.73 28.53
N ILE D 86 -34.63 1.44 28.26
CA ILE D 86 -35.63 0.71 27.46
C ILE D 86 -37.01 0.75 28.13
N GLU D 87 -37.02 0.73 29.45
CA GLU D 87 -38.27 0.89 30.20
C GLU D 87 -38.90 2.27 30.05
N LYS D 88 -38.10 3.26 29.68
CA LYS D 88 -38.62 4.62 29.48
C LYS D 88 -38.86 4.94 28.02
N LYS D 89 -38.97 3.90 27.21
CA LYS D 89 -39.16 4.07 25.77
C LYS D 89 -40.40 4.93 25.46
N GLY D 90 -41.53 4.55 26.04
CA GLY D 90 -42.79 5.24 25.81
C GLY D 90 -42.68 6.77 25.90
N PRO D 91 -42.30 7.29 27.09
CA PRO D 91 -42.15 8.72 27.29
C PRO D 91 -41.17 9.35 26.32
N LEU D 92 -40.08 8.66 26.07
CA LEU D 92 -38.98 9.22 25.27
C LEU D 92 -39.38 9.35 23.81
N VAL D 93 -40.05 8.32 23.31
CA VAL D 93 -40.57 8.34 21.94
C VAL D 93 -41.73 9.34 21.83
N GLY D 94 -42.60 9.32 22.83
CA GLY D 94 -43.66 10.32 22.96
C GLY D 94 -43.17 11.77 22.92
N GLY D 95 -42.00 12.02 23.50
CA GLY D 95 -41.41 13.36 23.49
C GLY D 95 -40.68 13.65 22.20
N GLY D 96 -40.63 12.65 21.31
CA GLY D 96 -39.92 12.78 20.03
C GLY D 96 -38.41 12.56 20.13
N TYR D 97 -37.97 11.87 21.18
CA TYR D 97 -36.52 11.64 21.43
C TYR D 97 -36.00 10.29 20.94
N GLY D 98 -36.91 9.44 20.47
CA GLY D 98 -36.52 8.15 19.86
C GLY D 98 -35.28 8.17 18.97
N PRO D 99 -35.36 8.88 17.82
CA PRO D 99 -34.22 8.96 16.92
C PRO D 99 -32.90 9.39 17.58
N GLN D 100 -32.96 10.35 18.51
CA GLN D 100 -31.76 10.84 19.17
C GLN D 100 -31.18 9.77 20.06
N VAL D 101 -32.05 9.07 20.76
CA VAL D 101 -31.58 8.04 21.69
C VAL D 101 -30.92 6.95 20.92
N LYS D 102 -31.58 6.53 19.85
CA LYS D 102 -30.99 5.55 18.95
C LYS D 102 -29.59 5.96 18.51
N ALA D 103 -29.44 7.22 18.12
CA ALA D 103 -28.18 7.70 17.60
C ALA D 103 -27.13 7.77 18.68
N SER D 104 -27.54 8.20 19.85
CA SER D 104 -26.63 8.35 21.00
C SER D 104 -26.12 6.97 21.45
N LEU D 105 -26.98 5.98 21.38
CA LEU D 105 -26.58 4.60 21.69
C LEU D 105 -25.59 4.08 20.64
N GLN D 106 -25.86 4.38 19.38
CA GLN D 106 -24.99 3.92 18.30
C GLN D 106 -23.63 4.51 18.49
N LYS D 107 -23.58 5.75 18.94
CA LYS D 107 -22.29 6.41 19.15
C LYS D 107 -21.58 5.82 20.34
N GLN D 108 -22.36 5.44 21.33
CA GLN D 108 -21.84 4.82 22.53
C GLN D 108 -21.28 3.46 22.24
N ALA D 109 -21.98 2.72 21.40
CA ALA D 109 -21.58 1.37 21.05
C ALA D 109 -20.24 1.38 20.32
N HIS D 110 -20.05 2.40 19.49
CA HIS D 110 -18.77 2.59 18.83
C HIS D 110 -17.62 2.92 19.76
N ALA D 111 -17.82 3.88 20.63
CA ALA D 111 -16.79 4.26 21.61
C ALA D 111 -16.42 3.08 22.49
N ALA D 112 -17.45 2.34 22.90
CA ALA D 112 -17.28 1.20 23.82
C ALA D 112 -16.49 0.08 23.16
N VAL D 113 -16.78 -0.16 21.89
CA VAL D 113 -16.08 -1.16 21.11
C VAL D 113 -14.61 -0.83 21.02
N THR D 114 -14.31 0.44 20.79
CA THR D 114 -12.94 0.90 20.64
C THR D 114 -12.17 0.83 21.93
N LEU D 115 -12.81 1.18 23.01
CA LEU D 115 -12.17 1.11 24.31
C LEU D 115 -11.93 -0.32 24.78
N SER D 116 -12.89 -1.22 24.52
CA SER D 116 -12.72 -2.63 24.94
C SER D 116 -11.57 -3.26 24.20
N GLU D 117 -11.40 -2.84 22.94
CA GLU D 117 -10.36 -3.43 22.11
C GLU D 117 -9.03 -3.04 22.63
N LEU D 118 -8.89 -1.80 23.02
CA LEU D 118 -7.63 -1.28 23.55
C LEU D 118 -7.34 -1.94 24.87
N VAL D 119 -8.35 -2.04 25.70
CA VAL D 119 -8.24 -2.71 27.00
C VAL D 119 -7.88 -4.21 26.90
N SER D 120 -8.51 -4.94 25.98
CA SER D 120 -8.13 -6.34 25.73
C SER D 120 -6.64 -6.48 25.33
N SER D 121 -6.12 -5.46 24.65
CA SER D 121 -4.73 -5.40 24.22
C SER D 121 -3.76 -5.30 25.37
N LYS D 122 -4.30 -5.02 26.53
CA LYS D 122 -3.46 -4.79 27.68
C LYS D 122 -3.55 -5.93 28.68
N VAL D 123 -4.44 -6.87 28.44
CA VAL D 123 -4.58 -8.01 29.35
C VAL D 123 -3.87 -9.23 28.78
N PRO D 124 -3.17 -9.99 29.64
CA PRO D 124 -2.48 -11.18 29.17
C PRO D 124 -3.40 -12.20 28.46
N SER D 125 -2.84 -12.93 27.51
CA SER D 125 -3.61 -13.76 26.58
C SER D 125 -4.41 -14.92 27.24
N PRO D 126 -3.94 -15.45 28.38
CA PRO D 126 -4.78 -16.43 29.08
C PRO D 126 -6.15 -15.90 29.45
N LEU D 127 -6.26 -14.57 29.62
CA LEU D 127 -7.52 -13.95 30.05
C LEU D 127 -8.37 -13.49 28.86
N ALA D 128 -7.85 -13.68 27.67
CA ALA D 128 -8.51 -13.20 26.44
C ALA D 128 -9.99 -13.60 26.34
N PRO D 129 -10.33 -14.84 26.74
CA PRO D 129 -11.75 -15.22 26.70
C PRO D 129 -12.64 -14.46 27.71
N ILE D 130 -12.05 -14.02 28.81
CA ILE D 130 -12.79 -13.24 29.82
C ILE D 130 -13.02 -11.79 29.40
N SER D 131 -11.99 -11.15 28.83
CA SER D 131 -12.15 -9.79 28.26
C SER D 131 -13.14 -9.81 27.12
N LYS D 132 -13.21 -10.91 26.39
CA LYS D 132 -14.20 -11.05 25.32
C LYS D 132 -15.60 -11.15 25.85
N GLN D 133 -15.77 -11.95 26.90
CA GLN D 133 -17.07 -12.15 27.51
C GLN D 133 -17.59 -10.88 28.19
N LEU D 134 -16.70 -10.16 28.83
CA LEU D 134 -17.03 -8.86 29.41
C LEU D 134 -17.43 -7.83 28.34
N SER D 135 -16.63 -7.72 27.28
CA SER D 135 -16.93 -6.81 26.18
C SER D 135 -18.26 -7.10 25.55
N ASP D 136 -18.57 -8.39 25.38
CA ASP D 136 -19.78 -8.80 24.68
C ASP D 136 -20.99 -8.41 25.48
N GLN D 137 -20.83 -8.42 26.81
CA GLN D 137 -21.91 -8.00 27.72
C GLN D 137 -22.33 -6.57 27.44
N VAL D 138 -21.36 -5.68 27.30
CA VAL D 138 -21.63 -4.28 27.04
C VAL D 138 -22.15 -4.06 25.64
N ALA D 139 -21.50 -4.70 24.67
CA ALA D 139 -21.96 -4.68 23.27
C ALA D 139 -23.40 -5.17 23.11
N GLN D 140 -23.73 -6.29 23.74
CA GLN D 140 -25.06 -6.88 23.64
C GLN D 140 -26.13 -5.98 24.22
N ALA D 141 -25.81 -5.35 25.34
CA ALA D 141 -26.77 -4.51 26.06
C ALA D 141 -27.10 -3.29 25.23
N LEU D 142 -26.06 -2.67 24.69
CA LEU D 142 -26.23 -1.50 23.83
C LEU D 142 -27.00 -1.84 22.58
N GLN D 143 -26.64 -2.94 21.96
CA GLN D 143 -27.36 -3.41 20.81
C GLN D 143 -28.86 -3.62 21.12
N LYS D 144 -29.13 -4.16 22.30
CA LYS D 144 -30.48 -4.44 22.76
C LYS D 144 -31.25 -3.12 22.89
N GLY D 145 -30.54 -2.08 23.30
CA GLY D 145 -31.09 -0.73 23.39
C GLY D 145 -31.36 -0.14 22.04
N ILE D 146 -30.45 -0.42 21.09
CA ILE D 146 -30.55 0.14 19.77
C ILE D 146 -31.74 -0.45 19.03
N GLU D 147 -31.93 -1.75 19.20
CA GLU D 147 -33.06 -2.46 18.55
C GLU D 147 -34.40 -2.05 19.15
N ALA D 148 -34.39 -1.67 20.41
CA ALA D 148 -35.63 -1.20 21.10
C ALA D 148 -36.07 0.18 20.63
N PHE D 149 -35.11 0.99 20.18
CA PHE D 149 -35.38 2.36 19.78
C PHE D 149 -35.31 2.54 18.26
N SER D 150 -35.68 1.50 17.51
CA SER D 150 -35.69 1.57 16.04
C SER D 150 -37.10 1.66 15.49
N ARG E 1 27.55 -16.37 6.88
CA ARG E 1 26.64 -16.82 5.80
C ARG E 1 27.01 -16.13 4.48
N ASP E 2 26.67 -14.83 4.35
CA ASP E 2 26.56 -14.19 3.02
C ASP E 2 27.43 -12.93 2.85
N VAL E 3 28.33 -13.00 1.89
CA VAL E 3 29.33 -11.96 1.57
C VAL E 3 28.81 -11.01 0.50
N ASN E 4 27.90 -11.54 -0.29
CA ASN E 4 27.33 -10.81 -1.39
C ASN E 4 26.55 -9.61 -0.95
N VAL E 5 25.89 -9.73 0.18
CA VAL E 5 25.19 -8.60 0.78
C VAL E 5 26.16 -7.47 1.00
N PHE E 6 27.38 -7.80 1.42
CA PHE E 6 28.40 -6.77 1.71
C PHE E 6 28.83 -6.12 0.44
N LYS E 7 28.96 -6.95 -0.61
CA LYS E 7 29.38 -6.49 -1.92
C LYS E 7 28.37 -5.53 -2.51
N LYS E 8 27.11 -5.78 -2.24
CA LYS E 8 26.03 -4.98 -2.84
C LYS E 8 25.85 -3.65 -2.16
N VAL E 9 25.97 -3.65 -0.85
CA VAL E 9 25.90 -2.40 -0.08
C VAL E 9 27.02 -1.48 -0.55
N LEU E 10 28.19 -2.07 -0.74
CA LEU E 10 29.37 -1.32 -1.15
C LEU E 10 29.19 -0.72 -2.54
N GLU E 11 28.72 -1.55 -3.47
CA GLU E 11 28.35 -1.09 -4.81
C GLU E 11 27.30 0.01 -4.76
N ASN E 12 26.27 -0.22 -3.99
CA ASN E 12 25.25 0.77 -3.79
C ASN E 12 25.80 2.12 -3.41
N ILE E 13 26.64 2.11 -2.40
CA ILE E 13 27.16 3.34 -1.84
C ILE E 13 28.10 3.94 -2.82
N GLY E 14 28.91 3.10 -3.48
CA GLY E 14 29.84 3.55 -4.50
C GLY E 14 29.15 4.23 -5.65
N ASN E 15 28.06 3.63 -6.12
CA ASN E 15 27.26 4.20 -7.21
C ASN E 15 26.75 5.59 -6.87
N ALA E 16 26.21 5.74 -5.67
CA ALA E 16 25.68 7.00 -5.22
C ALA E 16 26.79 8.07 -5.16
N VAL E 17 27.95 7.66 -4.68
CA VAL E 17 29.07 8.58 -4.57
C VAL E 17 29.58 8.95 -5.95
N THR E 18 29.60 7.97 -6.85
CA THR E 18 30.04 8.19 -8.22
C THR E 18 29.13 9.22 -8.89
N GLN E 19 27.84 9.07 -8.68
CA GLN E 19 26.84 9.96 -9.26
C GLN E 19 27.10 11.37 -8.80
N PHE E 20 27.33 11.51 -7.51
CA PHE E 20 27.60 12.81 -6.90
C PHE E 20 28.88 13.41 -7.48
N ASN E 21 29.90 12.58 -7.64
CA ASN E 21 31.19 13.02 -8.15
C ASN E 21 31.09 13.50 -9.57
N ASN E 22 30.39 12.75 -10.39
CA ASN E 22 30.15 13.16 -11.78
C ASN E 22 29.47 14.53 -11.85
N ASP E 23 28.47 14.73 -11.02
CA ASP E 23 27.72 15.99 -11.02
C ASP E 23 28.60 17.14 -10.54
N ILE E 24 29.38 16.90 -9.49
CA ILE E 24 30.24 17.95 -8.91
C ILE E 24 31.26 18.36 -9.95
N LEU E 25 31.73 17.40 -10.72
CA LEU E 25 32.74 17.67 -11.74
C LEU E 25 32.14 18.48 -12.87
N ALA E 26 30.87 18.19 -13.16
CA ALA E 26 30.15 18.86 -14.26
C ALA E 26 29.71 20.27 -13.86
N TYR E 27 29.57 20.47 -12.56
CA TYR E 27 29.04 21.71 -12.02
C TYR E 27 30.04 22.85 -12.20
N THR E 28 29.53 24.01 -12.60
CA THR E 28 30.37 25.22 -12.77
C THR E 28 29.74 26.45 -12.13
N GLY E 29 28.60 26.26 -11.48
CA GLY E 29 27.83 27.38 -10.94
C GLY E 29 26.35 27.21 -11.22
N GLY E 30 25.54 28.01 -10.54
CA GLY E 30 24.11 27.98 -10.74
C GLY E 30 23.42 27.00 -9.83
N ASP E 31 22.30 26.46 -10.30
CA ASP E 31 21.43 25.62 -9.45
C ASP E 31 22.16 24.35 -9.05
N ALA E 32 22.14 24.04 -7.77
CA ALA E 32 22.90 22.90 -7.21
C ALA E 32 21.97 21.92 -6.52
N ASN E 33 20.67 22.17 -6.58
CA ASN E 33 19.71 21.38 -5.83
C ASN E 33 19.88 19.86 -6.18
N HIS E 34 20.31 19.57 -7.40
CA HIS E 34 20.56 18.17 -7.81
C HIS E 34 21.74 17.58 -7.08
N LEU E 35 22.65 18.43 -6.64
CA LEU E 35 23.79 17.98 -5.81
C LEU E 35 23.32 17.65 -4.43
N ILE E 36 22.35 18.41 -3.95
CA ILE E 36 21.77 18.17 -2.68
C ILE E 36 21.04 16.83 -2.65
N HIS E 37 20.26 16.59 -3.70
CA HIS E 37 19.54 15.32 -3.85
C HIS E 37 20.56 14.21 -3.90
N ASP E 38 21.68 14.45 -4.60
CA ASP E 38 22.74 13.45 -4.69
C ASP E 38 23.24 13.12 -3.30
N GLY E 39 23.56 14.16 -2.53
CA GLY E 39 24.02 13.98 -1.15
C GLY E 39 23.06 13.17 -0.33
N ASP E 40 21.78 13.32 -0.64
CA ASP E 40 20.74 12.57 0.09
C ASP E 40 20.60 11.11 -0.33
N ALA E 41 20.79 10.86 -1.61
CA ALA E 41 20.91 9.51 -2.10
C ALA E 41 22.05 8.73 -1.44
N ILE E 42 23.14 9.42 -1.12
CA ILE E 42 24.29 8.75 -0.48
C ILE E 42 23.91 8.34 0.93
N ILE E 43 23.37 9.32 1.67
CA ILE E 43 22.95 9.13 3.05
C ILE E 43 21.94 8.00 3.10
N LYS E 44 21.07 7.98 2.11
CA LYS E 44 20.05 6.96 2.02
C LYS E 44 20.65 5.59 1.77
N ALA E 45 21.67 5.55 0.94
CA ALA E 45 22.38 4.28 0.66
C ALA E 45 23.18 3.81 1.88
N THR E 46 23.71 4.76 2.62
CA THR E 46 24.45 4.48 3.84
C THR E 46 23.52 3.93 4.92
N GLU E 47 22.34 4.50 5.03
CA GLU E 47 21.35 4.04 6.04
C GLU E 47 20.83 2.67 5.70
N ASN E 48 20.58 2.45 4.43
CA ASN E 48 20.11 1.15 3.96
C ASN E 48 21.13 0.09 4.32
N GLY E 49 22.37 0.42 4.09
CA GLY E 49 23.46 -0.47 4.40
C GLY E 49 23.41 -0.89 5.84
N LEU E 50 23.12 0.08 6.68
CA LEU E 50 23.04 -0.14 8.10
C LEU E 50 21.95 -1.18 8.44
N GLN E 51 20.87 -1.18 7.67
CA GLN E 51 19.75 -2.11 7.91
C GLN E 51 20.02 -3.49 7.33
N GLU E 52 20.67 -3.53 6.17
CA GLU E 52 20.96 -4.82 5.51
C GLU E 52 22.07 -5.59 6.18
N LEU E 53 23.06 -4.86 6.68
CA LEU E 53 24.25 -5.51 7.24
C LEU E 53 24.06 -5.83 8.71
N GLY E 54 23.20 -5.08 9.37
CA GLY E 54 22.99 -5.22 10.83
C GLY E 54 22.88 -6.66 11.28
N PRO E 55 21.95 -7.42 10.68
CA PRO E 55 21.70 -8.76 11.15
C PRO E 55 22.65 -9.79 10.57
N GLN E 56 23.62 -9.33 9.80
CA GLN E 56 24.56 -10.25 9.13
C GLN E 56 25.57 -10.88 10.10
N PRO E 57 25.92 -12.16 9.88
CA PRO E 57 26.99 -12.77 10.65
C PRO E 57 28.37 -12.24 10.23
N PRO E 58 29.31 -12.20 11.19
CA PRO E 58 30.64 -11.69 10.83
C PRO E 58 31.25 -12.48 9.65
N LEU E 59 32.13 -11.81 8.92
CA LEU E 59 32.86 -12.41 7.81
C LEU E 59 33.99 -13.29 8.30
N SER E 60 34.37 -14.23 7.46
CA SER E 60 35.62 -14.96 7.63
C SER E 60 36.80 -14.11 7.20
N LEU E 61 37.97 -14.47 7.70
CA LEU E 61 39.23 -13.79 7.35
C LEU E 61 39.35 -13.60 5.84
N THR E 62 39.19 -14.69 5.11
CA THR E 62 39.45 -14.69 3.68
C THR E 62 38.31 -13.98 2.90
N GLU E 63 37.14 -13.93 3.51
CA GLU E 63 35.99 -13.16 2.95
C GLU E 63 36.24 -11.69 3.04
N ALA E 64 36.65 -11.23 4.23
CA ALA E 64 36.88 -9.83 4.46
C ALA E 64 38.06 -9.31 3.63
N LEU E 65 39.12 -10.10 3.57
CA LEU E 65 40.30 -9.75 2.74
C LEU E 65 39.91 -9.47 1.33
N ALA E 66 39.00 -10.29 0.82
CA ALA E 66 38.58 -10.16 -0.58
C ALA E 66 37.86 -8.83 -0.82
N LEU E 67 37.44 -8.18 0.26
CA LEU E 67 36.68 -6.94 0.16
C LEU E 67 37.56 -5.72 0.41
N VAL E 68 38.77 -5.95 0.92
CA VAL E 68 39.66 -4.84 1.27
C VAL E 68 39.97 -3.93 0.05
N GLY E 69 40.39 -4.53 -1.04
CA GLY E 69 40.60 -3.84 -2.28
C GLY E 69 39.41 -2.99 -2.72
N PRO E 70 38.24 -3.61 -2.88
CA PRO E 70 37.05 -2.84 -3.25
C PRO E 70 36.73 -1.67 -2.30
N VAL E 71 36.84 -1.90 -1.01
CA VAL E 71 36.58 -0.84 -0.05
C VAL E 71 37.58 0.30 -0.25
N GLN E 72 38.83 -0.06 -0.45
CA GLN E 72 39.89 0.90 -0.74
C GLN E 72 39.52 1.72 -1.91
N GLY E 73 38.96 1.07 -2.91
CA GLY E 73 38.59 1.75 -4.15
C GLY E 73 37.52 2.79 -3.92
N VAL E 74 36.51 2.44 -3.14
CA VAL E 74 35.43 3.37 -2.79
C VAL E 74 35.95 4.50 -1.91
N ASN E 75 36.96 4.19 -1.12
CA ASN E 75 37.55 5.17 -0.19
C ASN E 75 38.32 6.22 -0.94
N LYS E 76 39.06 5.76 -1.95
CA LYS E 76 39.77 6.64 -2.86
C LYS E 76 38.77 7.51 -3.57
N LEU E 77 37.63 6.94 -3.92
CA LEU E 77 36.59 7.68 -4.62
C LEU E 77 35.99 8.76 -3.71
N ILE E 78 35.61 8.36 -2.51
CA ILE E 78 35.10 9.33 -1.50
C ILE E 78 36.08 10.49 -1.28
N MET E 79 37.35 10.17 -1.16
CA MET E 79 38.38 11.18 -0.94
C MET E 79 38.45 12.14 -2.10
N LYS E 80 38.44 11.59 -3.31
CA LYS E 80 38.48 12.40 -4.50
C LYS E 80 37.23 13.29 -4.65
N THR E 81 36.09 12.72 -4.32
CA THR E 81 34.81 13.39 -4.42
C THR E 81 34.72 14.59 -3.50
N VAL E 82 35.20 14.44 -2.28
CA VAL E 82 35.23 15.54 -1.35
C VAL E 82 36.16 16.62 -1.88
N ASP E 83 37.31 16.22 -2.38
CA ASP E 83 38.27 17.18 -2.94
C ASP E 83 37.62 17.99 -4.05
N HIS E 84 36.89 17.30 -4.90
CA HIS E 84 36.22 17.94 -6.03
C HIS E 84 35.18 18.93 -5.53
N LEU E 85 34.45 18.54 -4.51
CA LEU E 85 33.49 19.43 -3.84
C LEU E 85 34.17 20.71 -3.31
N ILE E 86 35.24 20.52 -2.56
CA ILE E 86 36.02 21.65 -2.02
C ILE E 86 36.50 22.57 -3.15
N GLU E 87 36.82 21.99 -4.30
CA GLU E 87 37.27 22.76 -5.45
C GLU E 87 36.17 23.60 -6.04
N LYS E 88 34.93 23.23 -5.79
CA LYS E 88 33.79 23.99 -6.28
C LYS E 88 33.20 24.91 -5.22
N LYS E 89 34.00 25.24 -4.20
CA LYS E 89 33.52 26.05 -3.09
C LYS E 89 33.02 27.41 -3.55
N GLY E 90 33.84 28.10 -4.35
CA GLY E 90 33.49 29.39 -4.90
C GLY E 90 32.07 29.49 -5.47
N PRO E 91 31.80 28.75 -6.55
CA PRO E 91 30.46 28.73 -7.16
C PRO E 91 29.36 28.37 -6.18
N LEU E 92 29.62 27.39 -5.32
CA LEU E 92 28.59 26.90 -4.39
C LEU E 92 28.24 27.95 -3.36
N VAL E 93 29.27 28.61 -2.82
CA VAL E 93 29.05 29.65 -1.81
C VAL E 93 28.42 30.87 -2.48
N GLY E 94 28.92 31.18 -3.68
CA GLY E 94 28.33 32.22 -4.51
C GLY E 94 26.84 32.05 -4.75
N GLY E 95 26.42 30.81 -4.92
CA GLY E 95 25.01 30.48 -5.14
C GLY E 95 24.21 30.41 -3.86
N GLY E 96 24.90 30.59 -2.73
CA GLY E 96 24.26 30.56 -1.41
C GLY E 96 24.07 29.16 -0.83
N TYR E 97 24.84 28.20 -1.34
CA TYR E 97 24.68 26.79 -0.96
C TYR E 97 25.64 26.36 0.18
N GLY E 98 26.58 27.25 0.53
CA GLY E 98 27.55 26.99 1.60
C GLY E 98 26.94 26.31 2.82
N PRO E 99 26.00 27.00 3.50
CA PRO E 99 25.41 26.44 4.71
C PRO E 99 24.79 25.06 4.54
N GLN E 100 24.20 24.81 3.40
CA GLN E 100 23.58 23.54 3.13
C GLN E 100 24.59 22.42 2.91
N VAL E 101 25.69 22.77 2.27
CA VAL E 101 26.74 21.79 2.00
C VAL E 101 27.40 21.39 3.34
N LYS E 102 27.75 22.39 4.13
CA LYS E 102 28.18 22.15 5.50
C LYS E 102 27.38 21.05 6.14
N ALA E 103 26.10 21.39 6.30
CA ALA E 103 25.15 20.59 7.03
C ALA E 103 25.07 19.19 6.46
N SER E 104 25.09 19.13 5.12
CA SER E 104 24.95 17.85 4.43
C SER E 104 26.15 16.99 4.70
N LEU E 105 27.29 17.63 4.84
CA LEU E 105 28.52 16.93 5.15
C LEU E 105 28.53 16.45 6.59
N GLN E 106 28.00 17.26 7.47
CA GLN E 106 27.92 16.94 8.88
C GLN E 106 26.95 15.75 9.13
N LYS E 107 25.87 15.72 8.39
CA LYS E 107 24.96 14.55 8.40
C LYS E 107 25.60 13.31 7.83
N GLN E 108 26.47 13.50 6.86
CA GLN E 108 27.14 12.36 6.20
C GLN E 108 28.21 11.76 7.07
N ALA E 109 28.96 12.63 7.71
CA ALA E 109 29.98 12.20 8.63
C ALA E 109 29.40 11.31 9.73
N HIS E 110 28.23 11.69 10.22
CA HIS E 110 27.56 10.92 11.27
C HIS E 110 27.10 9.53 10.76
N ALA E 111 26.50 9.49 9.56
CA ALA E 111 26.02 8.21 8.98
C ALA E 111 27.19 7.31 8.71
N ALA E 112 28.29 7.92 8.25
CA ALA E 112 29.47 7.16 7.85
C ALA E 112 30.14 6.55 9.04
N VAL E 113 30.24 7.34 10.11
CA VAL E 113 30.79 6.85 11.36
C VAL E 113 30.02 5.65 11.91
N THR E 114 28.71 5.75 11.89
CA THR E 114 27.86 4.71 12.37
C THR E 114 27.94 3.43 11.52
N LEU E 115 28.02 3.60 10.21
CA LEU E 115 28.13 2.43 9.33
C LEU E 115 29.48 1.72 9.48
N SER E 116 30.53 2.49 9.67
CA SER E 116 31.87 1.92 9.71
C SER E 116 32.08 1.17 11.03
N GLU E 117 31.38 1.60 12.06
CA GLU E 117 31.41 0.92 13.34
C GLU E 117 30.73 -0.44 13.25
N LEU E 118 29.59 -0.46 12.58
CA LEU E 118 28.87 -1.69 12.40
C LEU E 118 29.68 -2.65 11.54
N VAL E 119 30.23 -2.14 10.46
CA VAL E 119 31.05 -2.94 9.56
C VAL E 119 32.29 -3.50 10.24
N SER E 120 32.98 -2.69 11.03
CA SER E 120 34.11 -3.17 11.81
C SER E 120 33.76 -4.34 12.70
N SER E 121 32.54 -4.34 13.23
CA SER E 121 32.08 -5.40 14.12
C SER E 121 31.86 -6.71 13.38
N LYS E 122 31.90 -6.65 12.06
CA LYS E 122 31.70 -7.84 11.22
C LYS E 122 32.99 -8.38 10.59
N VAL E 123 34.10 -7.67 10.77
CA VAL E 123 35.36 -8.14 10.29
C VAL E 123 36.15 -8.74 11.43
N PRO E 124 36.85 -9.86 11.17
CA PRO E 124 37.64 -10.48 12.22
C PRO E 124 38.67 -9.52 12.83
N SER E 125 38.92 -9.71 14.13
CA SER E 125 39.75 -8.76 14.88
C SER E 125 41.08 -8.48 14.16
N PRO E 126 41.81 -9.55 13.75
CA PRO E 126 43.14 -9.27 13.20
C PRO E 126 43.15 -8.17 12.16
N LEU E 127 41.98 -7.90 11.58
CA LEU E 127 41.86 -6.83 10.61
C LEU E 127 41.42 -5.53 11.19
N ALA E 128 41.10 -5.54 12.47
CA ALA E 128 40.58 -4.31 13.14
C ALA E 128 41.39 -3.01 12.83
N PRO E 129 42.73 -3.09 12.83
CA PRO E 129 43.48 -1.88 12.56
C PRO E 129 43.30 -1.38 11.13
N ILE E 130 43.01 -2.29 10.20
CA ILE E 130 42.82 -1.91 8.78
C ILE E 130 41.45 -1.24 8.57
N SER E 131 40.41 -1.79 9.17
CA SER E 131 39.11 -1.14 9.17
C SER E 131 39.21 0.25 9.72
N LYS E 132 39.93 0.37 10.81
CA LYS E 132 40.06 1.64 11.48
C LYS E 132 40.71 2.65 10.57
N GLN E 133 41.79 2.24 9.94
CA GLN E 133 42.51 3.13 9.06
C GLN E 133 41.63 3.55 7.90
N LEU E 134 40.92 2.58 7.33
CA LEU E 134 40.00 2.85 6.27
C LEU E 134 38.96 3.85 6.74
N SER E 135 38.34 3.59 7.88
CA SER E 135 37.30 4.48 8.40
C SER E 135 37.83 5.88 8.61
N ASP E 136 39.07 5.98 9.05
CA ASP E 136 39.64 7.28 9.44
C ASP E 136 39.85 8.09 8.21
N GLN E 137 40.17 7.42 7.13
CA GLN E 137 40.24 8.06 5.86
C GLN E 137 38.99 8.91 5.68
N VAL E 138 37.88 8.20 5.56
CA VAL E 138 36.58 8.76 5.21
C VAL E 138 36.23 9.89 6.18
N ALA E 139 36.42 9.61 7.47
CA ALA E 139 36.15 10.60 8.52
C ALA E 139 36.98 11.86 8.29
N GLN E 140 38.23 11.68 7.89
CA GLN E 140 39.17 12.82 7.77
C GLN E 140 38.82 13.65 6.59
N ALA E 141 38.39 12.98 5.54
CA ALA E 141 38.05 13.66 4.31
C ALA E 141 36.82 14.54 4.54
N LEU E 142 35.78 13.94 5.11
CA LEU E 142 34.56 14.65 5.38
C LEU E 142 34.86 15.83 6.25
N GLN E 143 35.69 15.62 7.25
CA GLN E 143 36.04 16.70 8.19
C GLN E 143 36.71 17.81 7.43
N LYS E 144 37.55 17.42 6.50
CA LYS E 144 38.27 18.36 5.69
C LYS E 144 37.30 19.18 4.88
N GLY E 145 36.23 18.53 4.43
CA GLY E 145 35.16 19.22 3.71
C GLY E 145 34.36 20.16 4.58
N ILE E 146 34.12 19.76 5.80
CA ILE E 146 33.32 20.54 6.76
C ILE E 146 34.05 21.83 7.13
N GLU E 147 35.35 21.73 7.38
CA GLU E 147 36.16 22.91 7.69
C GLU E 147 36.22 23.88 6.50
N ALA E 148 36.26 23.32 5.30
CA ALA E 148 36.33 24.17 4.09
C ALA E 148 35.06 24.97 3.87
N PHE E 149 33.95 24.49 4.38
CA PHE E 149 32.66 25.17 4.11
C PHE E 149 32.19 26.03 5.24
N SER E 150 33.14 26.79 5.84
CA SER E 150 32.83 27.75 6.93
C SER E 150 33.65 29.01 6.75
N ASN F 4 11.92 16.06 -4.19
CA ASN F 4 11.72 17.06 -3.08
C ASN F 4 10.31 16.96 -2.48
N VAL F 5 10.22 16.75 -1.17
CA VAL F 5 8.93 16.52 -0.51
C VAL F 5 8.05 17.75 -0.62
N PHE F 6 8.66 18.92 -0.46
CA PHE F 6 7.92 20.19 -0.55
C PHE F 6 7.42 20.44 -1.96
N LYS F 7 8.25 20.09 -2.92
CA LYS F 7 7.91 20.25 -4.33
C LYS F 7 6.77 19.35 -4.78
N LYS F 8 6.65 18.18 -4.14
CA LYS F 8 5.60 17.22 -4.51
C LYS F 8 4.29 17.64 -3.94
N VAL F 9 4.30 18.00 -2.67
CA VAL F 9 3.10 18.47 -2.02
C VAL F 9 2.52 19.63 -2.83
N LEU F 10 3.36 20.56 -3.17
CA LEU F 10 2.96 21.71 -3.95
C LEU F 10 2.35 21.29 -5.31
N GLU F 11 3.04 20.38 -6.01
CA GLU F 11 2.56 19.86 -7.28
C GLU F 11 1.22 19.21 -7.09
N ASN F 12 1.14 18.35 -6.08
CA ASN F 12 -0.10 17.66 -5.75
C ASN F 12 -1.25 18.61 -5.60
N ILE F 13 -1.03 19.65 -4.81
CA ILE F 13 -2.07 20.60 -4.53
C ILE F 13 -2.40 21.38 -5.80
N GLY F 14 -1.37 21.78 -6.54
CA GLY F 14 -1.54 22.55 -7.77
C GLY F 14 -2.33 21.82 -8.80
N ASN F 15 -2.03 20.52 -8.94
CA ASN F 15 -2.82 19.67 -9.86
C ASN F 15 -4.26 19.71 -9.54
N ALA F 16 -4.55 19.44 -8.28
CA ALA F 16 -5.91 19.32 -7.82
C ALA F 16 -6.64 20.61 -8.11
N VAL F 17 -5.98 21.73 -7.87
CA VAL F 17 -6.58 23.03 -8.07
C VAL F 17 -6.78 23.27 -9.56
N THR F 18 -5.80 22.88 -10.37
CA THR F 18 -5.88 23.02 -11.82
C THR F 18 -7.08 22.25 -12.35
N GLN F 19 -7.23 21.03 -11.85
CA GLN F 19 -8.34 20.17 -12.26
C GLN F 19 -9.66 20.84 -11.96
N PHE F 20 -9.79 21.33 -10.75
CA PHE F 20 -10.97 22.04 -10.34
C PHE F 20 -11.22 23.26 -11.23
N ASN F 21 -10.17 23.97 -11.58
CA ASN F 21 -10.30 25.21 -12.39
C ASN F 21 -10.79 24.93 -13.82
N ASN F 22 -10.22 23.90 -14.41
CA ASN F 22 -10.65 23.44 -15.75
C ASN F 22 -12.13 23.02 -15.78
N ASP F 23 -12.58 22.35 -14.75
CA ASP F 23 -13.98 21.94 -14.65
C ASP F 23 -14.92 23.15 -14.45
N ILE F 24 -14.54 24.06 -13.56
CA ILE F 24 -15.35 25.24 -13.27
C ILE F 24 -15.52 26.08 -14.53
N LEU F 25 -14.45 26.19 -15.30
CA LEU F 25 -14.48 26.94 -16.54
C LEU F 25 -15.38 26.27 -17.55
N ALA F 26 -15.37 24.95 -17.56
CA ALA F 26 -16.20 24.20 -18.46
C ALA F 26 -17.67 24.26 -18.02
N TYR F 27 -17.88 24.30 -16.74
CA TYR F 27 -19.25 24.19 -16.18
C TYR F 27 -20.16 25.33 -16.65
N THR F 28 -21.40 25.00 -17.00
CA THR F 28 -22.40 26.02 -17.42
C THR F 28 -23.74 25.83 -16.74
N GLY F 29 -23.82 24.85 -15.85
CA GLY F 29 -25.08 24.52 -15.18
C GLY F 29 -25.33 23.05 -14.99
N GLY F 30 -26.43 22.74 -14.34
CA GLY F 30 -26.89 21.39 -14.28
C GLY F 30 -26.18 20.67 -13.13
N ASP F 31 -25.41 19.64 -13.45
CA ASP F 31 -24.65 18.86 -12.46
C ASP F 31 -23.45 19.63 -11.91
N ALA F 32 -23.07 19.28 -10.66
CA ALA F 32 -21.85 19.78 -10.10
C ALA F 32 -21.10 18.79 -9.20
N ASN F 33 -21.64 17.61 -9.13
CA ASN F 33 -21.11 16.57 -8.32
C ASN F 33 -19.65 16.30 -8.55
N HIS F 34 -19.21 16.50 -9.78
CA HIS F 34 -17.78 16.36 -10.15
C HIS F 34 -16.91 17.53 -9.64
N LEU F 35 -17.51 18.71 -9.57
CA LEU F 35 -16.86 19.83 -8.90
C LEU F 35 -16.72 19.60 -7.45
N ILE F 36 -17.75 19.07 -6.80
CA ILE F 36 -17.67 18.80 -5.37
C ILE F 36 -16.58 17.76 -5.10
N HIS F 37 -16.40 16.85 -6.06
CA HIS F 37 -15.38 15.81 -5.96
C HIS F 37 -14.02 16.37 -6.20
N ASP F 38 -13.96 17.35 -7.07
CA ASP F 38 -12.73 18.14 -7.27
C ASP F 38 -12.30 18.88 -5.99
N GLY F 39 -13.26 19.55 -5.36
CA GLY F 39 -13.01 20.21 -4.07
C GLY F 39 -12.43 19.27 -3.01
N ASP F 40 -13.03 18.11 -2.88
CA ASP F 40 -12.57 17.12 -1.91
C ASP F 40 -11.16 16.70 -2.22
N ALA F 41 -10.83 16.59 -3.51
CA ALA F 41 -9.47 16.18 -3.94
C ALA F 41 -8.45 17.21 -3.56
N ILE F 42 -8.87 18.48 -3.55
CA ILE F 42 -8.01 19.55 -3.07
C ILE F 42 -7.79 19.44 -1.57
N ILE F 43 -8.87 19.27 -0.84
CA ILE F 43 -8.80 19.16 0.65
C ILE F 43 -7.92 17.98 1.05
N LYS F 44 -8.09 16.88 0.34
CA LYS F 44 -7.30 15.67 0.60
C LYS F 44 -5.79 15.90 0.35
N ALA F 45 -5.49 16.61 -0.72
CA ALA F 45 -4.11 16.96 -1.06
C ALA F 45 -3.51 17.90 -0.05
N THR F 46 -4.34 18.77 0.51
CA THR F 46 -3.90 19.72 1.53
C THR F 46 -3.62 19.00 2.86
N GLU F 47 -4.50 18.07 3.22
CA GLU F 47 -4.35 17.28 4.45
C GLU F 47 -3.18 16.35 4.35
N ASN F 48 -3.00 15.77 3.16
CA ASN F 48 -1.81 14.92 2.91
C ASN F 48 -0.53 15.71 3.06
N GLY F 49 -0.54 16.94 2.59
CA GLY F 49 0.58 17.83 2.76
C GLY F 49 0.97 18.05 4.20
N LEU F 50 -0.03 18.21 5.02
CA LEU F 50 0.14 18.45 6.44
C LEU F 50 0.86 17.27 7.17
N GLN F 51 0.55 16.07 6.75
CA GLN F 51 1.19 14.89 7.27
C GLN F 51 2.63 14.73 6.76
N GLU F 52 2.84 14.98 5.46
CA GLU F 52 4.15 14.71 4.81
C GLU F 52 5.17 15.74 5.23
N LEU F 53 4.72 16.97 5.44
CA LEU F 53 5.63 18.08 5.73
C LEU F 53 5.87 18.27 7.22
N GLY F 54 4.91 17.84 8.02
CA GLY F 54 5.00 17.91 9.48
C GLY F 54 6.37 17.55 10.05
N PRO F 55 6.85 16.33 9.78
CA PRO F 55 8.12 15.89 10.38
C PRO F 55 9.38 16.42 9.68
N GLN F 56 9.21 17.19 8.62
CA GLN F 56 10.31 17.64 7.82
C GLN F 56 11.18 18.66 8.57
N PRO F 57 12.50 18.64 8.30
CA PRO F 57 13.38 19.70 8.84
C PRO F 57 13.21 21.00 8.06
N PRO F 58 13.46 22.15 8.73
CA PRO F 58 13.28 23.40 8.03
C PRO F 58 14.15 23.47 6.80
N LEU F 59 13.72 24.26 5.83
CA LEU F 59 14.43 24.43 4.55
C LEU F 59 15.57 25.35 4.69
N SER F 60 16.56 25.13 3.82
CA SER F 60 17.67 26.00 3.75
C SER F 60 17.32 27.16 2.88
N LEU F 61 17.96 28.30 3.18
CA LEU F 61 17.67 29.53 2.50
C LEU F 61 17.60 29.27 1.02
N THR F 62 18.53 28.48 0.51
CA THR F 62 18.61 28.23 -0.87
C THR F 62 17.56 27.25 -1.28
N GLU F 63 17.11 26.46 -0.31
CA GLU F 63 16.05 25.47 -0.54
C GLU F 63 14.69 26.13 -0.76
N ALA F 64 14.38 27.05 0.12
CA ALA F 64 13.13 27.80 0.07
C ALA F 64 13.06 28.75 -1.15
N LEU F 65 14.17 29.40 -1.48
CA LEU F 65 14.24 30.29 -2.66
C LEU F 65 13.84 29.58 -3.91
N ALA F 66 14.20 28.32 -4.00
CA ALA F 66 13.97 27.52 -5.21
C ALA F 66 12.48 27.21 -5.38
N LEU F 67 11.71 27.41 -4.31
CA LEU F 67 10.31 27.11 -4.29
C LEU F 67 9.45 28.36 -4.47
N VAL F 68 10.07 29.53 -4.31
CA VAL F 68 9.34 30.78 -4.29
C VAL F 68 8.53 30.92 -5.56
N GLY F 69 9.19 30.75 -6.68
CA GLY F 69 8.54 30.83 -7.98
C GLY F 69 7.35 29.91 -8.09
N PRO F 70 7.56 28.62 -7.79
CA PRO F 70 6.48 27.67 -7.90
C PRO F 70 5.32 27.97 -6.97
N VAL F 71 5.60 28.40 -5.76
CA VAL F 71 4.52 28.76 -4.82
C VAL F 71 3.71 29.95 -5.32
N GLN F 72 4.39 30.95 -5.87
CA GLN F 72 3.72 32.15 -6.46
C GLN F 72 2.79 31.73 -7.56
N GLY F 73 3.25 30.80 -8.38
CA GLY F 73 2.46 30.30 -9.45
C GLY F 73 1.16 29.65 -9.01
N VAL F 74 1.24 28.84 -7.95
CA VAL F 74 0.05 28.17 -7.41
C VAL F 74 -0.90 29.17 -6.74
N ASN F 75 -0.33 30.19 -6.13
CA ASN F 75 -1.12 31.24 -5.52
C ASN F 75 -1.98 31.89 -6.54
N LYS F 76 -1.34 32.26 -7.61
CA LYS F 76 -2.03 32.95 -8.68
C LYS F 76 -3.17 32.10 -9.16
N LEU F 77 -2.90 30.80 -9.29
CA LEU F 77 -3.86 29.85 -9.77
C LEU F 77 -5.06 29.77 -8.82
N ILE F 78 -4.80 29.65 -7.53
CA ILE F 78 -5.86 29.64 -6.51
C ILE F 78 -6.75 30.85 -6.64
N MET F 79 -6.13 32.00 -6.76
CA MET F 79 -6.89 33.27 -6.86
C MET F 79 -7.83 33.28 -8.04
N LYS F 80 -7.28 32.90 -9.19
CA LYS F 80 -8.06 32.85 -10.40
C LYS F 80 -9.18 31.84 -10.30
N THR F 81 -8.88 30.71 -9.69
CA THR F 81 -9.85 29.61 -9.58
C THR F 81 -11.06 30.01 -8.74
N VAL F 82 -10.81 30.66 -7.63
CA VAL F 82 -11.89 31.13 -6.81
C VAL F 82 -12.72 32.11 -7.63
N ASP F 83 -12.06 33.00 -8.35
CA ASP F 83 -12.78 34.04 -9.11
C ASP F 83 -13.70 33.36 -10.12
N HIS F 84 -13.19 32.32 -10.77
CA HIS F 84 -13.97 31.58 -11.75
C HIS F 84 -15.18 30.92 -11.09
N LEU F 85 -14.99 30.41 -9.89
CA LEU F 85 -16.08 29.78 -9.10
C LEU F 85 -17.17 30.80 -8.79
N ILE F 86 -16.74 31.98 -8.35
CA ILE F 86 -17.67 33.09 -8.03
C ILE F 86 -18.45 33.53 -9.28
N GLU F 87 -17.79 33.47 -10.44
CA GLU F 87 -18.44 33.78 -11.69
C GLU F 87 -19.55 32.76 -12.05
N LYS F 88 -19.44 31.55 -11.51
CA LYS F 88 -20.44 30.52 -11.80
C LYS F 88 -21.43 30.39 -10.69
N LYS F 89 -21.57 31.43 -9.89
CA LYS F 89 -22.50 31.42 -8.75
C LYS F 89 -23.95 31.14 -9.17
N GLY F 90 -24.44 31.89 -10.15
CA GLY F 90 -25.80 31.72 -10.66
C GLY F 90 -26.19 30.26 -10.90
N PRO F 91 -25.51 29.59 -11.84
CA PRO F 91 -25.80 28.19 -12.15
C PRO F 91 -25.75 27.28 -10.93
N LEU F 92 -24.77 27.51 -10.08
CA LEU F 92 -24.49 26.61 -8.95
C LEU F 92 -25.58 26.72 -7.90
N VAL F 93 -26.03 27.94 -7.66
CA VAL F 93 -27.11 28.20 -6.69
C VAL F 93 -28.41 27.74 -7.28
N GLY F 94 -28.61 28.03 -8.56
CA GLY F 94 -29.72 27.52 -9.32
C GLY F 94 -29.86 26.01 -9.25
N GLY F 95 -28.73 25.30 -9.23
CA GLY F 95 -28.74 23.82 -9.12
C GLY F 95 -28.86 23.32 -7.68
N GLY F 96 -28.89 24.26 -6.74
CA GLY F 96 -29.05 23.95 -5.34
C GLY F 96 -27.74 23.55 -4.69
N TYR F 97 -26.63 23.99 -5.29
CA TYR F 97 -25.28 23.61 -4.81
C TYR F 97 -24.67 24.65 -3.90
N GLY F 98 -25.33 25.82 -3.79
CA GLY F 98 -24.84 26.91 -2.92
C GLY F 98 -24.31 26.42 -1.55
N PRO F 99 -25.19 25.85 -0.71
CA PRO F 99 -24.78 25.42 0.63
C PRO F 99 -23.58 24.48 0.64
N GLN F 100 -23.45 23.62 -0.38
CA GLN F 100 -22.29 22.66 -0.47
C GLN F 100 -20.97 23.32 -0.86
N VAL F 101 -21.06 24.25 -1.80
CA VAL F 101 -19.91 25.03 -2.19
C VAL F 101 -19.43 25.85 -1.01
N LYS F 102 -20.34 26.54 -0.35
CA LYS F 102 -20.01 27.25 0.87
C LYS F 102 -19.28 26.38 1.86
N ALA F 103 -19.74 25.14 2.03
CA ALA F 103 -19.21 24.25 3.09
C ALA F 103 -17.87 23.69 2.73
N SER F 104 -17.70 23.38 1.45
CA SER F 104 -16.43 22.90 0.93
C SER F 104 -15.28 23.99 0.95
N LEU F 105 -15.65 25.23 0.66
CA LEU F 105 -14.75 26.37 0.82
C LEU F 105 -14.31 26.57 2.30
N GLN F 106 -15.29 26.52 3.21
CA GLN F 106 -15.00 26.65 4.63
C GLN F 106 -14.01 25.61 5.11
N LYS F 107 -14.24 24.36 4.70
CA LYS F 107 -13.37 23.26 5.02
C LYS F 107 -12.02 23.49 4.40
N GLN F 108 -12.01 24.11 3.23
CA GLN F 108 -10.75 24.41 2.52
C GLN F 108 -9.97 25.51 3.20
N ALA F 109 -10.68 26.51 3.65
CA ALA F 109 -10.06 27.64 4.30
C ALA F 109 -9.34 27.19 5.58
N HIS F 110 -9.95 26.28 6.32
CA HIS F 110 -9.35 25.75 7.54
CA HIS F 110 -9.34 25.72 7.54
C HIS F 110 -8.08 24.95 7.23
N ALA F 111 -8.19 24.06 6.28
CA ALA F 111 -7.08 23.22 5.93
C ALA F 111 -5.94 24.08 5.46
N ALA F 112 -6.27 25.12 4.67
CA ALA F 112 -5.24 25.99 4.05
C ALA F 112 -4.52 26.78 5.12
N VAL F 113 -5.28 27.31 6.07
CA VAL F 113 -4.67 28.10 7.11
C VAL F 113 -3.70 27.27 7.90
N THR F 114 -4.13 26.07 8.25
CA THR F 114 -3.32 25.18 9.04
C THR F 114 -2.03 24.79 8.30
N LEU F 115 -2.16 24.53 7.01
CA LEU F 115 -1.01 24.09 6.22
C LEU F 115 -0.02 25.21 6.07
N SER F 116 -0.51 26.43 5.98
CA SER F 116 0.37 27.56 5.73
C SER F 116 1.14 27.91 7.00
N GLU F 117 0.56 27.63 8.14
CA GLU F 117 1.27 27.84 9.40
C GLU F 117 2.41 26.90 9.57
N LEU F 118 2.14 25.63 9.31
CA LEU F 118 3.16 24.64 9.36
C LEU F 118 4.30 24.97 8.40
N VAL F 119 3.93 25.35 7.18
CA VAL F 119 4.92 25.66 6.16
C VAL F 119 5.80 26.83 6.57
N SER F 120 5.19 27.89 7.07
CA SER F 120 5.97 29.07 7.52
C SER F 120 7.02 28.65 8.52
N SER F 121 6.68 27.64 9.33
CA SER F 121 7.57 27.19 10.39
C SER F 121 8.76 26.47 9.84
N LYS F 122 8.74 26.24 8.54
CA LYS F 122 9.81 25.51 7.89
C LYS F 122 10.68 26.42 7.01
N VAL F 123 10.29 27.67 6.86
CA VAL F 123 11.08 28.60 6.01
C VAL F 123 11.87 29.53 6.87
N PRO F 124 13.11 29.88 6.43
CA PRO F 124 13.95 30.74 7.27
C PRO F 124 13.31 32.08 7.50
N SER F 125 13.58 32.64 8.66
CA SER F 125 12.85 33.77 9.20
C SER F 125 12.90 35.03 8.30
N PRO F 126 14.01 35.25 7.57
CA PRO F 126 14.02 36.38 6.65
C PRO F 126 12.90 36.34 5.61
N LEU F 127 12.45 35.14 5.26
CA LEU F 127 11.37 34.98 4.27
C LEU F 127 9.99 34.97 4.89
N ALA F 128 9.93 34.94 6.21
CA ALA F 128 8.66 34.83 6.92
C ALA F 128 7.57 35.80 6.41
N PRO F 129 7.92 37.10 6.21
CA PRO F 129 6.87 38.04 5.81
C PRO F 129 6.27 37.72 4.43
N ILE F 130 7.07 37.11 3.57
CA ILE F 130 6.61 36.74 2.23
C ILE F 130 5.64 35.54 2.26
N SER F 131 6.02 34.50 3.03
CA SER F 131 5.10 33.33 3.22
C SER F 131 3.80 33.77 3.91
N LYS F 132 3.89 34.77 4.78
CA LYS F 132 2.70 35.33 5.42
C LYS F 132 1.78 36.09 4.43
N GLN F 133 2.38 36.93 3.61
CA GLN F 133 1.64 37.61 2.59
C GLN F 133 0.96 36.62 1.63
N LEU F 134 1.70 35.59 1.26
CA LEU F 134 1.19 34.59 0.31
C LEU F 134 0.01 33.86 0.95
N SER F 135 0.15 33.48 2.19
CA SER F 135 -0.93 32.78 2.93
C SER F 135 -2.15 33.63 3.07
N ASP F 136 -1.95 34.92 3.30
CA ASP F 136 -3.10 35.85 3.52
C ASP F 136 -3.89 36.03 2.22
N GLN F 137 -3.18 36.02 1.10
CA GLN F 137 -3.80 36.05 -0.20
C GLN F 137 -4.76 34.88 -0.44
N VAL F 138 -4.32 33.68 -0.08
CA VAL F 138 -5.15 32.48 -0.19
C VAL F 138 -6.32 32.59 0.75
N ALA F 139 -6.05 33.01 1.99
CA ALA F 139 -7.09 33.15 3.02
C ALA F 139 -8.14 34.21 2.62
N GLN F 140 -7.69 35.34 2.09
CA GLN F 140 -8.62 36.42 1.59
C GLN F 140 -9.45 35.98 0.36
N ALA F 141 -8.84 35.19 -0.53
CA ALA F 141 -9.56 34.69 -1.72
C ALA F 141 -10.68 33.71 -1.32
N LEU F 142 -10.35 32.75 -0.47
CA LEU F 142 -11.33 31.77 -0.01
C LEU F 142 -12.45 32.45 0.74
N GLN F 143 -12.10 33.38 1.59
CA GLN F 143 -13.11 34.18 2.31
C GLN F 143 -14.04 34.87 1.34
N LYS F 144 -13.45 35.47 0.32
CA LYS F 144 -14.18 36.16 -0.71
C LYS F 144 -15.19 35.20 -1.34
N GLY F 145 -14.78 33.93 -1.49
CA GLY F 145 -15.63 32.90 -2.08
C GLY F 145 -16.74 32.51 -1.14
N ILE F 146 -16.43 32.47 0.15
CA ILE F 146 -17.39 32.06 1.19
C ILE F 146 -18.53 33.06 1.32
N GLU F 147 -18.20 34.35 1.26
CA GLU F 147 -19.24 35.44 1.38
C GLU F 147 -20.13 35.56 0.10
N ALA F 148 -19.50 35.40 -1.06
CA ALA F 148 -20.23 35.29 -2.32
C ALA F 148 -21.26 34.19 -2.30
N PHE F 149 -20.95 33.10 -1.60
CA PHE F 149 -21.81 31.91 -1.58
C PHE F 149 -22.51 31.84 -0.23
N ARG G 1 20.18 54.00 23.43
CA ARG G 1 18.95 54.51 24.08
C ARG G 1 18.49 53.52 25.17
N ASP G 2 17.45 53.90 25.90
CA ASP G 2 16.85 53.06 26.92
C ASP G 2 16.26 51.86 26.25
N VAL G 3 15.49 52.16 25.23
CA VAL G 3 14.71 51.17 24.54
C VAL G 3 15.49 49.91 24.23
N ASN G 4 16.75 50.09 23.93
CA ASN G 4 17.51 49.00 23.39
C ASN G 4 17.54 47.83 24.31
N VAL G 5 17.57 48.06 25.62
CA VAL G 5 17.59 46.94 26.57
C VAL G 5 16.25 46.23 26.56
N PHE G 6 15.19 47.01 26.37
CA PHE G 6 13.84 46.46 26.26
C PHE G 6 13.64 45.70 24.96
N LYS G 7 14.15 46.25 23.86
CA LYS G 7 14.06 45.59 22.56
C LYS G 7 14.84 44.24 22.50
N LYS G 8 15.93 44.12 23.27
CA LYS G 8 16.71 42.81 23.32
C LYS G 8 15.95 41.80 24.06
N VAL G 9 15.57 42.15 25.28
CA VAL G 9 14.84 41.21 26.12
C VAL G 9 13.70 40.63 25.28
N LEU G 10 13.03 41.50 24.54
CA LEU G 10 11.94 41.09 23.68
C LEU G 10 12.41 40.04 22.72
N GLU G 11 13.47 40.40 22.01
CA GLU G 11 14.02 39.54 20.94
C GLU G 11 14.45 38.22 21.51
N ASN G 12 15.10 38.28 22.66
CA ASN G 12 15.50 37.06 23.39
C ASN G 12 14.33 36.16 23.69
N ILE G 13 13.26 36.72 24.24
CA ILE G 13 12.08 35.96 24.58
C ILE G 13 11.38 35.44 23.32
N GLY G 14 11.26 36.31 22.32
CA GLY G 14 10.69 35.92 21.02
C GLY G 14 11.41 34.77 20.35
N ASN G 15 12.73 34.82 20.34
CA ASN G 15 13.55 33.75 19.76
C ASN G 15 13.28 32.42 20.43
N ALA G 16 13.24 32.44 21.75
CA ALA G 16 13.01 31.24 22.52
C ALA G 16 11.63 30.67 22.19
N VAL G 17 10.66 31.55 22.05
CA VAL G 17 9.29 31.14 21.79
C VAL G 17 9.18 30.61 20.37
N THR G 18 9.84 31.27 19.43
CA THR G 18 9.90 30.80 18.03
C THR G 18 10.47 29.38 17.97
N GLN G 19 11.53 29.14 18.72
CA GLN G 19 12.20 27.86 18.70
C GLN G 19 11.22 26.81 19.16
N PHE G 20 10.53 27.10 20.24
CA PHE G 20 9.59 26.20 20.82
C PHE G 20 8.47 25.89 19.85
N ASN G 21 8.00 26.93 19.19
CA ASN G 21 6.92 26.80 18.22
C ASN G 21 7.32 25.87 17.07
N ASN G 22 8.53 26.06 16.56
CA ASN G 22 9.04 25.28 15.44
C ASN G 22 9.13 23.81 15.82
N ASP G 23 9.58 23.55 17.03
CA ASP G 23 9.68 22.17 17.55
C ASP G 23 8.27 21.54 17.79
N ILE G 24 7.35 22.31 18.34
CA ILE G 24 5.99 21.81 18.60
C ILE G 24 5.30 21.46 17.28
N LEU G 25 5.52 22.28 16.27
CA LEU G 25 4.93 22.05 14.95
C LEU G 25 5.51 20.78 14.27
N ALA G 26 6.80 20.55 14.50
CA ALA G 26 7.49 19.38 13.95
C ALA G 26 7.12 18.11 14.70
N TYR G 27 6.68 18.27 15.95
CA TYR G 27 6.49 17.14 16.89
C TYR G 27 5.25 16.37 16.52
N THR G 28 5.37 15.03 16.47
CA THR G 28 4.22 14.15 16.13
C THR G 28 4.03 13.04 17.15
N GLY G 29 4.83 13.06 18.23
CA GLY G 29 4.85 11.98 19.18
C GLY G 29 6.26 11.61 19.57
N GLY G 30 6.37 10.81 20.63
CA GLY G 30 7.63 10.27 21.06
C GLY G 30 8.30 11.15 22.06
N ASP G 31 9.62 11.13 22.07
CA ASP G 31 10.37 11.84 23.07
C ASP G 31 10.18 13.36 22.94
N ALA G 32 9.81 13.98 24.03
CA ALA G 32 9.50 15.39 24.08
C ALA G 32 10.43 16.04 25.12
N ASN G 33 11.65 15.53 25.26
CA ASN G 33 12.72 16.21 26.04
C ASN G 33 13.05 17.57 25.50
N HIS G 34 13.36 17.58 24.23
CA HIS G 34 13.82 18.78 23.57
C HIS G 34 12.78 19.88 23.65
N LEU G 35 11.51 19.52 23.94
CA LEU G 35 10.44 20.53 24.18
C LEU G 35 10.49 21.02 25.62
N ILE G 36 10.85 20.14 26.54
CA ILE G 36 11.06 20.55 27.92
C ILE G 36 12.24 21.51 28.02
N HIS G 37 13.29 21.23 27.24
CA HIS G 37 14.46 22.16 27.15
C HIS G 37 14.08 23.47 26.46
N ASP G 38 13.35 23.39 25.34
CA ASP G 38 12.84 24.58 24.66
C ASP G 38 11.98 25.44 25.61
N GLY G 39 11.26 24.78 26.54
CA GLY G 39 10.39 25.48 27.53
C GLY G 39 11.18 26.14 28.65
N ASP G 40 12.23 25.45 29.10
CA ASP G 40 13.16 26.00 30.09
C ASP G 40 13.87 27.24 29.56
N ALA G 41 14.28 27.20 28.30
CA ALA G 41 14.91 28.33 27.64
C ALA G 41 14.00 29.58 27.65
N ILE G 42 12.68 29.37 27.55
CA ILE G 42 11.71 30.49 27.57
C ILE G 42 11.58 31.06 28.96
N ILE G 43 11.27 30.18 29.91
CA ILE G 43 11.07 30.59 31.27
C ILE G 43 12.28 31.20 31.82
N LYS G 44 13.45 30.88 31.23
CA LYS G 44 14.74 31.54 31.56
C LYS G 44 14.75 32.92 31.04
N ALA G 45 14.70 33.00 29.70
CA ALA G 45 14.73 34.28 28.99
C ALA G 45 13.81 35.28 29.63
N THR G 46 12.74 34.77 30.26
CA THR G 46 11.77 35.60 30.98
C THR G 46 12.33 36.08 32.32
N GLU G 47 12.99 35.19 33.02
CA GLU G 47 13.67 35.54 34.26
C GLU G 47 14.83 36.48 34.02
N ASN G 48 15.59 36.23 32.98
CA ASN G 48 16.68 37.12 32.65
C ASN G 48 16.13 38.52 32.44
N GLY G 49 15.06 38.60 31.67
CA GLY G 49 14.45 39.86 31.39
C GLY G 49 14.16 40.61 32.65
N LEU G 50 13.71 39.88 33.68
CA LEU G 50 13.41 40.47 34.97
C LEU G 50 14.61 41.12 35.57
N GLN G 51 15.77 40.62 35.20
CA GLN G 51 16.99 41.11 35.83
C GLN G 51 17.62 42.28 35.08
N GLU G 52 17.54 42.22 33.77
CA GLU G 52 18.05 43.28 32.92
C GLU G 52 17.18 44.52 32.98
N LEU G 53 15.87 44.33 33.14
CA LEU G 53 14.93 45.46 33.09
C LEU G 53 14.68 46.06 34.47
N GLY G 54 14.84 45.26 35.51
CA GLY G 54 14.63 45.69 36.87
C GLY G 54 15.19 47.06 37.19
N PRO G 55 16.48 47.28 36.91
CA PRO G 55 17.11 48.54 37.32
C PRO G 55 16.92 49.66 36.32
N GLN G 56 16.21 49.38 35.25
CA GLN G 56 16.07 50.35 34.15
C GLN G 56 15.15 51.47 34.51
N PRO G 57 15.50 52.66 34.03
CA PRO G 57 14.65 53.82 34.21
C PRO G 57 13.39 53.73 33.33
N PRO G 58 12.27 54.31 33.82
CA PRO G 58 11.06 54.25 33.03
C PRO G 58 11.26 54.84 31.65
N LEU G 59 10.49 54.35 30.71
CA LEU G 59 10.53 54.84 29.33
C LEU G 59 9.79 56.15 29.17
N SER G 60 10.17 56.89 28.16
CA SER G 60 9.38 58.02 27.71
C SER G 60 8.16 57.51 26.93
N LEU G 61 7.11 58.30 26.92
CA LEU G 61 5.95 58.04 26.08
C LEU G 61 6.30 57.56 24.67
N THR G 62 7.13 58.31 23.96
CA THR G 62 7.43 57.97 22.57
C THR G 62 8.31 56.69 22.50
N GLU G 63 9.08 56.45 23.54
CA GLU G 63 9.96 55.27 23.61
C GLU G 63 9.11 54.01 23.73
N ALA G 64 8.13 54.08 24.63
CA ALA G 64 7.24 52.96 24.90
C ALA G 64 6.31 52.66 23.72
N LEU G 65 5.86 53.72 23.07
CA LEU G 65 5.05 53.58 21.84
C LEU G 65 5.79 52.83 20.75
N ALA G 66 7.08 53.08 20.63
CA ALA G 66 7.90 52.44 19.61
C ALA G 66 8.01 50.93 19.83
N LEU G 67 7.64 50.47 21.01
CA LEU G 67 7.79 49.06 21.39
C LEU G 67 6.46 48.32 21.32
N VAL G 68 5.37 49.06 21.24
CA VAL G 68 4.05 48.48 21.22
C VAL G 68 3.91 47.47 20.08
N GLY G 69 4.27 47.88 18.88
CA GLY G 69 4.22 46.99 17.72
C GLY G 69 4.99 45.69 17.94
N PRO G 70 6.26 45.80 18.34
CA PRO G 70 7.07 44.59 18.56
C PRO G 70 6.53 43.64 19.65
N VAL G 71 6.03 44.20 20.74
CA VAL G 71 5.39 43.40 21.77
C VAL G 71 4.16 42.67 21.25
N GLN G 72 3.37 43.38 20.44
CA GLN G 72 2.20 42.79 19.81
C GLN G 72 2.59 41.62 18.96
N GLY G 73 3.70 41.76 18.27
CA GLY G 73 4.18 40.72 17.38
C GLY G 73 4.55 39.46 18.11
N VAL G 74 5.18 39.62 19.25
CA VAL G 74 5.56 38.48 20.09
C VAL G 74 4.32 37.88 20.77
N ASN G 75 3.37 38.72 21.08
CA ASN G 75 2.14 38.32 21.70
C ASN G 75 1.30 37.45 20.78
N LYS G 76 1.28 37.82 19.51
CA LYS G 76 0.69 36.99 18.49
C LYS G 76 1.36 35.64 18.42
N LEU G 77 2.65 35.66 18.49
CA LEU G 77 3.43 34.45 18.39
C LEU G 77 3.16 33.53 19.58
N ILE G 78 3.22 34.08 20.77
CA ILE G 78 2.87 33.32 22.01
C ILE G 78 1.50 32.67 21.89
N MET G 79 0.52 33.42 21.41
CA MET G 79 -0.81 32.90 21.26
C MET G 79 -0.84 31.70 20.33
N LYS G 80 -0.18 31.83 19.20
CA LYS G 80 -0.16 30.78 18.20
C LYS G 80 0.56 29.57 18.69
N THR G 81 1.58 29.80 19.51
CA THR G 81 2.43 28.75 20.01
C THR G 81 1.69 27.89 21.02
N VAL G 82 0.92 28.53 21.88
CA VAL G 82 0.13 27.82 22.83
C VAL G 82 -0.90 26.99 22.09
N ASP G 83 -1.58 27.61 21.14
CA ASP G 83 -2.55 26.88 20.33
C ASP G 83 -1.92 25.59 19.74
N HIS G 84 -0.72 25.73 19.21
CA HIS G 84 -0.05 24.61 18.58
C HIS G 84 0.23 23.53 19.60
N LEU G 85 0.57 23.95 20.79
CA LEU G 85 0.85 23.03 21.90
C LEU G 85 -0.40 22.27 22.25
N ILE G 86 -1.51 23.00 22.34
CA ILE G 86 -2.83 22.38 22.65
C ILE G 86 -3.22 21.38 21.56
N GLU G 87 -2.83 21.68 20.32
CA GLU G 87 -3.09 20.78 19.19
C GLU G 87 -2.17 19.55 19.17
N LYS G 88 -1.22 19.49 20.09
CA LYS G 88 -0.40 18.30 20.25
C LYS G 88 -0.63 17.61 21.57
N LYS G 89 -1.77 17.89 22.17
CA LYS G 89 -2.13 17.31 23.44
C LYS G 89 -2.07 15.78 23.39
N GLY G 90 -2.75 15.19 22.41
CA GLY G 90 -2.84 13.73 22.30
C GLY G 90 -1.48 13.05 22.44
N PRO G 91 -0.56 13.33 21.53
CA PRO G 91 0.78 12.73 21.54
C PRO G 91 1.50 12.97 22.84
N LEU G 92 1.35 14.17 23.40
CA LEU G 92 2.10 14.56 24.60
C LEU G 92 1.60 13.83 25.82
N VAL G 93 0.29 13.77 25.96
CA VAL G 93 -0.30 13.01 27.04
C VAL G 93 0.00 11.51 26.86
N GLY G 94 -0.09 11.06 25.61
CA GLY G 94 0.21 9.67 25.27
C GLY G 94 1.62 9.27 25.67
N GLY G 95 2.54 10.23 25.60
CA GLY G 95 3.95 10.01 25.98
C GLY G 95 4.17 10.21 27.46
N GLY G 96 3.11 10.56 28.17
CA GLY G 96 3.16 10.72 29.62
C GLY G 96 3.71 12.07 30.05
N TYR G 97 3.54 13.08 29.21
CA TYR G 97 4.13 14.42 29.44
C TYR G 97 3.12 15.43 29.99
N GLY G 98 1.84 15.05 29.93
CA GLY G 98 0.74 15.92 30.36
C GLY G 98 1.00 16.70 31.62
N PRO G 99 1.49 16.01 32.64
CA PRO G 99 1.66 16.66 33.96
C PRO G 99 2.78 17.64 33.96
N GLN G 100 3.84 17.30 33.24
CA GLN G 100 4.99 18.23 33.08
C GLN G 100 4.64 19.46 32.29
N VAL G 101 3.93 19.29 31.19
CA VAL G 101 3.51 20.43 30.40
C VAL G 101 2.64 21.35 31.27
N LYS G 102 1.65 20.77 31.96
CA LYS G 102 0.76 21.56 32.83
C LYS G 102 1.56 22.37 33.81
N ALA G 103 2.55 21.76 34.41
CA ALA G 103 3.33 22.43 35.45
C ALA G 103 4.20 23.54 34.83
N SER G 104 4.85 23.21 33.71
CA SER G 104 5.69 24.16 33.02
C SER G 104 4.92 25.40 32.65
N LEU G 105 3.70 25.20 32.19
CA LEU G 105 2.83 26.30 31.79
C LEU G 105 2.54 27.10 33.01
N GLN G 106 2.34 26.42 34.14
CA GLN G 106 1.98 27.12 35.40
C GLN G 106 3.13 27.95 35.84
N LYS G 107 4.32 27.43 35.62
CA LYS G 107 5.57 28.12 35.96
C LYS G 107 5.80 29.28 35.01
N GLN G 108 5.39 29.11 33.77
CA GLN G 108 5.49 30.18 32.77
C GLN G 108 4.51 31.30 32.99
N ALA G 109 3.31 30.95 33.45
CA ALA G 109 2.26 31.95 33.68
C ALA G 109 2.67 32.85 34.80
N HIS G 110 3.34 32.27 35.81
CA HIS G 110 3.84 33.06 36.96
C HIS G 110 4.99 34.00 36.58
N ALA G 111 5.96 33.49 35.82
CA ALA G 111 7.07 34.33 35.31
C ALA G 111 6.55 35.46 34.43
N ALA G 112 5.58 35.16 33.58
CA ALA G 112 5.05 36.11 32.60
C ALA G 112 4.30 37.23 33.32
N VAL G 113 3.49 36.85 34.30
CA VAL G 113 2.73 37.81 35.09
C VAL G 113 3.68 38.78 35.80
N THR G 114 4.79 38.23 36.32
CA THR G 114 5.75 39.01 37.06
C THR G 114 6.48 39.96 36.13
N LEU G 115 6.83 39.48 34.95
CA LEU G 115 7.58 40.28 34.02
C LEU G 115 6.73 41.40 33.50
N SER G 116 5.50 41.09 33.21
CA SER G 116 4.60 42.11 32.70
C SER G 116 4.35 43.19 33.73
N GLU G 117 4.31 42.82 34.99
CA GLU G 117 4.11 43.84 36.05
C GLU G 117 5.29 44.79 36.10
N LEU G 118 6.48 44.23 36.04
CA LEU G 118 7.68 45.01 36.12
C LEU G 118 7.72 45.94 34.92
N VAL G 119 7.39 45.41 33.76
CA VAL G 119 7.39 46.18 32.54
C VAL G 119 6.36 47.31 32.60
N SER G 120 5.18 47.04 33.16
CA SER G 120 4.11 48.07 33.27
C SER G 120 4.56 49.22 34.15
N SER G 121 5.39 48.92 35.13
CA SER G 121 5.97 49.95 36.01
C SER G 121 6.99 50.86 35.31
N LYS G 122 7.36 50.51 34.09
CA LYS G 122 8.36 51.29 33.35
C LYS G 122 7.71 52.10 32.21
N VAL G 123 6.41 51.89 31.98
CA VAL G 123 5.72 52.61 30.92
C VAL G 123 4.87 53.73 31.53
N PRO G 124 4.87 54.91 30.87
CA PRO G 124 4.04 56.00 31.33
C PRO G 124 2.52 55.64 31.45
N SER G 125 1.87 56.23 32.44
CA SER G 125 0.50 55.86 32.84
C SER G 125 -0.56 56.00 31.73
N PRO G 126 -0.39 56.96 30.82
CA PRO G 126 -1.36 57.04 29.72
C PRO G 126 -1.45 55.74 28.94
N LEU G 127 -0.37 54.96 28.95
CA LEU G 127 -0.34 53.71 28.19
C LEU G 127 -0.78 52.53 29.01
N ALA G 128 -1.09 52.77 30.26
CA ALA G 128 -1.45 51.67 31.18
C ALA G 128 -2.55 50.71 30.63
N PRO G 129 -3.61 51.25 29.98
CA PRO G 129 -4.64 50.37 29.43
C PRO G 129 -4.17 49.48 28.26
N ILE G 130 -3.19 49.97 27.51
CA ILE G 130 -2.56 49.14 26.46
C ILE G 130 -1.68 48.01 27.04
N SER G 131 -0.88 48.33 28.06
CA SER G 131 -0.07 47.33 28.72
C SER G 131 -0.95 46.27 29.23
N LYS G 132 -2.07 46.67 29.79
CA LYS G 132 -2.99 45.74 30.41
C LYS G 132 -3.57 44.79 29.38
N GLN G 133 -3.96 45.34 28.25
CA GLN G 133 -4.53 44.54 27.16
C GLN G 133 -3.52 43.57 26.64
N LEU G 134 -2.29 44.02 26.51
CA LEU G 134 -1.22 43.16 26.03
C LEU G 134 -0.94 42.00 26.99
N SER G 135 -0.86 42.32 28.27
CA SER G 135 -0.60 41.31 29.30
C SER G 135 -1.69 40.27 29.34
N ASP G 136 -2.93 40.73 29.28
CA ASP G 136 -4.06 39.84 29.42
C ASP G 136 -4.01 38.83 28.32
N GLN G 137 -3.49 39.25 27.17
CA GLN G 137 -3.39 38.38 26.02
C GLN G 137 -2.56 37.16 26.32
N VAL G 138 -1.43 37.40 26.92
CA VAL G 138 -0.50 36.33 27.28
C VAL G 138 -1.04 35.49 28.41
N ALA G 139 -1.57 36.16 29.44
CA ALA G 139 -2.18 35.48 30.57
C ALA G 139 -3.30 34.55 30.16
N GLN G 140 -4.17 35.02 29.29
CA GLN G 140 -5.31 34.22 28.85
C GLN G 140 -4.90 33.00 28.07
N ALA G 141 -3.90 33.16 27.23
CA ALA G 141 -3.46 32.09 26.35
C ALA G 141 -2.85 30.98 27.18
N LEU G 142 -2.00 31.34 28.12
CA LEU G 142 -1.38 30.37 29.01
C LEU G 142 -2.41 29.65 29.85
N GLN G 143 -3.33 30.40 30.42
CA GLN G 143 -4.42 29.82 31.15
C GLN G 143 -5.21 28.80 30.29
N LYS G 144 -5.42 29.16 29.04
CA LYS G 144 -6.12 28.29 28.11
C LYS G 144 -5.35 26.99 27.95
N GLY G 145 -4.03 27.09 27.97
CA GLY G 145 -3.15 25.92 27.84
C GLY G 145 -3.19 25.06 29.07
N ILE G 146 -3.28 25.71 30.22
CA ILE G 146 -3.28 25.03 31.49
C ILE G 146 -4.54 24.22 31.63
N GLU G 147 -5.66 24.80 31.27
CA GLU G 147 -6.93 24.07 31.35
C GLU G 147 -6.86 22.85 30.45
N ALA G 148 -6.31 23.03 29.26
CA ALA G 148 -6.30 21.96 28.27
C ALA G 148 -5.47 20.76 28.73
N PHE G 149 -4.54 21.01 29.64
CA PHE G 149 -3.65 19.94 30.09
C PHE G 149 -3.92 19.54 31.51
N SER G 150 -5.18 19.64 31.93
CA SER G 150 -5.56 19.28 33.30
C SER G 150 -6.48 18.05 33.27
N ASP H 2 -36.29 -27.24 -1.23
CA ASP H 2 -36.25 -26.40 0.03
C ASP H 2 -35.23 -25.27 -0.11
N VAL H 3 -34.03 -25.62 -0.54
CA VAL H 3 -33.02 -24.61 -0.87
C VAL H 3 -33.51 -23.69 -2.00
N ASN H 4 -34.68 -23.98 -2.56
CA ASN H 4 -35.26 -23.12 -3.60
C ASN H 4 -35.93 -21.86 -3.07
N VAL H 5 -36.60 -21.98 -1.93
CA VAL H 5 -37.23 -20.83 -1.30
C VAL H 5 -36.16 -19.80 -0.98
N PHE H 6 -35.01 -20.28 -0.51
CA PHE H 6 -33.91 -19.38 -0.17
C PHE H 6 -33.39 -18.71 -1.42
N LYS H 7 -33.35 -19.47 -2.50
CA LYS H 7 -32.87 -18.98 -3.78
C LYS H 7 -33.71 -17.88 -4.30
N LYS H 8 -35.01 -18.00 -4.11
CA LYS H 8 -35.96 -17.03 -4.68
C LYS H 8 -35.95 -15.74 -3.90
N VAL H 9 -35.90 -15.86 -2.58
CA VAL H 9 -35.82 -14.67 -1.72
C VAL H 9 -34.57 -13.88 -2.09
N LEU H 10 -33.48 -14.60 -2.28
CA LEU H 10 -32.23 -13.97 -2.65
C LEU H 10 -32.34 -13.28 -4.00
N GLU H 11 -32.91 -13.96 -4.98
CA GLU H 11 -33.14 -13.39 -6.31
C GLU H 11 -34.03 -12.18 -6.22
N ASN H 12 -35.10 -12.31 -5.48
CA ASN H 12 -36.02 -11.22 -5.25
CA ASN H 12 -36.01 -11.20 -5.25
C ASN H 12 -35.34 -9.98 -4.70
N ILE H 13 -34.53 -10.17 -3.67
CA ILE H 13 -33.83 -9.07 -3.06
C ILE H 13 -32.77 -8.51 -4.01
N GLY H 14 -32.03 -9.40 -4.67
CA GLY H 14 -31.02 -9.01 -5.65
C GLY H 14 -31.59 -8.16 -6.78
N ASN H 15 -32.72 -8.59 -7.32
CA ASN H 15 -33.39 -7.86 -8.39
C ASN H 15 -33.72 -6.47 -7.99
N ALA H 16 -34.28 -6.33 -6.80
CA ALA H 16 -34.68 -5.04 -6.27
C ALA H 16 -33.48 -4.13 -6.10
N VAL H 17 -32.39 -4.69 -5.58
CA VAL H 17 -31.16 -3.95 -5.40
C VAL H 17 -30.55 -3.58 -6.74
N THR H 18 -30.61 -4.48 -7.70
CA THR H 18 -30.09 -4.20 -9.06
C THR H 18 -30.84 -3.04 -9.67
N GLN H 19 -32.15 -3.05 -9.50
CA GLN H 19 -33.01 -2.01 -10.07
C GLN H 19 -32.61 -0.66 -9.51
N PHE H 20 -32.43 -0.62 -8.20
CA PHE H 20 -32.03 0.56 -7.51
C PHE H 20 -30.69 1.05 -8.02
N ASN H 21 -29.76 0.12 -8.21
CA ASN H 21 -28.40 0.45 -8.63
C ASN H 21 -28.37 1.05 -10.01
N ASN H 22 -29.13 0.45 -10.91
CA ASN H 22 -29.26 0.97 -12.27
C ASN H 22 -29.78 2.41 -12.27
N ASP H 23 -30.79 2.68 -11.45
CA ASP H 23 -31.40 4.00 -11.38
C ASP H 23 -30.43 5.02 -10.76
N ILE H 24 -29.70 4.62 -9.72
CA ILE H 24 -28.76 5.51 -9.05
C ILE H 24 -27.63 5.87 -10.00
N LEU H 25 -27.21 4.90 -10.79
CA LEU H 25 -26.14 5.14 -11.78
C LEU H 25 -26.60 6.08 -12.91
N ALA H 26 -27.88 5.99 -13.27
CA ALA H 26 -28.48 6.82 -14.31
C ALA H 26 -28.77 8.24 -13.80
N TYR H 27 -28.94 8.37 -12.49
CA TYR H 27 -29.40 9.61 -11.86
C TYR H 27 -28.29 10.66 -11.85
N THR H 28 -28.66 11.90 -12.22
CA THR H 28 -27.68 13.00 -12.30
C THR H 28 -28.18 14.25 -11.58
N GLY H 29 -29.37 14.14 -10.97
CA GLY H 29 -30.04 15.27 -10.38
C GLY H 29 -31.52 15.28 -10.71
N GLY H 30 -32.25 16.15 -10.01
CA GLY H 30 -33.68 16.31 -10.24
C GLY H 30 -34.53 15.40 -9.39
N ASP H 31 -35.71 15.07 -9.90
CA ASP H 31 -36.64 14.24 -9.16
C ASP H 31 -36.07 12.83 -8.85
N ALA H 32 -36.22 12.40 -7.60
CA ALA H 32 -35.62 11.16 -7.11
C ALA H 32 -36.66 10.26 -6.48
N ASN H 33 -37.93 10.60 -6.71
CA ASN H 33 -39.03 9.85 -6.14
C ASN H 33 -38.99 8.35 -6.54
N HIS H 34 -38.58 8.09 -7.77
CA HIS H 34 -38.43 6.73 -8.26
C HIS H 34 -37.31 5.95 -7.53
N LEU H 35 -36.33 6.66 -7.00
CA LEU H 35 -35.30 6.06 -6.17
C LEU H 35 -35.86 5.69 -4.84
N ILE H 36 -36.74 6.53 -4.33
CA ILE H 36 -37.34 6.27 -3.02
C ILE H 36 -38.28 5.07 -3.10
N HIS H 37 -38.97 4.97 -4.23
CA HIS H 37 -39.78 3.82 -4.53
C HIS H 37 -38.94 2.56 -4.67
N ASP H 38 -37.82 2.69 -5.38
CA ASP H 38 -36.86 1.60 -5.49
C ASP H 38 -36.45 1.11 -4.10
N GLY H 39 -36.14 2.04 -3.21
CA GLY H 39 -35.75 1.69 -1.85
C GLY H 39 -36.87 0.90 -1.17
N ASP H 40 -38.10 1.34 -1.38
CA ASP H 40 -39.25 0.69 -0.76
C ASP H 40 -39.42 -0.71 -1.27
N ALA H 41 -39.15 -0.90 -2.54
CA ALA H 41 -39.22 -2.23 -3.15
C ALA H 41 -38.20 -3.19 -2.52
N ILE H 42 -37.05 -2.65 -2.13
CA ILE H 42 -36.01 -3.46 -1.49
C ILE H 42 -36.46 -3.87 -0.09
N ILE H 43 -36.96 -2.89 0.65
CA ILE H 43 -37.46 -3.14 2.00
C ILE H 43 -38.58 -4.17 1.97
N LYS H 44 -39.45 -4.02 1.00
CA LYS H 44 -40.57 -4.93 0.86
C LYS H 44 -40.07 -6.35 0.58
N ALA H 45 -39.08 -6.47 -0.30
CA ALA H 45 -38.51 -7.78 -0.66
C ALA H 45 -37.82 -8.40 0.54
N THR H 46 -37.24 -7.56 1.38
CA THR H 46 -36.56 -7.99 2.60
C THR H 46 -37.56 -8.49 3.64
N GLU H 47 -38.65 -7.76 3.77
CA GLU H 47 -39.75 -8.17 4.68
C GLU H 47 -40.43 -9.41 4.18
N ASN H 48 -40.67 -9.48 2.87
CA ASN H 48 -41.32 -10.63 2.26
C ASN H 48 -40.44 -11.85 2.35
N GLY H 49 -39.14 -11.64 2.60
CA GLY H 49 -38.16 -12.75 2.87
C GLY H 49 -38.26 -13.29 4.27
N LEU H 50 -38.46 -12.38 5.20
CA LEU H 50 -38.71 -12.76 6.58
C LEU H 50 -39.85 -13.72 6.70
N GLN H 51 -40.90 -13.47 5.93
CA GLN H 51 -42.17 -14.27 6.02
C GLN H 51 -41.98 -15.62 5.44
N GLU H 52 -41.31 -15.67 4.31
CA GLU H 52 -41.15 -16.92 3.56
C GLU H 52 -40.15 -17.85 4.23
N LEU H 53 -39.09 -17.29 4.77
CA LEU H 53 -38.02 -18.07 5.32
C LEU H 53 -38.30 -18.45 6.76
N GLY H 54 -39.11 -17.64 7.44
CA GLY H 54 -39.42 -17.87 8.88
C GLY H 54 -39.70 -19.32 9.25
N PRO H 55 -40.70 -19.93 8.58
CA PRO H 55 -41.08 -21.29 8.92
C PRO H 55 -40.20 -22.38 8.31
N GLN H 56 -39.15 -21.99 7.60
CA GLN H 56 -38.29 -22.96 6.89
C GLN H 56 -37.38 -23.75 7.84
N PRO H 57 -37.15 -25.04 7.54
CA PRO H 57 -36.18 -25.83 8.29
C PRO H 57 -34.74 -25.43 7.94
N PRO H 58 -33.81 -25.58 8.90
CA PRO H 58 -32.45 -25.20 8.60
C PRO H 58 -31.92 -25.96 7.40
N LEU H 59 -30.95 -25.35 6.73
CA LEU H 59 -30.36 -25.94 5.53
C LEU H 59 -29.39 -26.97 5.89
N SER H 60 -29.22 -27.91 4.98
CA SER H 60 -28.18 -28.86 5.08
C SER H 60 -26.88 -28.21 4.68
N LEU H 61 -25.79 -28.77 5.15
CA LEU H 61 -24.47 -28.28 4.81
C LEU H 61 -24.28 -28.08 3.32
N THR H 62 -24.66 -29.07 2.54
CA THR H 62 -24.45 -29.02 1.10
C THR H 62 -25.46 -28.03 0.39
N GLU H 63 -26.61 -27.86 1.00
CA GLU H 63 -27.59 -26.89 0.54
C GLU H 63 -27.02 -25.47 0.69
N ALA H 64 -26.50 -25.18 1.89
CA ALA H 64 -26.04 -23.82 2.24
C ALA H 64 -24.80 -23.48 1.42
N LEU H 65 -23.95 -24.48 1.23
CA LEU H 65 -22.74 -24.31 0.38
C LEU H 65 -23.08 -23.92 -1.03
N ALA H 66 -24.20 -24.44 -1.53
CA ALA H 66 -24.66 -24.12 -2.89
C ALA H 66 -25.14 -22.67 -3.04
N LEU H 67 -25.42 -22.03 -1.91
CA LEU H 67 -25.91 -20.67 -1.89
C LEU H 67 -24.79 -19.65 -1.63
N VAL H 68 -23.62 -20.14 -1.21
CA VAL H 68 -22.54 -19.23 -0.77
C VAL H 68 -22.11 -18.29 -1.87
N GLY H 69 -21.88 -18.85 -3.04
CA GLY H 69 -21.59 -18.04 -4.22
C GLY H 69 -22.61 -16.98 -4.55
N PRO H 70 -23.86 -17.37 -4.73
CA PRO H 70 -24.92 -16.39 -4.96
C PRO H 70 -25.07 -15.29 -3.91
N VAL H 71 -24.97 -15.64 -2.63
CA VAL H 71 -25.03 -14.65 -1.57
C VAL H 71 -23.88 -13.64 -1.66
N GLN H 72 -22.68 -14.15 -1.89
CA GLN H 72 -21.50 -13.33 -2.09
C GLN H 72 -21.70 -12.34 -3.19
N GLY H 73 -22.32 -12.80 -4.26
CA GLY H 73 -22.63 -11.95 -5.37
C GLY H 73 -23.55 -10.79 -5.04
N VAL H 74 -24.61 -11.07 -4.29
CA VAL H 74 -25.57 -10.03 -3.87
C VAL H 74 -24.93 -9.05 -2.86
N ASN H 75 -24.03 -9.58 -2.05
CA ASN H 75 -23.32 -8.75 -1.11
C ASN H 75 -22.52 -7.73 -1.79
N LYS H 76 -21.80 -8.19 -2.79
CA LYS H 76 -20.93 -7.34 -3.56
C LYS H 76 -21.75 -6.28 -4.18
N LEU H 77 -22.93 -6.66 -4.63
CA LEU H 77 -23.85 -5.74 -5.30
C LEU H 77 -24.35 -4.67 -4.34
N ILE H 78 -24.77 -5.10 -3.16
CA ILE H 78 -25.21 -4.15 -2.10
C ILE H 78 -24.13 -3.12 -1.77
N MET H 79 -22.91 -3.59 -1.64
CA MET H 79 -21.79 -2.70 -1.27
C MET H 79 -21.52 -1.69 -2.36
N LYS H 80 -21.53 -2.14 -3.60
CA LYS H 80 -21.36 -1.25 -4.74
C LYS H 80 -22.49 -0.27 -4.86
N THR H 81 -23.70 -0.73 -4.57
CA THR H 81 -24.90 0.11 -4.72
C THR H 81 -24.89 1.28 -3.72
N VAL H 82 -24.47 0.99 -2.49
CA VAL H 82 -24.40 1.99 -1.46
C VAL H 82 -23.33 3.00 -1.82
N ASP H 83 -22.19 2.50 -2.25
CA ASP H 83 -21.13 3.38 -2.77
C ASP H 83 -21.65 4.33 -3.87
N HIS H 84 -22.42 3.78 -4.80
CA HIS H 84 -22.96 4.56 -5.91
C HIS H 84 -23.91 5.64 -5.41
N LEU H 85 -24.70 5.29 -4.42
CA LEU H 85 -25.60 6.22 -3.77
C LEU H 85 -24.81 7.39 -3.09
N ILE H 86 -23.80 7.03 -2.33
CA ILE H 86 -22.92 8.02 -1.69
C ILE H 86 -22.28 8.93 -2.72
N GLU H 87 -21.95 8.38 -3.88
CA GLU H 87 -21.37 9.20 -4.98
C GLU H 87 -22.35 10.20 -5.54
N LYS H 88 -23.64 9.97 -5.33
CA LYS H 88 -24.66 10.88 -5.82
C LYS H 88 -25.20 11.79 -4.72
N LYS H 89 -24.42 11.95 -3.65
CA LYS H 89 -24.84 12.72 -2.49
C LYS H 89 -25.15 14.15 -2.89
N GLY H 90 -24.24 14.75 -3.66
CA GLY H 90 -24.39 16.16 -4.08
C GLY H 90 -25.76 16.47 -4.68
N PRO H 91 -26.08 15.82 -5.81
CA PRO H 91 -27.38 16.02 -6.48
C PRO H 91 -28.57 15.74 -5.58
N LEU H 92 -28.47 14.71 -4.77
CA LEU H 92 -29.59 14.27 -3.93
C LEU H 92 -29.86 15.27 -2.85
N VAL H 93 -28.80 15.74 -2.21
CA VAL H 93 -28.94 16.74 -1.15
C VAL H 93 -29.36 18.07 -1.76
N GLY H 94 -28.77 18.40 -2.90
CA GLY H 94 -29.18 19.57 -3.69
C GLY H 94 -30.65 19.58 -4.06
N GLY H 95 -31.22 18.41 -4.32
CA GLY H 95 -32.65 18.29 -4.60
C GLY H 95 -33.50 18.24 -3.34
N GLY H 96 -32.84 18.23 -2.17
CA GLY H 96 -33.55 18.22 -0.88
C GLY H 96 -33.94 16.83 -0.42
N TYR H 97 -33.25 15.83 -0.93
CA TYR H 97 -33.63 14.42 -0.67
C TYR H 97 -32.80 13.79 0.46
N GLY H 98 -31.78 14.52 0.91
CA GLY H 98 -30.90 14.06 1.98
C GLY H 98 -31.65 13.37 3.12
N PRO H 99 -32.54 14.09 3.79
CA PRO H 99 -33.29 13.49 4.92
C PRO H 99 -34.07 12.20 4.57
N GLN H 100 -34.68 12.14 3.39
CA GLN H 100 -35.44 10.91 2.96
C GLN H 100 -34.53 9.75 2.72
N VAL H 101 -33.39 10.01 2.10
CA VAL H 101 -32.42 8.96 1.86
C VAL H 101 -31.94 8.42 3.20
N LYS H 102 -31.55 9.33 4.09
CA LYS H 102 -31.09 8.93 5.41
C LYS H 102 -32.09 8.02 6.07
N ALA H 103 -33.37 8.34 5.92
CA ALA H 103 -34.41 7.62 6.63
C ALA H 103 -34.64 6.28 6.00
N SER H 104 -34.57 6.25 4.68
CA SER H 104 -34.76 4.99 3.91
C SER H 104 -33.65 3.98 4.19
N LEU H 105 -32.45 4.49 4.34
CA LEU H 105 -31.32 3.67 4.73
C LEU H 105 -31.48 3.13 6.13
N GLN H 106 -31.93 3.96 7.03
CA GLN H 106 -32.12 3.54 8.45
C GLN H 106 -33.13 2.42 8.52
N LYS H 107 -34.19 2.54 7.74
CA LYS H 107 -35.22 1.51 7.72
C LYS H 107 -34.72 0.23 7.07
N GLN H 108 -33.87 0.39 6.06
CA GLN H 108 -33.21 -0.76 5.41
C GLN H 108 -32.23 -1.48 6.30
N ALA H 109 -31.47 -0.73 7.08
CA ALA H 109 -30.50 -1.31 8.02
C ALA H 109 -31.20 -2.19 9.06
N HIS H 110 -32.38 -1.76 9.48
CA HIS H 110 -33.17 -2.49 10.44
C HIS H 110 -33.74 -3.78 9.86
N ALA H 111 -34.32 -3.68 8.69
CA ALA H 111 -34.86 -4.85 8.03
C ALA H 111 -33.74 -5.87 7.76
N ALA H 112 -32.60 -5.37 7.33
CA ALA H 112 -31.46 -6.23 6.92
C ALA H 112 -30.94 -6.97 8.13
N VAL H 113 -30.86 -6.27 9.26
CA VAL H 113 -30.40 -6.85 10.49
C VAL H 113 -31.30 -7.98 10.94
N THR H 114 -32.60 -7.75 10.85
CA THR H 114 -33.57 -8.72 11.24
C THR H 114 -33.54 -9.95 10.33
N LEU H 115 -33.39 -9.73 9.04
CA LEU H 115 -33.38 -10.82 8.09
C LEU H 115 -32.15 -11.69 8.25
N SER H 116 -31.02 -11.06 8.51
CA SER H 116 -29.76 -11.79 8.60
C SER H 116 -29.71 -12.64 9.88
N GLU H 117 -30.41 -12.18 10.90
CA GLU H 117 -30.57 -12.93 12.14
C GLU H 117 -31.33 -14.22 11.90
N LEU H 118 -32.46 -14.09 11.27
CA LEU H 118 -33.28 -15.20 10.96
C LEU H 118 -32.49 -16.20 10.11
N VAL H 119 -31.92 -15.70 9.02
CA VAL H 119 -31.10 -16.51 8.11
C VAL H 119 -29.96 -17.27 8.84
N SER H 120 -29.23 -16.58 9.70
CA SER H 120 -28.08 -17.22 10.41
C SER H 120 -28.57 -18.43 11.22
N SER H 121 -29.83 -18.38 11.65
CA SER H 121 -30.41 -19.48 12.36
C SER H 121 -30.70 -20.68 11.54
N LYS H 122 -30.53 -20.55 10.23
CA LYS H 122 -30.91 -21.58 9.31
C LYS H 122 -29.67 -22.22 8.66
N VAL H 123 -28.50 -21.63 8.89
CA VAL H 123 -27.24 -22.18 8.32
C VAL H 123 -26.45 -22.95 9.36
N PRO H 124 -25.87 -24.09 8.96
CA PRO H 124 -25.13 -24.90 9.91
C PRO H 124 -23.98 -24.15 10.53
N SER H 125 -23.68 -24.51 11.77
CA SER H 125 -22.81 -23.74 12.62
C SER H 125 -21.39 -23.53 12.07
N PRO H 126 -20.86 -24.51 11.30
CA PRO H 126 -19.53 -24.31 10.74
C PRO H 126 -19.47 -23.10 9.84
N LEU H 127 -20.58 -22.76 9.22
CA LEU H 127 -20.64 -21.61 8.32
C LEU H 127 -21.00 -20.32 8.98
N ALA H 128 -21.39 -20.40 10.25
CA ALA H 128 -21.88 -19.24 11.00
C ALA H 128 -20.96 -18.02 10.88
N PRO H 129 -19.62 -18.19 11.07
CA PRO H 129 -18.76 -17.00 11.00
C PRO H 129 -18.75 -16.29 9.63
N ILE H 130 -18.96 -17.05 8.55
CA ILE H 130 -19.01 -16.49 7.21
C ILE H 130 -20.32 -15.69 6.94
N SER H 131 -21.47 -16.29 7.28
CA SER H 131 -22.74 -15.53 7.21
C SER H 131 -22.68 -14.26 8.11
N LYS H 132 -21.99 -14.36 9.23
CA LYS H 132 -21.84 -13.20 10.11
C LYS H 132 -21.00 -12.10 9.44
N GLN H 133 -19.89 -12.49 8.84
CA GLN H 133 -19.02 -11.55 8.17
C GLN H 133 -19.76 -10.88 7.04
N LEU H 134 -20.49 -11.67 6.28
CA LEU H 134 -21.28 -11.16 5.17
C LEU H 134 -22.35 -10.18 5.65
N SER H 135 -23.04 -10.52 6.74
CA SER H 135 -24.05 -9.61 7.34
C SER H 135 -23.44 -8.32 7.83
N ASP H 136 -22.27 -8.40 8.46
CA ASP H 136 -21.61 -7.23 9.02
C ASP H 136 -21.17 -6.29 7.94
N GLN H 137 -20.82 -6.85 6.79
CA GLN H 137 -20.48 -6.05 5.63
C GLN H 137 -21.67 -5.21 5.14
N VAL H 138 -22.84 -5.83 5.04
CA VAL H 138 -24.08 -5.16 4.68
C VAL H 138 -24.39 -4.09 5.71
N ALA H 139 -24.36 -4.46 6.98
CA ALA H 139 -24.60 -3.52 8.10
C ALA H 139 -23.61 -2.33 8.04
N GLN H 140 -22.35 -2.63 7.80
CA GLN H 140 -21.32 -1.59 7.72
C GLN H 140 -21.54 -0.67 6.55
N ALA H 141 -21.93 -1.23 5.41
CA ALA H 141 -22.12 -0.46 4.21
C ALA H 141 -23.25 0.51 4.42
N LEU H 142 -24.34 0.01 4.98
CA LEU H 142 -25.54 0.82 5.19
C LEU H 142 -25.24 1.94 6.19
N GLN H 143 -24.54 1.59 7.24
CA GLN H 143 -24.09 2.59 8.22
C GLN H 143 -23.24 3.65 7.56
N LYS H 144 -22.37 3.22 6.67
CA LYS H 144 -21.51 4.13 5.93
C LYS H 144 -22.35 5.09 5.11
N GLY H 145 -23.45 4.58 4.58
CA GLY H 145 -24.40 5.40 3.81
C GLY H 145 -25.12 6.39 4.71
N ILE H 146 -25.47 5.94 5.90
CA ILE H 146 -26.27 6.75 6.84
C ILE H 146 -25.44 7.95 7.33
N GLU H 147 -24.19 7.69 7.68
CA GLU H 147 -23.29 8.75 8.10
C GLU H 147 -23.05 9.73 6.98
N ALA H 148 -23.06 9.25 5.73
CA ALA H 148 -22.79 10.13 4.58
C ALA H 148 -23.97 11.04 4.32
N PHE H 149 -25.12 10.72 4.88
CA PHE H 149 -26.33 11.51 4.59
C PHE H 149 -26.95 12.24 5.80
N SER H 150 -26.14 12.71 6.73
CA SER H 150 -26.58 13.83 7.59
C SER H 150 -25.56 14.96 7.72
N ASP I 2 -24.63 -33.03 -25.31
CA ASP I 2 -24.15 -32.68 -26.71
C ASP I 2 -23.43 -31.30 -26.81
N VAL I 3 -23.27 -30.60 -25.68
CA VAL I 3 -22.35 -29.46 -25.53
C VAL I 3 -21.53 -29.74 -24.28
N ASN I 4 -21.80 -30.87 -23.66
CA ASN I 4 -21.04 -31.31 -22.60
C ASN I 4 -19.66 -31.69 -23.04
N VAL I 5 -19.43 -31.91 -24.35
CA VAL I 5 -18.07 -32.26 -24.85
C VAL I 5 -17.10 -31.13 -24.59
N PHE I 6 -17.56 -29.89 -24.78
CA PHE I 6 -16.71 -28.70 -24.55
C PHE I 6 -16.41 -28.55 -23.09
N LYS I 7 -17.42 -28.78 -22.27
CA LYS I 7 -17.31 -28.65 -20.86
C LYS I 7 -16.36 -29.69 -20.26
N LYS I 8 -16.23 -30.85 -20.90
CA LYS I 8 -15.39 -31.95 -20.36
C LYS I 8 -13.95 -31.77 -20.74
N VAL I 9 -13.71 -31.38 -21.98
CA VAL I 9 -12.38 -31.00 -22.42
C VAL I 9 -11.80 -29.89 -21.53
N LEU I 10 -12.59 -28.86 -21.28
CA LEU I 10 -12.20 -27.79 -20.38
C LEU I 10 -11.87 -28.32 -18.96
N GLU I 11 -12.77 -29.13 -18.41
CA GLU I 11 -12.55 -29.77 -17.07
C GLU I 11 -11.31 -30.62 -17.08
N ASN I 12 -11.16 -31.43 -18.12
CA ASN I 12 -9.96 -32.25 -18.29
C ASN I 12 -8.70 -31.43 -18.24
N ILE I 13 -8.69 -30.32 -18.99
CA ILE I 13 -7.50 -29.48 -19.07
C ILE I 13 -7.29 -28.76 -17.75
N GLY I 14 -8.37 -28.26 -17.17
CA GLY I 14 -8.34 -27.59 -15.87
C GLY I 14 -7.80 -28.47 -14.76
N ASN I 15 -8.27 -29.73 -14.71
CA ASN I 15 -7.81 -30.70 -13.72
C ASN I 15 -6.32 -30.94 -13.81
N ALA I 16 -5.84 -31.09 -15.03
CA ALA I 16 -4.43 -31.33 -15.29
C ALA I 16 -3.59 -30.14 -14.88
N VAL I 17 -4.10 -28.95 -15.15
CA VAL I 17 -3.41 -27.72 -14.74
C VAL I 17 -3.44 -27.53 -13.23
N THR I 18 -4.58 -27.83 -12.62
CA THR I 18 -4.71 -27.78 -11.15
C THR I 18 -3.72 -28.72 -10.47
N GLN I 19 -3.60 -29.93 -10.99
CA GLN I 19 -2.69 -30.92 -10.46
C GLN I 19 -1.29 -30.39 -10.51
N PHE I 20 -0.94 -29.78 -11.62
CA PHE I 20 0.40 -29.23 -11.82
C PHE I 20 0.67 -28.10 -10.86
N ASN I 21 -0.31 -27.23 -10.70
CA ASN I 21 -0.21 -26.08 -9.79
C ASN I 21 0.00 -26.50 -8.32
N ASN I 22 -0.81 -27.44 -7.86
CA ASN I 22 -0.64 -28.00 -6.52
C ASN I 22 0.75 -28.54 -6.29
N ASP I 23 1.30 -29.21 -7.28
CA ASP I 23 2.62 -29.83 -7.16
C ASP I 23 3.71 -28.78 -7.17
N ILE I 24 3.52 -27.76 -7.99
CA ILE I 24 4.52 -26.68 -8.12
C ILE I 24 4.56 -25.89 -6.83
N LEU I 25 3.41 -25.74 -6.20
CA LEU I 25 3.32 -25.00 -4.94
C LEU I 25 3.97 -25.77 -3.80
N ALA I 26 3.82 -27.09 -3.84
CA ALA I 26 4.42 -27.98 -2.83
C ALA I 26 5.94 -28.16 -3.01
N TYR I 27 6.42 -27.91 -4.23
CA TYR I 27 7.83 -28.19 -4.61
C TYR I 27 8.78 -27.17 -4.05
N THR I 28 9.88 -27.63 -3.50
CA THR I 28 10.88 -26.73 -2.89
C THR I 28 12.29 -27.02 -3.39
N GLY I 29 12.39 -27.99 -4.30
CA GLY I 29 13.71 -28.52 -4.71
C GLY I 29 13.71 -30.02 -4.77
N GLY I 30 14.75 -30.57 -5.38
CA GLY I 30 14.91 -32.01 -5.51
C GLY I 30 14.24 -32.55 -6.76
N ASP I 31 13.79 -33.79 -6.68
CA ASP I 31 13.30 -34.50 -7.85
C ASP I 31 12.01 -33.87 -8.36
N ALA I 32 11.98 -33.58 -9.65
CA ALA I 32 10.86 -32.83 -10.27
C ALA I 32 10.18 -33.64 -11.34
N ASN I 33 10.59 -34.88 -11.49
CA ASN I 33 10.12 -35.70 -12.60
C ASN I 33 8.57 -35.87 -12.61
N HIS I 34 7.96 -35.73 -11.44
CA HIS I 34 6.50 -35.70 -11.35
C HIS I 34 5.90 -34.42 -11.95
N LEU I 35 6.64 -33.33 -11.88
CA LEU I 35 6.22 -32.07 -12.50
C LEU I 35 6.28 -32.12 -14.02
N ILE I 36 7.34 -32.72 -14.54
CA ILE I 36 7.45 -32.92 -16.00
C ILE I 36 6.36 -33.86 -16.47
N HIS I 37 6.04 -34.87 -15.63
CA HIS I 37 4.92 -35.76 -15.93
C HIS I 37 3.59 -35.02 -15.89
N ASP I 38 3.45 -34.14 -14.91
CA ASP I 38 2.28 -33.26 -14.85
C ASP I 38 2.15 -32.40 -16.11
N GLY I 39 3.27 -31.83 -16.56
CA GLY I 39 3.29 -31.06 -17.81
C GLY I 39 2.82 -31.88 -19.00
N ASP I 40 3.26 -33.11 -19.05
CA ASP I 40 2.89 -34.00 -20.18
C ASP I 40 1.42 -34.34 -20.17
N ALA I 41 0.87 -34.51 -18.98
CA ALA I 41 -0.58 -34.74 -18.81
C ALA I 41 -1.39 -33.56 -19.32
N ILE I 42 -0.86 -32.35 -19.15
CA ILE I 42 -1.55 -31.15 -19.65
C ILE I 42 -1.53 -31.12 -21.18
N ILE I 43 -0.34 -31.30 -21.76
CA ILE I 43 -0.18 -31.38 -23.22
C ILE I 43 -1.08 -32.46 -23.83
N LYS I 44 -1.12 -33.59 -23.17
CA LYS I 44 -1.95 -34.68 -23.60
C LYS I 44 -3.42 -34.29 -23.58
N ALA I 45 -3.85 -33.62 -22.51
CA ALA I 45 -5.24 -33.20 -22.38
C ALA I 45 -5.59 -32.17 -23.44
N THR I 46 -4.62 -31.35 -23.79
CA THR I 46 -4.79 -30.30 -24.80
C THR I 46 -4.89 -30.91 -26.19
N GLU I 47 -4.08 -31.91 -26.44
CA GLU I 47 -4.14 -32.66 -27.73
C GLU I 47 -5.43 -33.48 -27.85
N ASN I 48 -5.81 -34.17 -26.77
CA ASN I 48 -7.08 -34.88 -26.75
C ASN I 48 -8.22 -33.96 -27.07
N GLY I 49 -8.14 -32.73 -26.57
CA GLY I 49 -9.18 -31.75 -26.81
C GLY I 49 -9.32 -31.40 -28.29
N LEU I 50 -8.19 -31.23 -28.96
CA LEU I 50 -8.15 -31.01 -30.40
C LEU I 50 -8.93 -32.09 -31.15
N GLN I 51 -8.80 -33.34 -30.69
CA GLN I 51 -9.42 -34.45 -31.40
C GLN I 51 -10.91 -34.51 -31.13
N GLU I 52 -11.29 -34.26 -29.88
CA GLU I 52 -12.70 -34.41 -29.45
C GLU I 52 -13.56 -33.29 -29.98
N LEU I 53 -12.95 -32.11 -30.10
CA LEU I 53 -13.70 -30.91 -30.47
C LEU I 53 -13.68 -30.64 -31.97
N GLY I 54 -12.64 -31.14 -32.64
CA GLY I 54 -12.55 -31.09 -34.10
C GLY I 54 -13.88 -31.33 -34.84
N PRO I 55 -14.53 -32.47 -34.59
CA PRO I 55 -15.74 -32.80 -35.38
C PRO I 55 -17.01 -32.18 -34.83
N GLN I 56 -16.89 -31.41 -33.76
CA GLN I 56 -18.07 -30.79 -33.11
C GLN I 56 -18.68 -29.66 -33.93
N PRO I 57 -20.02 -29.56 -33.90
CA PRO I 57 -20.69 -28.45 -34.58
C PRO I 57 -20.52 -27.15 -33.80
N PRO I 58 -20.43 -26.00 -34.51
CA PRO I 58 -20.28 -24.75 -33.78
C PRO I 58 -21.33 -24.55 -32.71
N LEU I 59 -20.96 -23.82 -31.67
CA LEU I 59 -21.86 -23.56 -30.56
C LEU I 59 -22.85 -22.49 -30.90
N SER I 60 -23.99 -22.56 -30.18
CA SER I 60 -24.97 -21.51 -30.11
C SER I 60 -24.53 -20.40 -29.22
N LEU I 61 -24.94 -19.16 -29.58
CA LEU I 61 -24.56 -17.97 -28.83
C LEU I 61 -24.75 -18.20 -27.34
N THR I 62 -25.89 -18.77 -26.98
CA THR I 62 -26.21 -18.97 -25.59
C THR I 62 -25.42 -20.13 -25.04
N GLU I 63 -24.97 -21.01 -25.92
CA GLU I 63 -24.15 -22.16 -25.49
C GLU I 63 -22.75 -21.70 -25.12
N ALA I 64 -22.16 -20.90 -25.99
CA ALA I 64 -20.80 -20.37 -25.78
C ALA I 64 -20.75 -19.42 -24.57
N LEU I 65 -21.79 -18.59 -24.41
CA LEU I 65 -21.89 -17.68 -23.23
C LEU I 65 -21.83 -18.43 -21.94
N ALA I 66 -22.47 -19.60 -21.91
CA ALA I 66 -22.51 -20.42 -20.70
C ALA I 66 -21.11 -20.94 -20.32
N LEU I 67 -20.19 -20.90 -21.27
CA LEU I 67 -18.85 -21.44 -21.08
C LEU I 67 -17.83 -20.34 -20.79
N VAL I 68 -18.23 -19.09 -21.04
CA VAL I 68 -17.33 -17.94 -20.84
C VAL I 68 -16.76 -17.89 -19.42
N GLY I 69 -17.63 -17.97 -18.42
CA GLY I 69 -17.22 -17.99 -17.02
C GLY I 69 -16.24 -19.09 -16.69
N PRO I 70 -16.58 -20.34 -16.99
CA PRO I 70 -15.63 -21.44 -16.79
C PRO I 70 -14.26 -21.26 -17.49
N VAL I 71 -14.26 -20.78 -18.74
CA VAL I 71 -13.00 -20.58 -19.47
C VAL I 71 -12.14 -19.51 -18.81
N GLN I 72 -12.76 -18.42 -18.45
CA GLN I 72 -12.10 -17.36 -17.67
C GLN I 72 -11.44 -17.91 -16.42
N GLY I 73 -12.15 -18.80 -15.74
CA GLY I 73 -11.65 -19.41 -14.53
C GLY I 73 -10.39 -20.25 -14.76
N VAL I 74 -10.37 -21.03 -15.83
CA VAL I 74 -9.21 -21.81 -16.21
C VAL I 74 -8.04 -20.93 -16.69
N ASN I 75 -8.38 -19.82 -17.31
CA ASN I 75 -7.38 -18.86 -17.74
C ASN I 75 -6.65 -18.32 -16.59
N LYS I 76 -7.41 -17.90 -15.61
CA LYS I 76 -6.84 -17.34 -14.43
C LYS I 76 -5.92 -18.33 -13.76
N LEU I 77 -6.35 -19.59 -13.75
CA LEU I 77 -5.58 -20.68 -13.18
C LEU I 77 -4.27 -20.89 -13.92
N ILE I 78 -4.34 -20.97 -15.24
CA ILE I 78 -3.12 -21.05 -16.08
C ILE I 78 -2.12 -19.92 -15.78
N MET I 79 -2.61 -18.71 -15.74
CA MET I 79 -1.74 -17.54 -15.47
C MET I 79 -1.06 -17.65 -14.13
N LYS I 80 -1.79 -18.10 -13.12
CA LYS I 80 -1.22 -18.26 -11.77
C LYS I 80 -0.21 -19.37 -11.71
N THR I 81 -0.55 -20.47 -12.37
CA THR I 81 0.28 -21.64 -12.39
C THR I 81 1.64 -21.33 -13.01
N VAL I 82 1.64 -20.58 -14.11
CA VAL I 82 2.89 -20.21 -14.76
C VAL I 82 3.68 -19.35 -13.81
N ASP I 83 3.02 -18.40 -13.18
CA ASP I 83 3.69 -17.54 -12.21
C ASP I 83 4.34 -18.36 -11.11
N HIS I 84 3.61 -19.34 -10.60
CA HIS I 84 4.14 -20.23 -9.56
C HIS I 84 5.35 -21.03 -10.02
N LEU I 85 5.30 -21.46 -11.27
CA LEU I 85 6.44 -22.16 -11.91
C LEU I 85 7.68 -21.26 -12.02
N ILE I 86 7.48 -20.03 -12.51
CA ILE I 86 8.56 -19.02 -12.56
C ILE I 86 9.16 -18.75 -11.18
N GLU I 87 8.33 -18.74 -10.17
CA GLU I 87 8.79 -18.53 -8.79
C GLU I 87 9.71 -19.68 -8.32
N LYS I 88 9.56 -20.85 -8.93
CA LYS I 88 10.37 -22.01 -8.53
C LYS I 88 11.52 -22.21 -9.49
N LYS I 89 11.90 -21.16 -10.20
CA LYS I 89 12.96 -21.24 -11.19
C LYS I 89 14.29 -21.70 -10.59
N GLY I 90 14.68 -21.07 -9.49
CA GLY I 90 15.94 -21.38 -8.80
C GLY I 90 16.17 -22.86 -8.53
N PRO I 91 15.27 -23.48 -7.74
CA PRO I 91 15.32 -24.94 -7.47
C PRO I 91 15.32 -25.84 -8.74
N LEU I 92 14.42 -25.54 -9.67
CA LEU I 92 14.30 -26.30 -10.88
C LEU I 92 15.57 -26.24 -11.73
N VAL I 93 16.08 -25.03 -11.99
CA VAL I 93 17.33 -24.87 -12.76
C VAL I 93 18.50 -25.48 -12.01
N GLY I 94 18.49 -25.32 -10.69
CA GLY I 94 19.48 -25.95 -9.81
C GLY I 94 19.48 -27.47 -9.96
N GLY I 95 18.29 -28.06 -10.08
CA GLY I 95 18.17 -29.50 -10.27
C GLY I 95 18.40 -29.96 -11.71
N GLY I 96 18.74 -29.01 -12.56
CA GLY I 96 19.05 -29.31 -13.99
C GLY I 96 17.80 -29.49 -14.86
N TYR I 97 16.68 -29.08 -14.36
CA TYR I 97 15.39 -29.30 -15.08
C TYR I 97 15.09 -28.17 -16.07
N GLY I 98 15.93 -27.12 -16.06
CA GLY I 98 15.65 -25.87 -16.87
C GLY I 98 15.29 -26.19 -18.30
N PRO I 99 16.22 -26.81 -19.03
CA PRO I 99 15.97 -27.16 -20.42
C PRO I 99 14.67 -27.95 -20.66
N GLN I 100 14.33 -28.87 -19.75
CA GLN I 100 13.06 -29.65 -19.92
C GLN I 100 11.83 -28.79 -19.73
N VAL I 101 11.86 -27.94 -18.73
CA VAL I 101 10.75 -27.08 -18.46
C VAL I 101 10.55 -26.16 -19.68
N LYS I 102 11.63 -25.55 -20.14
CA LYS I 102 11.58 -24.71 -21.34
C LYS I 102 10.89 -25.41 -22.48
N ALA I 103 11.29 -26.66 -22.70
CA ALA I 103 10.85 -27.43 -23.87
C ALA I 103 9.41 -27.79 -23.72
N SER I 104 9.03 -28.18 -22.51
CA SER I 104 7.64 -28.54 -22.22
C SER I 104 6.75 -27.33 -22.42
N LEU I 105 7.24 -26.15 -22.03
CA LEU I 105 6.48 -24.92 -22.18
C LEU I 105 6.33 -24.59 -23.64
N GLN I 106 7.41 -24.75 -24.39
CA GLN I 106 7.36 -24.49 -25.85
C GLN I 106 6.36 -25.38 -26.54
N LYS I 107 6.30 -26.62 -26.12
CA LYS I 107 5.38 -27.58 -26.70
C LYS I 107 3.97 -27.23 -26.30
N GLN I 108 3.82 -26.74 -25.07
CA GLN I 108 2.51 -26.37 -24.54
C GLN I 108 1.97 -25.13 -25.24
N ALA I 109 2.85 -24.18 -25.49
CA ALA I 109 2.46 -22.96 -26.18
C ALA I 109 1.90 -23.31 -27.54
N HIS I 110 2.51 -24.30 -28.18
CA HIS I 110 2.08 -24.66 -29.50
C HIS I 110 0.76 -25.35 -29.48
N ALA I 111 0.61 -26.30 -28.58
CA ALA I 111 -0.63 -27.03 -28.43
C ALA I 111 -1.77 -26.08 -28.06
N ALA I 112 -1.47 -25.11 -27.23
CA ALA I 112 -2.50 -24.14 -26.76
C ALA I 112 -2.97 -23.25 -27.88
N VAL I 113 -2.03 -22.75 -28.68
CA VAL I 113 -2.39 -21.87 -29.79
C VAL I 113 -3.22 -22.61 -30.83
N THR I 114 -2.88 -23.88 -31.09
CA THR I 114 -3.65 -24.68 -32.05
C THR I 114 -5.02 -24.99 -31.50
N LEU I 115 -5.13 -25.26 -30.22
CA LEU I 115 -6.44 -25.60 -29.65
C LEU I 115 -7.36 -24.41 -29.67
N SER I 116 -6.82 -23.25 -29.39
CA SER I 116 -7.63 -22.06 -29.29
C SER I 116 -8.13 -21.65 -30.68
N GLU I 117 -7.35 -22.00 -31.69
CA GLU I 117 -7.74 -21.71 -33.11
C GLU I 117 -8.90 -22.58 -33.54
N LEU I 118 -8.83 -23.84 -33.18
CA LEU I 118 -9.93 -24.77 -33.45
C LEU I 118 -11.17 -24.43 -32.65
N VAL I 119 -10.98 -24.02 -31.40
CA VAL I 119 -12.11 -23.58 -30.56
C VAL I 119 -12.75 -22.31 -31.10
N SER I 120 -11.94 -21.36 -31.52
CA SER I 120 -12.48 -20.07 -32.02
C SER I 120 -13.41 -20.31 -33.18
N SER I 121 -13.10 -21.34 -33.95
CA SER I 121 -13.90 -21.66 -35.15
C SER I 121 -15.25 -22.20 -34.77
N LYS I 122 -15.43 -22.49 -33.51
CA LYS I 122 -16.67 -23.08 -33.03
C LYS I 122 -17.54 -22.08 -32.26
N VAL I 123 -17.02 -20.89 -32.00
CA VAL I 123 -17.80 -19.86 -31.27
C VAL I 123 -18.29 -18.78 -32.24
N PRO I 124 -19.51 -18.29 -32.00
CA PRO I 124 -20.08 -17.30 -32.91
C PRO I 124 -19.23 -16.06 -32.97
N SER I 125 -19.20 -15.45 -34.14
CA SER I 125 -18.25 -14.40 -34.45
C SER I 125 -18.29 -13.19 -33.50
N PRO I 126 -19.48 -12.87 -32.93
CA PRO I 126 -19.48 -11.73 -31.97
C PRO I 126 -18.58 -11.94 -30.78
N LEU I 127 -18.36 -13.19 -30.42
CA LEU I 127 -17.48 -13.52 -29.29
C LEU I 127 -16.01 -13.68 -29.67
N ALA I 128 -15.73 -13.66 -30.96
CA ALA I 128 -14.37 -13.92 -31.46
C ALA I 128 -13.28 -13.07 -30.78
N PRO I 129 -13.53 -11.76 -30.57
CA PRO I 129 -12.47 -10.92 -29.98
C PRO I 129 -12.17 -11.27 -28.53
N ILE I 130 -13.15 -11.84 -27.83
CA ILE I 130 -12.94 -12.27 -26.44
C ILE I 130 -12.12 -13.59 -26.35
N SER I 131 -12.48 -14.56 -27.16
CA SER I 131 -11.65 -15.74 -27.28
C SER I 131 -10.24 -15.33 -27.53
N LYS I 132 -10.05 -14.47 -28.51
CA LYS I 132 -8.74 -14.08 -28.94
C LYS I 132 -7.95 -13.49 -27.79
N GLN I 133 -8.59 -12.62 -27.05
CA GLN I 133 -7.94 -11.97 -25.94
C GLN I 133 -7.56 -13.02 -24.95
N LEU I 134 -8.47 -13.97 -24.70
CA LEU I 134 -8.23 -15.02 -23.73
C LEU I 134 -7.06 -15.85 -24.15
N SER I 135 -7.00 -16.19 -25.44
CA SER I 135 -5.89 -17.00 -25.99
C SER I 135 -4.59 -16.27 -25.88
N ASP I 136 -4.59 -14.97 -26.16
CA ASP I 136 -3.35 -14.19 -26.15
C ASP I 136 -2.77 -14.13 -24.74
N GLN I 137 -3.63 -14.14 -23.76
CA GLN I 137 -3.21 -14.12 -22.39
C GLN I 137 -2.46 -15.40 -22.03
N VAL I 138 -3.04 -16.54 -22.40
CA VAL I 138 -2.43 -17.85 -22.23
C VAL I 138 -1.09 -17.87 -22.99
N ALA I 139 -1.09 -17.42 -24.25
CA ALA I 139 0.12 -17.34 -25.07
C ALA I 139 1.15 -16.44 -24.42
N GLN I 140 0.73 -15.30 -23.92
CA GLN I 140 1.66 -14.34 -23.24
C GLN I 140 2.22 -14.89 -21.96
N ALA I 141 1.38 -15.56 -21.17
CA ALA I 141 1.86 -16.18 -19.91
C ALA I 141 2.95 -17.24 -20.22
N LEU I 142 2.62 -18.15 -21.13
CA LEU I 142 3.54 -19.21 -21.50
C LEU I 142 4.85 -18.62 -22.01
N GLN I 143 4.75 -17.59 -22.84
CA GLN I 143 5.92 -16.91 -23.38
C GLN I 143 6.71 -16.36 -22.25
N LYS I 144 6.00 -15.86 -21.25
CA LYS I 144 6.63 -15.28 -20.09
C LYS I 144 7.40 -16.35 -19.34
N GLY I 145 6.85 -17.56 -19.36
CA GLY I 145 7.51 -18.72 -18.73
C GLY I 145 8.72 -19.23 -19.51
N ILE I 146 8.58 -19.25 -20.83
CA ILE I 146 9.67 -19.62 -21.72
C ILE I 146 10.88 -18.71 -21.59
N GLU I 147 10.65 -17.40 -21.49
CA GLU I 147 11.76 -16.43 -21.38
C GLU I 147 12.44 -16.63 -20.07
N ALA I 148 11.67 -16.94 -19.05
CA ALA I 148 12.20 -17.04 -17.71
C ALA I 148 13.11 -18.26 -17.60
N PHE I 149 12.88 -19.26 -18.44
CA PHE I 149 13.66 -20.52 -18.39
C PHE I 149 14.63 -20.68 -19.54
N SER I 150 15.16 -19.56 -20.04
CA SER I 150 16.27 -19.57 -21.02
C SER I 150 17.51 -18.85 -20.41
N ASN J 4 3.93 12.61 -50.06
CA ASN J 4 3.94 13.87 -49.35
C ASN J 4 5.04 13.84 -48.30
N VAL J 5 4.73 14.35 -47.13
CA VAL J 5 5.50 14.07 -45.93
C VAL J 5 5.56 12.56 -45.72
N PHE J 6 4.45 11.89 -45.98
CA PHE J 6 4.38 10.43 -45.83
C PHE J 6 5.24 9.73 -46.87
N LYS J 7 5.21 10.24 -48.09
CA LYS J 7 6.04 9.68 -49.17
C LYS J 7 7.54 9.81 -48.92
N LYS J 8 7.93 10.89 -48.23
CA LYS J 8 9.35 11.16 -47.99
C LYS J 8 9.87 10.32 -46.87
N VAL J 9 9.09 10.18 -45.81
CA VAL J 9 9.45 9.30 -44.68
C VAL J 9 9.63 7.86 -45.20
N LEU J 10 8.70 7.42 -46.03
CA LEU J 10 8.78 6.10 -46.65
C LEU J 10 10.04 5.96 -47.51
N GLU J 11 10.33 6.98 -48.33
CA GLU J 11 11.51 6.99 -49.15
C GLU J 11 12.73 6.92 -48.27
N ASN J 12 12.78 7.82 -47.29
CA ASN J 12 13.89 7.88 -46.35
C ASN J 12 14.15 6.56 -45.77
N ILE J 13 13.10 5.86 -45.41
CA ILE J 13 13.27 4.57 -44.75
C ILE J 13 13.68 3.54 -45.74
N GLY J 14 13.07 3.60 -46.93
CA GLY J 14 13.40 2.66 -48.03
C GLY J 14 14.84 2.76 -48.49
N ASN J 15 15.31 3.99 -48.69
CA ASN J 15 16.72 4.25 -49.00
C ASN J 15 17.68 3.64 -47.99
N ALA J 16 17.40 3.86 -46.70
CA ALA J 16 18.25 3.34 -45.63
C ALA J 16 18.29 1.83 -45.68
N VAL J 17 17.13 1.22 -45.96
CA VAL J 17 17.03 -0.24 -45.97
C VAL J 17 17.69 -0.78 -47.22
N THR J 18 17.52 -0.09 -48.33
CA THR J 18 18.23 -0.44 -49.56
C THR J 18 19.72 -0.50 -49.26
N GLN J 19 20.25 0.66 -48.84
CA GLN J 19 21.68 0.83 -48.53
C GLN J 19 22.21 -0.35 -47.73
N PHE J 20 21.44 -0.75 -46.73
CA PHE J 20 21.80 -1.86 -45.84
C PHE J 20 21.77 -3.24 -46.57
N ASN J 21 20.92 -3.30 -47.56
CA ASN J 21 20.72 -4.52 -48.34
C ASN J 21 21.85 -4.71 -49.36
N ASN J 22 22.18 -3.62 -50.06
CA ASN J 22 23.34 -3.58 -50.90
C ASN J 22 24.62 -3.96 -50.18
N ASP J 23 24.83 -3.39 -48.99
CA ASP J 23 26.04 -3.65 -48.20
C ASP J 23 26.07 -5.08 -47.66
N ILE J 24 24.91 -5.60 -47.25
CA ILE J 24 24.80 -6.97 -46.70
C ILE J 24 25.06 -7.98 -47.82
N LEU J 25 24.65 -7.62 -49.03
CA LEU J 25 24.91 -8.46 -50.18
C LEU J 25 26.38 -8.46 -50.65
N ALA J 26 26.96 -7.25 -50.81
CA ALA J 26 28.36 -7.12 -51.22
C ALA J 26 29.34 -7.66 -50.14
N TYR J 27 28.90 -7.64 -48.88
CA TYR J 27 29.70 -8.10 -47.74
C TYR J 27 29.98 -9.56 -47.90
N THR J 28 31.20 -9.96 -47.52
CA THR J 28 31.53 -11.37 -47.33
C THR J 28 32.14 -11.54 -45.95
N ASN J 33 30.39 -3.86 -39.37
CA ASN J 33 30.76 -2.56 -38.89
C ASN J 33 29.90 -1.47 -39.58
N HIS J 34 30.34 -0.96 -40.74
CA HIS J 34 29.51 -0.07 -41.64
C HIS J 34 28.07 -0.60 -41.76
N LEU J 35 27.92 -1.89 -41.50
CA LEU J 35 26.60 -2.51 -41.45
C LEU J 35 25.87 -2.08 -40.23
N ILE J 36 26.57 -2.08 -39.10
CA ILE J 36 25.97 -1.67 -37.86
C ILE J 36 25.55 -0.21 -38.00
N HIS J 37 26.35 0.55 -38.70
CA HIS J 37 26.07 1.93 -38.97
C HIS J 37 24.90 2.02 -39.88
N ASP J 38 24.79 1.09 -40.82
CA ASP J 38 23.64 1.05 -41.71
C ASP J 38 22.36 0.75 -40.95
N GLY J 39 22.47 -0.12 -39.96
CA GLY J 39 21.34 -0.43 -39.07
C GLY J 39 20.86 0.78 -38.26
N ASP J 40 21.81 1.51 -37.72
CA ASP J 40 21.50 2.74 -37.00
C ASP J 40 20.81 3.81 -37.87
N ALA J 41 21.24 3.93 -39.13
CA ALA J 41 20.63 4.87 -40.08
C ALA J 41 19.17 4.53 -40.31
N ILE J 42 18.86 3.23 -40.30
CA ILE J 42 17.48 2.78 -40.48
C ILE J 42 16.66 3.19 -39.25
N ILE J 43 17.19 2.86 -38.07
CA ILE J 43 16.52 3.20 -36.81
C ILE J 43 16.30 4.70 -36.72
N LYS J 44 17.30 5.45 -37.13
CA LYS J 44 17.23 6.91 -37.13
C LYS J 44 16.14 7.42 -38.09
N ALA J 45 16.06 6.81 -39.26
CA ALA J 45 15.03 7.16 -40.26
C ALA J 45 13.62 6.79 -39.78
N THR J 46 13.53 5.70 -39.02
CA THR J 46 12.26 5.27 -38.42
C THR J 46 11.80 6.21 -37.29
N GLU J 47 12.75 6.61 -36.46
CA GLU J 47 12.46 7.58 -35.39
C GLU J 47 12.12 8.96 -35.96
N ASN J 48 12.87 9.40 -36.95
CA ASN J 48 12.57 10.67 -37.62
C ASN J 48 11.16 10.67 -38.16
N GLY J 49 10.73 9.49 -38.60
CA GLY J 49 9.41 9.32 -39.20
C GLY J 49 8.33 9.51 -38.19
N LEU J 50 8.60 9.03 -36.98
CA LEU J 50 7.71 9.24 -35.83
C LEU J 50 7.46 10.72 -35.56
N GLN J 51 8.53 11.51 -35.64
CA GLN J 51 8.47 12.92 -35.33
C GLN J 51 7.78 13.69 -36.44
N GLU J 52 8.05 13.32 -37.68
CA GLU J 52 7.53 14.07 -38.83
C GLU J 52 6.06 13.78 -39.05
N LEU J 53 5.67 12.56 -38.78
CA LEU J 53 4.28 12.11 -39.08
C LEU J 53 3.33 12.28 -37.89
N GLY J 54 3.89 12.25 -36.69
CA GLY J 54 3.13 12.59 -35.48
C GLY J 54 2.07 13.69 -35.65
N PRO J 55 2.49 14.93 -36.02
CA PRO J 55 1.54 16.05 -36.03
C PRO J 55 0.69 16.14 -37.29
N GLN J 56 0.89 15.20 -38.19
CA GLN J 56 0.18 15.20 -39.46
C GLN J 56 -1.32 14.86 -39.31
N PRO J 57 -2.18 15.50 -40.11
CA PRO J 57 -3.59 15.14 -40.15
C PRO J 57 -3.81 13.82 -40.86
N PRO J 58 -4.84 13.06 -40.42
CA PRO J 58 -5.07 11.79 -41.08
C PRO J 58 -5.22 11.93 -42.59
N LEU J 59 -4.85 10.88 -43.31
CA LEU J 59 -4.96 10.85 -44.74
C LEU J 59 -6.39 10.63 -45.18
N SER J 60 -6.68 11.15 -46.37
CA SER J 60 -7.90 10.82 -47.06
C SER J 60 -7.78 9.43 -47.68
N LEU J 61 -8.93 8.81 -47.93
CA LEU J 61 -8.98 7.50 -48.61
C LEU J 61 -8.07 7.45 -49.87
N THR J 62 -8.21 8.47 -50.72
CA THR J 62 -7.47 8.55 -51.99
C THR J 62 -6.00 8.73 -51.75
N GLU J 63 -5.68 9.48 -50.72
CA GLU J 63 -4.28 9.77 -50.39
C GLU J 63 -3.58 8.51 -49.90
N ALA J 64 -4.24 7.79 -48.97
CA ALA J 64 -3.68 6.55 -48.42
C ALA J 64 -3.56 5.46 -49.49
N LEU J 65 -4.58 5.33 -50.33
CA LEU J 65 -4.55 4.41 -51.44
C LEU J 65 -3.33 4.60 -52.33
N ALA J 66 -2.96 5.85 -52.55
CA ALA J 66 -1.83 6.18 -53.43
C ALA J 66 -0.51 5.74 -52.83
N LEU J 67 -0.54 5.38 -51.54
CA LEU J 67 0.67 4.97 -50.82
C LEU J 67 0.75 3.47 -50.63
N VAL J 68 -0.35 2.77 -50.87
CA VAL J 68 -0.41 1.33 -50.65
C VAL J 68 0.67 0.61 -51.44
N GLY J 69 0.75 0.89 -52.73
CA GLY J 69 1.77 0.27 -53.60
C GLY J 69 3.19 0.49 -53.11
N PRO J 70 3.56 1.74 -52.86
CA PRO J 70 4.89 2.04 -52.34
C PRO J 70 5.22 1.35 -50.99
N VAL J 71 4.26 1.29 -50.09
CA VAL J 71 4.49 0.64 -48.80
C VAL J 71 4.74 -0.86 -48.98
N GLN J 72 3.93 -1.49 -49.82
CA GLN J 72 4.09 -2.91 -50.13
C GLN J 72 5.48 -3.15 -50.66
N GLY J 73 5.95 -2.26 -51.54
CA GLY J 73 7.26 -2.36 -52.12
C GLY J 73 8.36 -2.34 -51.09
N VAL J 74 8.21 -1.48 -50.08
CA VAL J 74 9.21 -1.37 -49.02
C VAL J 74 9.12 -2.57 -48.10
N ASN J 75 7.92 -3.16 -48.01
CA ASN J 75 7.71 -4.35 -47.17
C ASN J 75 8.31 -5.56 -47.70
N LYS J 76 8.38 -5.64 -49.01
CA LYS J 76 9.06 -6.75 -49.68
C LYS J 76 10.56 -6.62 -49.52
N LEU J 77 11.03 -5.39 -49.67
CA LEU J 77 12.43 -5.09 -49.50
C LEU J 77 12.91 -5.52 -48.10
N ILE J 78 12.19 -5.05 -47.08
CA ILE J 78 12.55 -5.36 -45.69
C ILE J 78 12.66 -6.87 -45.52
N MET J 79 11.66 -7.58 -45.96
CA MET J 79 11.65 -9.03 -45.85
C MET J 79 12.84 -9.63 -46.50
N LYS J 80 13.22 -9.11 -47.65
CA LYS J 80 14.35 -9.69 -48.40
C LYS J 80 15.66 -9.36 -47.69
N THR J 81 15.72 -8.16 -47.12
CA THR J 81 16.91 -7.67 -46.49
C THR J 81 17.21 -8.43 -45.22
N VAL J 82 16.16 -8.83 -44.51
CA VAL J 82 16.35 -9.63 -43.29
C VAL J 82 16.80 -11.03 -43.63
N ASP J 83 16.12 -11.65 -44.56
CA ASP J 83 16.55 -12.95 -45.11
C ASP J 83 18.04 -12.96 -45.46
N HIS J 84 18.47 -12.00 -46.26
CA HIS J 84 19.88 -11.89 -46.60
C HIS J 84 20.73 -11.90 -45.34
N LEU J 85 20.42 -11.00 -44.43
CA LEU J 85 21.11 -10.93 -43.17
C LEU J 85 21.07 -12.29 -42.50
N ILE J 86 19.85 -12.87 -42.43
CA ILE J 86 19.64 -14.13 -41.81
C ILE J 86 20.56 -15.11 -42.43
N GLU J 87 20.91 -14.87 -43.69
CA GLU J 87 21.82 -15.77 -44.40
C GLU J 87 23.28 -15.68 -43.93
N LYS J 88 23.51 -15.72 -42.60
CA LYS J 88 24.87 -15.44 -41.97
C LYS J 88 24.77 -15.33 -40.46
N GLY J 98 27.53 -10.52 -34.11
CA GLY J 98 26.63 -11.45 -33.56
C GLY J 98 25.68 -10.77 -32.63
N PRO J 99 26.01 -10.71 -31.32
CA PRO J 99 25.18 -9.91 -30.41
C PRO J 99 24.91 -8.47 -30.87
N GLN J 100 25.91 -7.84 -31.49
CA GLN J 100 25.73 -6.44 -31.93
C GLN J 100 24.71 -6.35 -33.01
N VAL J 101 24.08 -7.48 -33.33
CA VAL J 101 22.99 -7.50 -34.26
C VAL J 101 21.67 -7.90 -33.63
N LYS J 102 21.70 -8.89 -32.71
CA LYS J 102 20.44 -9.37 -32.11
C LYS J 102 19.70 -8.21 -31.52
N ALA J 103 20.39 -7.27 -30.98
CA ALA J 103 19.68 -6.21 -30.37
C ALA J 103 19.54 -4.96 -31.25
N SER J 104 20.35 -4.86 -32.32
CA SER J 104 20.11 -3.87 -33.34
C SER J 104 18.80 -4.23 -34.05
N LEU J 105 18.50 -5.51 -34.07
CA LEU J 105 17.22 -5.99 -34.57
C LEU J 105 16.14 -5.75 -33.55
N GLN J 106 16.43 -6.04 -32.30
CA GLN J 106 15.45 -5.83 -31.21
C GLN J 106 15.04 -4.37 -31.11
N LYS J 107 16.00 -3.47 -31.30
CA LYS J 107 15.75 -2.03 -31.31
C LYS J 107 14.90 -1.65 -32.50
N GLN J 108 15.20 -2.26 -33.64
CA GLN J 108 14.50 -1.99 -34.90
C GLN J 108 13.07 -2.49 -34.86
N ALA J 109 12.87 -3.64 -34.25
CA ALA J 109 11.52 -4.19 -34.11
C ALA J 109 10.64 -3.24 -33.30
N HIS J 110 11.23 -2.62 -32.29
CA HIS J 110 10.48 -1.77 -31.40
C HIS J 110 10.11 -0.49 -32.09
N ALA J 111 11.08 0.08 -32.81
CA ALA J 111 10.85 1.33 -33.55
C ALA J 111 9.84 1.14 -34.67
N ALA J 112 9.90 -0.03 -35.30
CA ALA J 112 8.96 -0.37 -36.38
C ALA J 112 7.52 -0.56 -35.90
N VAL J 113 7.36 -1.29 -34.83
CA VAL J 113 6.02 -1.47 -34.26
C VAL J 113 5.40 -0.12 -33.86
N THR J 114 6.18 0.74 -33.21
CA THR J 114 5.68 2.02 -32.75
C THR J 114 5.35 2.93 -33.94
N LEU J 115 6.15 2.85 -35.01
CA LEU J 115 5.90 3.69 -36.19
C LEU J 115 4.67 3.24 -36.91
N SER J 116 4.43 1.94 -36.88
CA SER J 116 3.24 1.39 -37.55
C SER J 116 1.94 1.77 -36.84
N GLU J 117 2.00 1.83 -35.54
CA GLU J 117 0.87 2.22 -34.74
C GLU J 117 0.48 3.70 -34.95
N LEU J 118 1.47 4.56 -35.01
CA LEU J 118 1.23 5.97 -35.32
C LEU J 118 0.69 6.14 -36.74
N VAL J 119 1.29 5.43 -37.69
CA VAL J 119 0.80 5.46 -39.07
C VAL J 119 -0.62 4.96 -39.20
N SER J 120 -0.96 3.88 -38.49
CA SER J 120 -2.33 3.29 -38.59
C SER J 120 -3.38 4.27 -38.14
N SER J 121 -2.99 5.12 -37.21
CA SER J 121 -3.87 6.13 -36.69
C SER J 121 -4.14 7.24 -37.70
N LYS J 122 -3.38 7.25 -38.79
CA LYS J 122 -3.51 8.28 -39.81
C LYS J 122 -4.18 7.77 -41.09
N VAL J 123 -4.46 6.48 -41.16
CA VAL J 123 -5.17 5.93 -42.32
C VAL J 123 -6.64 5.68 -41.99
N PRO J 124 -7.54 5.91 -42.97
CA PRO J 124 -8.95 5.70 -42.72
C PRO J 124 -9.26 4.25 -42.34
N SER J 125 -10.27 4.10 -41.51
CA SER J 125 -10.51 2.86 -40.79
C SER J 125 -10.79 1.65 -41.73
N PRO J 126 -11.37 1.89 -42.95
CA PRO J 126 -11.58 0.77 -43.85
C PRO J 126 -10.27 0.08 -44.25
N LEU J 127 -9.17 0.81 -44.23
CA LEU J 127 -7.87 0.25 -44.58
C LEU J 127 -7.17 -0.37 -43.41
N ALA J 128 -7.69 -0.17 -42.21
CA ALA J 128 -6.99 -0.54 -40.95
C ALA J 128 -6.47 -1.98 -40.96
N PRO J 129 -7.27 -2.92 -41.50
CA PRO J 129 -6.80 -4.30 -41.46
C PRO J 129 -5.61 -4.57 -42.40
N ILE J 130 -5.49 -3.78 -43.46
CA ILE J 130 -4.34 -3.92 -44.37
C ILE J 130 -3.04 -3.37 -43.78
N SER J 131 -3.10 -2.16 -43.22
CA SER J 131 -1.92 -1.60 -42.53
C SER J 131 -1.48 -2.55 -41.39
N LYS J 132 -2.43 -3.21 -40.75
CA LYS J 132 -2.10 -4.15 -39.67
C LYS J 132 -1.38 -5.37 -40.20
N GLN J 133 -1.87 -5.88 -41.31
CA GLN J 133 -1.27 -7.04 -41.92
C GLN J 133 0.12 -6.71 -42.38
N LEU J 134 0.27 -5.54 -42.98
CA LEU J 134 1.55 -5.12 -43.45
C LEU J 134 2.54 -5.00 -42.29
N SER J 135 2.08 -4.43 -41.19
CA SER J 135 2.96 -4.22 -39.99
C SER J 135 3.38 -5.53 -39.37
N ASP J 136 2.47 -6.47 -39.35
CA ASP J 136 2.77 -7.82 -38.81
C ASP J 136 3.83 -8.57 -39.67
N GLN J 137 3.75 -8.37 -40.96
CA GLN J 137 4.75 -8.90 -41.89
C GLN J 137 6.19 -8.37 -41.59
N VAL J 138 6.30 -7.10 -41.19
CA VAL J 138 7.62 -6.51 -40.82
C VAL J 138 8.02 -7.03 -39.47
N ALA J 139 7.07 -7.09 -38.56
CA ALA J 139 7.30 -7.60 -37.20
C ALA J 139 7.74 -9.05 -37.23
N GLN J 140 7.09 -9.85 -38.04
CA GLN J 140 7.46 -11.28 -38.17
C GLN J 140 8.86 -11.52 -38.75
N ALA J 141 9.18 -10.76 -39.79
CA ALA J 141 10.51 -10.86 -40.43
C ALA J 141 11.60 -10.54 -39.42
N LEU J 142 11.43 -9.44 -38.70
CA LEU J 142 12.41 -8.99 -37.71
C LEU J 142 12.51 -10.02 -36.63
N GLN J 143 11.38 -10.55 -36.22
CA GLN J 143 11.36 -11.63 -35.23
C GLN J 143 12.13 -12.82 -35.69
N LYS J 144 12.08 -13.08 -36.99
CA LYS J 144 12.86 -14.23 -37.57
C LYS J 144 14.34 -14.05 -37.28
N GLY J 145 14.77 -12.83 -37.63
CA GLY J 145 16.16 -12.44 -37.61
C GLY J 145 16.74 -12.51 -36.19
N ILE J 146 15.90 -12.05 -35.25
CA ILE J 146 16.19 -12.08 -33.83
C ILE J 146 16.39 -13.52 -33.42
N GLU J 147 15.53 -14.41 -33.91
CA GLU J 147 15.62 -15.82 -33.57
C GLU J 147 16.96 -16.35 -33.98
N ALA J 148 17.50 -15.73 -35.03
CA ALA J 148 18.68 -16.19 -35.71
C ALA J 148 19.91 -15.33 -35.28
N PHE J 149 19.83 -14.77 -34.08
CA PHE J 149 21.00 -14.21 -33.50
C PHE J 149 21.04 -14.12 -31.96
#